data_2L89
#
_entry.id   2L89
#
_entity_poly.entity_id   1
_entity_poly.type   'polypeptide(L)'
_entity_poly.pdbx_seq_one_letter_code
;SADDRLNFGDRILVKAPGYPWWPALLLRRKETKDSLNTNSSFNVLYKVLFFPDFNFAWVKRNSVKPLLDSEIAKFLGSSK
RKSKELIEAYEASKTPPDLKEESSTDLE
;
_entity_poly.pdbx_strand_id   A
#
# COMPACT_ATOMS: atom_id res chain seq x y z
N SER A 1 14.61 10.10 10.38
CA SER A 1 15.57 9.20 9.69
C SER A 1 15.66 7.82 10.37
N ALA A 2 14.55 7.37 10.95
CA ALA A 2 14.51 6.07 11.63
C ALA A 2 13.22 5.33 11.28
N ASP A 3 13.32 4.02 11.11
CA ASP A 3 12.17 3.18 10.78
C ASP A 3 11.53 3.63 9.46
N ASP A 4 12.35 4.13 8.55
CA ASP A 4 11.88 4.59 7.25
C ASP A 4 11.87 3.46 6.22
N ARG A 5 10.70 2.85 6.02
CA ARG A 5 10.57 1.76 5.06
C ARG A 5 9.31 1.92 4.19
N LEU A 6 8.95 3.18 3.92
CA LEU A 6 7.77 3.48 3.10
C LEU A 6 8.08 4.57 2.09
N ASN A 7 8.40 4.16 0.86
CA ASN A 7 8.73 5.11 -0.22
C ASN A 7 7.89 4.84 -1.47
N PHE A 8 8.21 5.53 -2.56
CA PHE A 8 7.49 5.37 -3.82
C PHE A 8 7.73 3.98 -4.41
N GLY A 9 6.66 3.32 -4.84
CA GLY A 9 6.77 1.98 -5.40
C GLY A 9 7.13 0.94 -4.34
N ASP A 10 6.72 1.20 -3.10
CA ASP A 10 6.99 0.29 -2.00
C ASP A 10 5.71 -0.42 -1.58
N ARG A 11 5.73 -1.76 -1.67
CA ARG A 11 4.57 -2.57 -1.30
C ARG A 11 4.25 -2.41 0.18
N ILE A 12 3.08 -1.84 0.47
CA ILE A 12 2.63 -1.63 1.84
C ILE A 12 1.20 -2.12 2.05
N LEU A 13 0.87 -2.48 3.29
CA LEU A 13 -0.48 -2.96 3.61
C LEU A 13 -1.37 -1.81 4.07
N VAL A 14 -2.66 -1.91 3.76
CA VAL A 14 -3.62 -0.88 4.13
C VAL A 14 -4.99 -1.47 4.45
N LYS A 15 -5.60 -1.00 5.54
CA LYS A 15 -6.91 -1.49 5.94
C LYS A 15 -8.00 -0.86 5.07
N ALA A 16 -8.75 -1.71 4.36
CA ALA A 16 -9.83 -1.24 3.48
C ALA A 16 -11.12 -1.02 4.27
N PRO A 17 -11.98 -0.09 3.80
CA PRO A 17 -13.26 0.21 4.47
C PRO A 17 -14.15 -1.03 4.59
N GLY A 18 -14.22 -1.60 5.79
CA GLY A 18 -15.03 -2.78 6.02
C GLY A 18 -14.24 -4.07 5.92
N TYR A 19 -13.23 -4.09 5.05
CA TYR A 19 -12.40 -5.29 4.85
C TYR A 19 -11.07 -5.17 5.59
N PRO A 20 -10.41 -6.31 5.88
CA PRO A 20 -9.11 -6.32 6.59
C PRO A 20 -8.00 -5.65 5.78
N TRP A 21 -6.75 -5.83 6.24
CA TRP A 21 -5.60 -5.23 5.57
C TRP A 21 -5.40 -5.83 4.17
N TRP A 22 -5.42 -4.98 3.15
CA TRP A 22 -5.25 -5.42 1.77
C TRP A 22 -3.89 -4.98 1.22
N PRO A 23 -3.25 -5.84 0.39
CA PRO A 23 -1.94 -5.54 -0.21
C PRO A 23 -2.00 -4.43 -1.26
N ALA A 24 -1.39 -3.29 -0.94
CA ALA A 24 -1.35 -2.14 -1.84
C ALA A 24 0.09 -1.71 -2.10
N LEU A 25 0.27 -0.73 -2.98
CA LEU A 25 1.60 -0.23 -3.32
C LEU A 25 1.64 1.30 -3.24
N LEU A 26 2.51 1.82 -2.36
CA LEU A 26 2.65 3.27 -2.18
C LEU A 26 3.08 3.95 -3.48
N LEU A 27 2.37 5.02 -3.84
CA LEU A 27 2.66 5.78 -5.06
C LEU A 27 3.35 7.10 -4.70
N ARG A 28 2.69 7.91 -3.88
CA ARG A 28 3.22 9.21 -3.47
C ARG A 28 2.65 9.66 -2.14
N ARG A 29 3.36 10.57 -1.46
CA ARG A 29 2.92 11.09 -0.17
C ARG A 29 2.24 12.46 -0.35
N LYS A 30 0.90 12.46 -0.33
CA LYS A 30 0.14 13.69 -0.50
C LYS A 30 -0.29 14.26 0.85
N GLU A 31 0.05 15.53 1.09
CA GLU A 31 -0.28 16.21 2.34
C GLU A 31 -1.27 17.34 2.11
N THR A 32 -2.28 17.44 2.97
CA THR A 32 -3.28 18.49 2.87
C THR A 32 -3.60 19.08 4.25
N LYS A 33 -3.81 20.39 4.29
CA LYS A 33 -4.12 21.09 5.54
C LYS A 33 -5.36 21.96 5.39
N ASP A 34 -5.68 22.73 6.43
CA ASP A 34 -6.85 23.61 6.41
C ASP A 34 -6.81 24.54 5.20
N SER A 35 -5.70 25.27 5.06
CA SER A 35 -5.51 26.18 3.93
C SER A 35 -4.04 26.61 3.83
N LEU A 36 -3.63 27.56 4.67
CA LEU A 36 -2.25 28.05 4.68
C LEU A 36 -1.87 28.59 6.06
N ASN A 37 -2.51 28.08 7.11
CA ASN A 37 -2.24 28.52 8.47
C ASN A 37 -1.25 27.59 9.20
N THR A 38 -1.25 26.32 8.81
CA THR A 38 -0.35 25.31 9.40
C THR A 38 -0.37 25.37 10.94
N ASN A 39 -1.51 25.74 11.52
CA ASN A 39 -1.64 25.82 12.97
C ASN A 39 -3.06 25.43 13.42
N SER A 40 -3.72 24.58 12.63
CA SER A 40 -5.07 24.14 12.95
C SER A 40 -5.14 22.61 13.01
N SER A 41 -5.09 21.96 11.85
CA SER A 41 -5.15 20.50 11.78
C SER A 41 -4.69 20.00 10.42
N PHE A 42 -3.69 19.12 10.42
CA PHE A 42 -3.15 18.57 9.18
C PHE A 42 -3.82 17.24 8.85
N ASN A 43 -3.89 16.93 7.55
CA ASN A 43 -4.50 15.68 7.09
C ASN A 43 -3.64 15.05 5.99
N VAL A 44 -2.60 14.32 6.41
CA VAL A 44 -1.70 13.66 5.48
C VAL A 44 -2.09 12.20 5.29
N LEU A 45 -2.00 11.72 4.05
CA LEU A 45 -2.33 10.34 3.72
C LEU A 45 -1.31 9.73 2.77
N TYR A 46 -1.50 8.46 2.44
CA TYR A 46 -0.59 7.75 1.53
C TYR A 46 -1.35 7.20 0.32
N LYS A 47 -1.04 7.74 -0.87
CA LYS A 47 -1.67 7.28 -2.10
C LYS A 47 -1.10 5.93 -2.51
N VAL A 48 -1.87 4.86 -2.29
CA VAL A 48 -1.42 3.51 -2.63
C VAL A 48 -2.28 2.86 -3.70
N LEU A 49 -1.69 1.93 -4.44
CA LEU A 49 -2.40 1.20 -5.50
C LEU A 49 -2.84 -0.16 -4.98
N PHE A 50 -4.09 -0.51 -5.25
CA PHE A 50 -4.65 -1.79 -4.81
C PHE A 50 -4.54 -2.85 -5.91
N PHE A 51 -4.63 -4.12 -5.50
CA PHE A 51 -4.55 -5.24 -6.45
C PHE A 51 -5.45 -6.41 -6.01
N PRO A 52 -5.80 -7.32 -6.94
CA PRO A 52 -5.37 -7.26 -8.34
C PRO A 52 -6.03 -6.11 -9.11
N ASP A 53 -7.26 -5.76 -8.71
CA ASP A 53 -7.98 -4.66 -9.35
C ASP A 53 -7.18 -3.37 -9.26
N PHE A 54 -6.71 -2.89 -10.42
CA PHE A 54 -5.92 -1.66 -10.50
C PHE A 54 -6.69 -0.48 -9.92
N ASN A 55 -6.66 -0.35 -8.60
CA ASN A 55 -7.34 0.73 -7.90
C ASN A 55 -6.38 1.41 -6.93
N PHE A 56 -6.90 2.26 -6.06
CA PHE A 56 -6.06 2.96 -5.09
C PHE A 56 -6.86 3.48 -3.91
N ALA A 57 -6.16 4.02 -2.91
CA ALA A 57 -6.80 4.54 -1.71
C ALA A 57 -5.92 5.60 -1.04
N TRP A 58 -6.56 6.51 -0.29
CA TRP A 58 -5.82 7.56 0.40
C TRP A 58 -6.13 7.51 1.91
N VAL A 59 -5.17 7.01 2.68
CA VAL A 59 -5.31 6.90 4.12
C VAL A 59 -4.01 7.22 4.85
N LYS A 60 -4.10 7.59 6.13
CA LYS A 60 -2.91 7.92 6.92
C LYS A 60 -2.03 6.70 7.16
N ARG A 61 -0.77 6.93 7.55
CA ARG A 61 0.17 5.85 7.81
C ARG A 61 -0.34 4.93 8.93
N ASN A 62 -1.25 5.43 9.76
CA ASN A 62 -1.81 4.65 10.87
C ASN A 62 -2.52 3.40 10.36
N SER A 63 -3.23 3.52 9.24
CA SER A 63 -3.94 2.39 8.65
C SER A 63 -3.09 1.71 7.58
N VAL A 64 -1.78 1.96 7.60
CA VAL A 64 -0.86 1.36 6.64
C VAL A 64 0.38 0.80 7.33
N LYS A 65 0.77 -0.42 6.96
CA LYS A 65 1.95 -1.07 7.55
C LYS A 65 2.94 -1.50 6.46
N PRO A 66 4.25 -1.52 6.80
CA PRO A 66 5.30 -1.91 5.86
C PRO A 66 5.22 -3.39 5.48
N LEU A 67 5.17 -3.67 4.18
CA LEU A 67 5.10 -5.04 3.68
C LEU A 67 6.39 -5.44 2.96
N LEU A 68 6.87 -6.64 3.25
CA LEU A 68 8.10 -7.15 2.62
C LEU A 68 7.79 -8.24 1.60
N ASP A 69 8.83 -8.66 0.87
CA ASP A 69 8.69 -9.71 -0.14
C ASP A 69 8.38 -11.04 0.52
N SER A 70 9.14 -11.39 1.56
CA SER A 70 8.95 -12.64 2.29
C SER A 70 7.55 -12.68 2.91
N GLU A 71 7.10 -11.55 3.46
CA GLU A 71 5.78 -11.48 4.08
C GLU A 71 4.68 -11.79 3.07
N ILE A 72 4.74 -11.14 1.91
CA ILE A 72 3.75 -11.36 0.85
C ILE A 72 3.78 -12.83 0.41
N ALA A 73 4.98 -13.33 0.11
CA ALA A 73 5.15 -14.71 -0.29
C ALA A 73 4.60 -15.65 0.78
N LYS A 74 4.75 -15.24 2.04
CA LYS A 74 4.28 -16.01 3.18
C LYS A 74 2.76 -15.98 3.26
N PHE A 75 2.20 -14.78 3.24
CA PHE A 75 0.74 -14.62 3.32
C PHE A 75 0.05 -15.55 2.32
N LEU A 76 0.61 -15.63 1.11
CA LEU A 76 0.06 -16.48 0.07
C LEU A 76 0.33 -17.96 0.38
N GLY A 77 1.49 -18.25 0.98
CA GLY A 77 1.84 -19.61 1.32
C GLY A 77 1.11 -20.11 2.57
N SER A 78 0.27 -19.26 3.17
CA SER A 78 -0.47 -19.63 4.37
C SER A 78 -1.43 -20.78 4.09
N SER A 79 -1.06 -21.99 4.51
CA SER A 79 -1.88 -23.18 4.31
C SER A 79 -2.78 -23.43 5.52
N LYS A 80 -3.31 -22.36 6.11
CA LYS A 80 -4.20 -22.48 7.27
C LYS A 80 -5.48 -21.66 7.05
N ARG A 81 -5.30 -20.38 6.73
CA ARG A 81 -6.43 -19.49 6.47
C ARG A 81 -6.14 -18.63 5.25
N LYS A 82 -6.70 -19.02 4.12
CA LYS A 82 -6.52 -18.29 2.87
C LYS A 82 -7.83 -18.21 2.08
N SER A 83 -8.02 -17.08 1.38
CA SER A 83 -9.23 -16.88 0.58
C SER A 83 -8.85 -16.56 -0.87
N LYS A 84 -9.66 -17.04 -1.82
CA LYS A 84 -9.41 -16.82 -3.25
C LYS A 84 -9.19 -15.34 -3.53
N GLU A 85 -10.07 -14.49 -2.97
CA GLU A 85 -9.96 -13.05 -3.14
C GLU A 85 -8.71 -12.51 -2.46
N LEU A 86 -8.35 -13.10 -1.32
CA LEU A 86 -7.17 -12.66 -0.56
C LEU A 86 -5.88 -13.12 -1.25
N ILE A 87 -5.83 -14.38 -1.66
CA ILE A 87 -4.65 -14.92 -2.33
C ILE A 87 -4.37 -14.16 -3.61
N GLU A 88 -5.37 -14.06 -4.48
CA GLU A 88 -5.22 -13.33 -5.74
C GLU A 88 -4.69 -11.93 -5.49
N ALA A 89 -5.10 -11.34 -4.36
CA ALA A 89 -4.66 -10.00 -3.99
C ALA A 89 -3.17 -9.93 -3.79
N TYR A 90 -2.66 -10.78 -2.91
CA TYR A 90 -1.22 -10.82 -2.63
C TYR A 90 -0.44 -11.30 -3.85
N GLU A 91 -1.07 -12.17 -4.64
CA GLU A 91 -0.45 -12.68 -5.85
C GLU A 91 -0.29 -11.57 -6.89
N ALA A 92 -1.23 -10.60 -6.87
CA ALA A 92 -1.18 -9.49 -7.80
C ALA A 92 -0.07 -8.51 -7.44
N SER A 93 0.10 -8.26 -6.14
CA SER A 93 1.14 -7.34 -5.64
C SER A 93 2.52 -8.00 -5.62
N LYS A 94 2.55 -9.35 -5.63
CA LYS A 94 3.80 -10.11 -5.60
C LYS A 94 4.74 -9.73 -6.76
N THR A 95 4.17 -9.15 -7.82
CA THR A 95 4.97 -8.74 -8.98
C THR A 95 5.23 -7.23 -8.97
N PRO A 96 6.26 -6.77 -8.22
CA PRO A 96 6.61 -5.35 -8.12
C PRO A 96 6.64 -4.63 -9.48
N PRO A 97 7.28 -5.22 -10.51
CA PRO A 97 7.37 -4.61 -11.85
C PRO A 97 6.05 -4.02 -12.32
N ASP A 98 4.93 -4.61 -11.90
CA ASP A 98 3.60 -4.12 -12.27
C ASP A 98 3.49 -2.61 -12.07
N LEU A 99 4.13 -2.11 -11.01
CA LEU A 99 4.12 -0.67 -10.71
C LEU A 99 5.53 -0.10 -10.69
N LYS A 100 6.50 -0.86 -10.17
CA LYS A 100 7.89 -0.40 -10.10
C LYS A 100 8.41 0.05 -11.46
N GLU A 101 9.46 0.89 -11.44
CA GLU A 101 10.07 1.43 -12.65
C GLU A 101 9.11 2.39 -13.37
N GLU A 102 8.36 3.17 -12.59
CA GLU A 102 7.41 4.12 -13.12
C GLU A 102 8.03 5.52 -13.22
N SER A 103 8.82 5.74 -14.27
CA SER A 103 9.48 7.04 -14.47
C SER A 103 8.67 7.93 -15.44
N SER A 104 8.73 9.25 -15.21
CA SER A 104 8.01 10.20 -16.05
C SER A 104 8.65 11.59 -15.98
N THR A 105 8.42 12.29 -14.86
CA THR A 105 8.97 13.63 -14.65
C THR A 105 8.55 14.60 -15.77
N ASP A 106 7.50 15.37 -15.51
CA ASP A 106 6.99 16.35 -16.48
C ASP A 106 6.35 15.64 -17.69
N LEU A 107 5.70 16.43 -18.55
CA LEU A 107 5.04 15.88 -19.74
C LEU A 107 5.46 16.62 -21.01
N GLU A 108 5.34 15.94 -22.15
CA GLU A 108 5.70 16.52 -23.44
C GLU A 108 4.71 17.60 -23.88
N SER A 1 15.52 -4.55 13.24
CA SER A 1 15.65 -3.12 13.64
C SER A 1 15.51 -2.19 12.44
N ALA A 2 15.69 -0.89 12.66
CA ALA A 2 15.59 0.12 11.61
C ALA A 2 14.15 0.26 11.10
N ASP A 3 13.83 1.45 10.58
CA ASP A 3 12.48 1.74 10.07
C ASP A 3 12.55 2.20 8.61
N ASP A 4 13.50 1.67 7.85
CA ASP A 4 13.65 2.04 6.45
C ASP A 4 12.56 1.39 5.59
N ARG A 5 11.47 2.11 5.39
CA ARG A 5 10.34 1.60 4.60
C ARG A 5 9.28 2.69 4.39
N LEU A 6 8.16 2.32 3.75
CA LEU A 6 7.07 3.25 3.49
C LEU A 6 7.53 4.42 2.63
N ASN A 7 7.71 4.17 1.33
CA ASN A 7 8.14 5.21 0.40
C ASN A 7 7.52 5.01 -0.99
N PHE A 8 7.86 5.90 -1.92
CA PHE A 8 7.34 5.82 -3.30
C PHE A 8 7.79 4.53 -3.97
N GLY A 9 6.89 3.90 -4.71
CA GLY A 9 7.21 2.66 -5.40
C GLY A 9 7.58 1.54 -4.44
N ASP A 10 6.86 1.46 -3.32
CA ASP A 10 7.11 0.43 -2.32
C ASP A 10 5.80 -0.22 -1.86
N ARG A 11 5.79 -1.54 -1.84
CA ARG A 11 4.60 -2.29 -1.43
C ARG A 11 4.32 -2.10 0.06
N ILE A 12 3.11 -1.67 0.38
CA ILE A 12 2.71 -1.44 1.77
C ILE A 12 1.31 -1.98 2.05
N LEU A 13 1.06 -2.38 3.29
CA LEU A 13 -0.24 -2.90 3.69
C LEU A 13 -1.11 -1.78 4.26
N VAL A 14 -2.41 -1.88 4.09
CA VAL A 14 -3.33 -0.86 4.58
C VAL A 14 -4.69 -1.45 4.96
N LYS A 15 -5.23 -1.00 6.09
CA LYS A 15 -6.53 -1.47 6.56
C LYS A 15 -7.58 -0.36 6.44
N ALA A 16 -8.51 -0.54 5.51
CA ALA A 16 -9.57 0.45 5.30
C ALA A 16 -10.68 0.30 6.34
N PRO A 17 -11.55 1.33 6.49
CA PRO A 17 -12.66 1.29 7.45
C PRO A 17 -13.66 0.19 7.11
N GLY A 18 -13.53 -0.95 7.79
CA GLY A 18 -14.42 -2.07 7.55
C GLY A 18 -13.73 -3.21 6.82
N TYR A 19 -12.74 -2.87 6.00
CA TYR A 19 -11.99 -3.88 5.24
C TYR A 19 -10.66 -4.21 5.92
N PRO A 20 -10.19 -5.46 5.79
CA PRO A 20 -8.93 -5.91 6.40
C PRO A 20 -7.70 -5.33 5.71
N TRP A 21 -6.52 -5.71 6.19
CA TRP A 21 -5.25 -5.22 5.62
C TRP A 21 -5.04 -5.79 4.22
N TRP A 22 -5.00 -4.92 3.22
CA TRP A 22 -4.80 -5.33 1.84
C TRP A 22 -3.41 -4.95 1.34
N PRO A 23 -2.78 -5.82 0.52
CA PRO A 23 -1.44 -5.56 -0.03
C PRO A 23 -1.46 -4.57 -1.20
N ALA A 24 -1.30 -3.29 -0.88
CA ALA A 24 -1.26 -2.25 -1.92
C ALA A 24 0.17 -1.78 -2.16
N LEU A 25 0.34 -0.92 -3.15
CA LEU A 25 1.67 -0.39 -3.49
C LEU A 25 1.68 1.13 -3.39
N LEU A 26 2.50 1.67 -2.50
CA LEU A 26 2.61 3.13 -2.31
C LEU A 26 3.12 3.81 -3.58
N LEU A 27 2.42 4.85 -4.01
CA LEU A 27 2.81 5.60 -5.20
C LEU A 27 3.40 6.96 -4.83
N ARG A 28 2.64 7.75 -4.08
CA ARG A 28 3.10 9.08 -3.66
C ARG A 28 2.51 9.47 -2.31
N ARG A 29 3.08 10.53 -1.71
CA ARG A 29 2.62 11.04 -0.42
C ARG A 29 1.99 12.42 -0.59
N LYS A 30 0.66 12.49 -0.44
CA LYS A 30 -0.07 13.75 -0.58
C LYS A 30 -0.52 14.28 0.78
N GLU A 31 -0.14 15.52 1.08
CA GLU A 31 -0.50 16.16 2.34
C GLU A 31 -1.57 17.23 2.13
N THR A 32 -2.72 17.06 2.78
CA THR A 32 -3.81 18.01 2.67
C THR A 32 -4.47 18.26 4.03
N LYS A 33 -4.73 19.52 4.36
CA LYS A 33 -5.35 19.87 5.63
C LYS A 33 -6.84 20.12 5.46
N ASP A 34 -7.56 20.20 6.58
CA ASP A 34 -9.01 20.44 6.54
C ASP A 34 -9.32 21.93 6.71
N SER A 35 -9.21 22.42 7.94
CA SER A 35 -9.47 23.83 8.23
C SER A 35 -8.49 24.36 9.29
N LEU A 36 -8.71 23.96 10.55
CA LEU A 36 -7.83 24.39 11.64
C LEU A 36 -7.83 23.35 12.76
N ASN A 37 -8.92 23.29 13.53
CA ASN A 37 -9.04 22.34 14.63
C ASN A 37 -10.52 22.11 14.97
N THR A 38 -11.36 22.04 13.93
CA THR A 38 -12.79 21.81 14.12
C THR A 38 -13.36 20.96 12.99
N ASN A 39 -12.60 19.95 12.58
CA ASN A 39 -13.00 19.03 11.51
C ASN A 39 -12.12 17.79 11.50
N SER A 40 -10.81 18.01 11.50
CA SER A 40 -9.85 16.91 11.50
C SER A 40 -8.43 17.43 11.77
N SER A 41 -8.05 18.50 11.06
CA SER A 41 -6.72 19.10 11.21
C SER A 41 -5.63 18.16 10.72
N PHE A 42 -5.02 18.50 9.57
CA PHE A 42 -3.96 17.70 8.97
C PHE A 42 -4.51 16.35 8.50
N ASN A 43 -4.68 16.23 7.19
CA ASN A 43 -5.18 15.00 6.59
C ASN A 43 -4.26 14.53 5.48
N VAL A 44 -3.18 13.88 5.88
CA VAL A 44 -2.19 13.37 4.94
C VAL A 44 -2.38 11.87 4.75
N LEU A 45 -2.59 11.46 3.51
CA LEU A 45 -2.80 10.05 3.19
C LEU A 45 -1.69 9.51 2.28
N TYR A 46 -1.79 8.22 1.97
CA TYR A 46 -0.82 7.57 1.11
C TYR A 46 -1.49 6.99 -0.14
N LYS A 47 -1.16 7.54 -1.30
CA LYS A 47 -1.73 7.07 -2.55
C LYS A 47 -1.19 5.68 -2.88
N VAL A 48 -1.91 4.65 -2.46
CA VAL A 48 -1.48 3.27 -2.69
C VAL A 48 -2.33 2.58 -3.76
N LEU A 49 -1.70 1.64 -4.47
CA LEU A 49 -2.37 0.88 -5.51
C LEU A 49 -2.81 -0.48 -4.97
N PHE A 50 -4.07 -0.85 -5.21
CA PHE A 50 -4.60 -2.12 -4.74
C PHE A 50 -4.50 -3.20 -5.82
N PHE A 51 -4.54 -4.46 -5.41
CA PHE A 51 -4.47 -5.59 -6.33
C PHE A 51 -5.54 -6.63 -6.01
N PRO A 52 -5.90 -7.50 -6.98
CA PRO A 52 -5.32 -7.53 -8.32
C PRO A 52 -5.95 -6.52 -9.28
N ASP A 53 -7.21 -6.14 -9.01
CA ASP A 53 -7.96 -5.19 -9.84
C ASP A 53 -7.12 -3.99 -10.28
N PHE A 54 -6.11 -3.63 -9.47
CA PHE A 54 -5.25 -2.48 -9.77
C PHE A 54 -5.91 -1.17 -9.36
N ASN A 55 -6.78 -1.25 -8.35
CA ASN A 55 -7.49 -0.08 -7.83
C ASN A 55 -6.56 0.72 -6.92
N PHE A 56 -7.13 1.59 -6.09
CA PHE A 56 -6.32 2.40 -5.17
C PHE A 56 -7.18 2.91 -4.01
N ALA A 57 -6.53 3.59 -3.08
CA ALA A 57 -7.21 4.13 -1.91
C ALA A 57 -6.29 5.02 -1.08
N TRP A 58 -6.72 6.25 -0.83
CA TRP A 58 -5.93 7.19 -0.03
C TRP A 58 -6.15 6.93 1.45
N VAL A 59 -5.15 6.31 2.10
CA VAL A 59 -5.24 5.99 3.53
C VAL A 59 -4.15 6.68 4.33
N LYS A 60 -4.39 6.88 5.62
CA LYS A 60 -3.42 7.52 6.51
C LYS A 60 -2.28 6.55 6.85
N ARG A 61 -1.10 7.11 7.11
CA ARG A 61 0.07 6.30 7.46
C ARG A 61 -0.18 5.44 8.70
N ASN A 62 -1.12 5.87 9.54
CA ASN A 62 -1.46 5.14 10.76
C ASN A 62 -2.10 3.79 10.43
N SER A 63 -2.92 3.75 9.39
CA SER A 63 -3.59 2.51 8.98
C SER A 63 -2.78 1.79 7.90
N VAL A 64 -1.50 2.13 7.76
CA VAL A 64 -0.63 1.51 6.77
C VAL A 64 0.57 0.86 7.45
N LYS A 65 0.97 -0.32 6.95
CA LYS A 65 2.11 -1.05 7.50
C LYS A 65 3.09 -1.46 6.40
N PRO A 66 4.41 -1.33 6.65
CA PRO A 66 5.45 -1.68 5.67
C PRO A 66 5.38 -3.16 5.28
N LEU A 67 5.16 -3.42 3.99
CA LEU A 67 5.06 -4.79 3.48
C LEU A 67 6.40 -5.24 2.89
N LEU A 68 6.84 -6.43 3.29
CA LEU A 68 8.11 -6.97 2.80
C LEU A 68 7.89 -8.06 1.75
N ASP A 69 8.99 -8.51 1.15
CA ASP A 69 8.95 -9.55 0.13
C ASP A 69 8.65 -10.90 0.77
N SER A 70 9.37 -11.20 1.84
CA SER A 70 9.20 -12.46 2.56
C SER A 70 7.78 -12.57 3.15
N GLU A 71 7.30 -11.47 3.74
CA GLU A 71 5.97 -11.44 4.34
C GLU A 71 4.89 -11.80 3.31
N ILE A 72 4.91 -11.11 2.17
CA ILE A 72 3.93 -11.37 1.11
C ILE A 72 4.04 -12.83 0.66
N ALA A 73 5.27 -13.25 0.34
CA ALA A 73 5.51 -14.63 -0.07
C ALA A 73 5.01 -15.60 0.99
N LYS A 74 5.12 -15.18 2.26
CA LYS A 74 4.68 -15.99 3.38
C LYS A 74 3.16 -16.03 3.47
N PHE A 75 2.54 -14.85 3.49
CA PHE A 75 1.07 -14.78 3.56
C PHE A 75 0.45 -15.70 2.51
N LEU A 76 1.02 -15.68 1.32
CA LEU A 76 0.54 -16.52 0.22
C LEU A 76 0.91 -17.98 0.46
N GLY A 77 2.07 -18.21 1.08
CA GLY A 77 2.50 -19.56 1.37
C GLY A 77 1.60 -20.27 2.37
N SER A 78 0.74 -19.50 3.05
CA SER A 78 -0.19 -20.05 4.03
C SER A 78 -1.64 -19.85 3.58
N SER A 79 -2.03 -20.55 2.51
CA SER A 79 -3.39 -20.44 1.98
C SER A 79 -4.30 -21.51 2.59
N LYS A 80 -4.18 -21.72 3.90
CA LYS A 80 -5.00 -22.71 4.59
C LYS A 80 -6.49 -22.33 4.51
N ARG A 81 -6.80 -21.10 4.92
CA ARG A 81 -8.15 -20.59 4.86
C ARG A 81 -8.14 -19.15 4.34
N LYS A 82 -8.45 -18.99 3.07
CA LYS A 82 -8.48 -17.68 2.44
C LYS A 82 -9.22 -17.74 1.11
N SER A 83 -9.91 -16.64 0.78
CA SER A 83 -10.66 -16.57 -0.47
C SER A 83 -9.73 -16.27 -1.64
N LYS A 84 -10.21 -16.54 -2.86
CA LYS A 84 -9.42 -16.28 -4.05
C LYS A 84 -9.05 -14.80 -4.14
N GLU A 85 -10.00 -13.94 -3.80
CA GLU A 85 -9.77 -12.49 -3.81
C GLU A 85 -8.64 -12.12 -2.86
N LEU A 86 -8.50 -12.88 -1.77
CA LEU A 86 -7.46 -12.63 -0.78
C LEU A 86 -6.10 -13.10 -1.30
N ILE A 87 -6.01 -14.37 -1.69
CA ILE A 87 -4.76 -14.92 -2.20
C ILE A 87 -4.30 -14.16 -3.45
N GLU A 88 -5.22 -13.98 -4.39
CA GLU A 88 -4.91 -13.25 -5.62
C GLU A 88 -4.41 -11.85 -5.29
N ALA A 89 -4.80 -11.33 -4.11
CA ALA A 89 -4.38 -10.02 -3.68
C ALA A 89 -2.89 -9.97 -3.42
N TYR A 90 -2.43 -10.82 -2.51
CA TYR A 90 -1.01 -10.86 -2.19
C TYR A 90 -0.20 -11.42 -3.36
N GLU A 91 -0.84 -12.28 -4.16
CA GLU A 91 -0.19 -12.86 -5.32
C GLU A 91 -0.10 -11.86 -6.47
N ALA A 92 -1.03 -10.89 -6.48
CA ALA A 92 -1.05 -9.86 -7.52
C ALA A 92 -0.06 -8.74 -7.21
N SER A 93 0.19 -8.52 -5.92
CA SER A 93 1.13 -7.47 -5.49
C SER A 93 2.57 -7.99 -5.50
N LYS A 94 2.73 -9.31 -5.34
CA LYS A 94 4.05 -9.95 -5.32
C LYS A 94 4.83 -9.68 -6.61
N THR A 95 4.14 -9.54 -7.74
CA THR A 95 4.78 -9.29 -9.03
C THR A 95 5.73 -8.09 -8.95
N PRO A 96 7.05 -8.35 -8.96
CA PRO A 96 8.07 -7.29 -8.91
C PRO A 96 7.87 -6.22 -9.98
N PRO A 97 7.53 -6.63 -11.24
CA PRO A 97 7.31 -5.71 -12.37
C PRO A 97 6.53 -4.43 -12.03
N ASP A 98 5.45 -4.56 -11.26
CA ASP A 98 4.64 -3.39 -10.90
C ASP A 98 5.32 -2.56 -9.80
N LEU A 99 6.47 -1.97 -10.15
CA LEU A 99 7.23 -1.15 -9.21
C LEU A 99 7.77 -2.02 -8.06
N LYS A 100 6.98 -2.16 -7.00
CA LYS A 100 7.36 -2.98 -5.83
C LYS A 100 8.67 -2.52 -5.20
N GLU A 101 9.80 -2.83 -5.84
CA GLU A 101 11.12 -2.44 -5.34
C GLU A 101 12.00 -1.94 -6.48
N GLU A 102 11.55 -0.86 -7.13
CA GLU A 102 12.28 -0.27 -8.24
C GLU A 102 12.54 1.22 -8.02
N SER A 103 13.71 1.68 -8.46
CA SER A 103 14.10 3.08 -8.31
C SER A 103 14.14 3.48 -6.84
N SER A 104 15.08 2.91 -6.10
CA SER A 104 15.22 3.18 -4.68
C SER A 104 16.62 3.70 -4.36
N THR A 105 17.64 3.02 -4.89
CA THR A 105 19.03 3.41 -4.66
C THR A 105 19.73 3.74 -5.98
N ASP A 106 20.66 4.69 -5.91
CA ASP A 106 21.42 5.11 -7.10
C ASP A 106 22.87 5.43 -6.74
N LEU A 107 23.80 4.60 -7.21
CA LEU A 107 25.23 4.80 -6.94
C LEU A 107 26.07 4.42 -8.16
N GLU A 108 26.06 3.13 -8.51
CA GLU A 108 26.82 2.63 -9.66
C GLU A 108 26.45 1.18 -9.97
N SER A 1 13.20 -2.05 16.05
CA SER A 1 14.47 -1.29 16.18
C SER A 1 14.54 -0.12 15.19
N ALA A 2 14.52 -0.43 13.89
CA ALA A 2 14.58 0.59 12.84
C ALA A 2 13.19 1.07 12.43
N ASP A 3 13.15 2.17 11.66
CA ASP A 3 11.89 2.73 11.19
C ASP A 3 12.06 3.46 9.85
N ASP A 4 13.00 2.99 9.03
CA ASP A 4 13.24 3.60 7.72
C ASP A 4 12.60 2.76 6.61
N ARG A 5 11.27 2.72 6.61
CA ARG A 5 10.53 1.96 5.60
C ARG A 5 9.29 2.74 5.14
N LEU A 6 8.59 2.20 4.13
CA LEU A 6 7.39 2.85 3.59
C LEU A 6 7.74 4.15 2.88
N ASN A 7 7.93 4.08 1.56
CA ASN A 7 8.28 5.26 0.76
C ASN A 7 7.75 5.13 -0.68
N PHE A 8 8.14 6.07 -1.54
CA PHE A 8 7.73 6.07 -2.94
C PHE A 8 8.14 4.78 -3.65
N GLY A 9 7.21 4.19 -4.39
CA GLY A 9 7.49 2.96 -5.11
C GLY A 9 7.81 1.80 -4.19
N ASP A 10 6.95 1.57 -3.20
CA ASP A 10 7.13 0.50 -2.24
C ASP A 10 5.80 -0.17 -1.89
N ARG A 11 5.77 -1.50 -1.97
CA ARG A 11 4.55 -2.25 -1.65
C ARG A 11 4.22 -2.13 -0.17
N ILE A 12 3.08 -1.49 0.11
CA ILE A 12 2.64 -1.30 1.50
C ILE A 12 1.21 -1.78 1.71
N LEU A 13 0.92 -2.23 2.92
CA LEU A 13 -0.42 -2.72 3.27
C LEU A 13 -1.27 -1.61 3.87
N VAL A 14 -2.56 -1.62 3.57
CA VAL A 14 -3.48 -0.61 4.08
C VAL A 14 -4.76 -1.23 4.60
N LYS A 15 -5.23 -0.76 5.75
CA LYS A 15 -6.46 -1.26 6.35
C LYS A 15 -7.66 -0.42 5.92
N ALA A 16 -8.56 -1.04 5.15
CA ALA A 16 -9.76 -0.35 4.66
C ALA A 16 -10.80 -0.20 5.77
N PRO A 17 -11.78 0.71 5.58
CA PRO A 17 -12.84 0.95 6.56
C PRO A 17 -13.69 -0.29 6.80
N GLY A 18 -13.52 -0.90 7.97
CA GLY A 18 -14.26 -2.10 8.31
C GLY A 18 -13.86 -3.31 7.47
N TYR A 19 -12.67 -3.24 6.88
CA TYR A 19 -12.16 -4.33 6.04
C TYR A 19 -10.72 -4.68 6.43
N PRO A 20 -10.25 -5.89 6.04
CA PRO A 20 -8.88 -6.33 6.35
C PRO A 20 -7.82 -5.53 5.59
N TRP A 21 -6.56 -5.88 5.81
CA TRP A 21 -5.44 -5.20 5.15
C TRP A 21 -5.22 -5.76 3.75
N TRP A 22 -5.20 -4.87 2.74
CA TRP A 22 -5.00 -5.28 1.36
C TRP A 22 -3.63 -4.83 0.84
N PRO A 23 -2.97 -5.67 0.00
CA PRO A 23 -1.65 -5.34 -0.57
C PRO A 23 -1.72 -4.25 -1.64
N ALA A 24 -1.25 -3.06 -1.30
CA ALA A 24 -1.23 -1.93 -2.23
C ALA A 24 0.19 -1.45 -2.47
N LEU A 25 0.35 -0.49 -3.38
CA LEU A 25 1.67 0.06 -3.70
C LEU A 25 1.68 1.58 -3.50
N LEU A 26 2.54 2.05 -2.59
CA LEU A 26 2.66 3.48 -2.31
C LEU A 26 3.08 4.28 -3.54
N LEU A 27 2.31 5.31 -3.88
CA LEU A 27 2.60 6.15 -5.03
C LEU A 27 3.20 7.49 -4.58
N ARG A 28 2.45 8.22 -3.73
CA ARG A 28 2.91 9.52 -3.24
C ARG A 28 2.19 9.90 -1.95
N ARG A 29 2.81 10.81 -1.19
CA ARG A 29 2.24 11.28 0.07
C ARG A 29 1.77 12.73 -0.07
N LYS A 30 0.45 12.91 -0.09
CA LYS A 30 -0.14 14.25 -0.24
C LYS A 30 -0.66 14.76 1.12
N GLU A 31 -0.23 15.96 1.49
CA GLU A 31 -0.65 16.57 2.76
C GLU A 31 -1.74 17.61 2.53
N THR A 32 -2.96 17.29 2.99
CA THR A 32 -4.09 18.21 2.85
C THR A 32 -4.66 18.57 4.22
N LYS A 33 -4.85 19.86 4.46
CA LYS A 33 -5.38 20.35 5.73
C LYS A 33 -6.90 20.53 5.66
N ASP A 34 -7.51 20.68 6.84
CA ASP A 34 -8.97 20.87 6.93
C ASP A 34 -9.72 19.66 6.37
N SER A 35 -9.61 18.54 7.07
CA SER A 35 -10.28 17.30 6.66
C SER A 35 -11.80 17.48 6.65
N LEU A 36 -12.34 18.08 7.71
CA LEU A 36 -13.77 18.30 7.82
C LEU A 36 -14.09 19.79 7.60
N ASN A 37 -14.02 20.58 8.68
CA ASN A 37 -14.30 22.02 8.59
C ASN A 37 -13.82 22.74 9.87
N THR A 38 -12.68 22.30 10.41
CA THR A 38 -12.14 22.88 11.64
C THR A 38 -10.82 23.63 11.39
N ASN A 39 -10.15 23.33 10.27
CA ASN A 39 -8.87 23.95 9.92
C ASN A 39 -7.89 23.99 11.11
N SER A 40 -7.97 23.00 11.99
CA SER A 40 -7.08 22.92 13.15
C SER A 40 -6.43 21.55 13.25
N SER A 41 -6.23 20.90 12.10
CA SER A 41 -5.61 19.58 12.05
C SER A 41 -5.33 19.18 10.60
N PHE A 42 -4.11 18.71 10.36
CA PHE A 42 -3.71 18.28 9.02
C PHE A 42 -4.30 16.90 8.70
N ASN A 43 -4.40 16.59 7.42
CA ASN A 43 -4.94 15.30 6.98
C ASN A 43 -4.10 14.72 5.85
N VAL A 44 -3.00 14.09 6.20
CA VAL A 44 -2.11 13.47 5.22
C VAL A 44 -2.48 12.02 5.00
N LEU A 45 -2.42 11.57 3.75
CA LEU A 45 -2.74 10.19 3.40
C LEU A 45 -1.66 9.59 2.50
N TYR A 46 -1.84 8.31 2.16
CA TYR A 46 -0.89 7.61 1.30
C TYR A 46 -1.58 7.09 0.04
N LYS A 47 -1.40 7.80 -1.07
CA LYS A 47 -2.00 7.39 -2.34
C LYS A 47 -1.34 6.11 -2.83
N VAL A 48 -2.01 4.98 -2.59
CA VAL A 48 -1.47 3.67 -2.98
C VAL A 48 -2.30 3.01 -4.07
N LEU A 49 -1.67 2.11 -4.82
CA LEU A 49 -2.35 1.38 -5.89
C LEU A 49 -2.73 -0.01 -5.42
N PHE A 50 -3.97 -0.40 -5.68
CA PHE A 50 -4.49 -1.71 -5.28
C PHE A 50 -4.37 -2.74 -6.41
N PHE A 51 -4.39 -4.02 -6.04
CA PHE A 51 -4.29 -5.11 -7.02
C PHE A 51 -5.15 -6.30 -6.59
N PRO A 52 -5.46 -7.24 -7.52
CA PRO A 52 -5.02 -7.21 -8.92
C PRO A 52 -5.88 -6.30 -9.81
N ASP A 53 -7.13 -6.08 -9.39
CA ASP A 53 -8.09 -5.25 -10.14
C ASP A 53 -7.48 -3.96 -10.69
N PHE A 54 -6.43 -3.47 -10.03
CA PHE A 54 -5.75 -2.24 -10.44
C PHE A 54 -6.57 -1.01 -10.06
N ASN A 55 -6.53 -0.67 -8.78
CA ASN A 55 -7.25 0.48 -8.26
C ASN A 55 -6.36 1.28 -7.32
N PHE A 56 -6.95 2.08 -6.42
CA PHE A 56 -6.17 2.88 -5.47
C PHE A 56 -7.02 3.29 -4.28
N ALA A 57 -6.39 3.94 -3.31
CA ALA A 57 -7.07 4.38 -2.10
C ALA A 57 -6.19 5.31 -1.27
N TRP A 58 -6.82 6.29 -0.63
CA TRP A 58 -6.09 7.24 0.22
C TRP A 58 -6.22 6.86 1.69
N VAL A 59 -5.15 6.30 2.26
CA VAL A 59 -5.16 5.87 3.66
C VAL A 59 -3.99 6.51 4.41
N LYS A 60 -4.23 6.96 5.64
CA LYS A 60 -3.20 7.58 6.45
C LYS A 60 -2.11 6.57 6.82
N ARG A 61 -0.95 7.10 7.24
CA ARG A 61 0.18 6.25 7.64
C ARG A 61 -0.16 5.37 8.85
N ASN A 62 -1.15 5.80 9.62
CA ASN A 62 -1.57 5.05 10.81
C ASN A 62 -2.17 3.70 10.41
N SER A 63 -2.82 3.66 9.24
CA SER A 63 -3.42 2.43 8.74
C SER A 63 -2.54 1.76 7.69
N VAL A 64 -1.26 2.15 7.62
CA VAL A 64 -0.33 1.57 6.66
C VAL A 64 0.56 0.51 7.31
N LYS A 65 1.16 -0.36 6.49
CA LYS A 65 2.03 -1.41 6.98
C LYS A 65 3.10 -1.79 5.94
N PRO A 66 4.38 -1.89 6.36
CA PRO A 66 5.48 -2.24 5.45
C PRO A 66 5.43 -3.71 5.04
N LEU A 67 5.02 -3.95 3.79
CA LEU A 67 4.93 -5.32 3.26
C LEU A 67 6.23 -5.72 2.56
N LEU A 68 6.70 -6.94 2.84
CA LEU A 68 7.92 -7.46 2.24
C LEU A 68 7.64 -8.71 1.39
N ASP A 69 8.61 -9.08 0.56
CA ASP A 69 8.48 -10.26 -0.31
C ASP A 69 8.24 -11.53 0.51
N SER A 70 8.98 -11.67 1.61
CA SER A 70 8.85 -12.83 2.49
C SER A 70 7.45 -12.87 3.11
N GLU A 71 6.86 -11.70 3.34
CA GLU A 71 5.51 -11.62 3.93
C GLU A 71 4.44 -11.95 2.89
N ILE A 72 4.62 -11.42 1.67
CA ILE A 72 3.67 -11.66 0.59
C ILE A 72 3.64 -13.15 0.24
N ALA A 73 4.81 -13.72 -0.04
CA ALA A 73 4.92 -15.14 -0.35
C ALA A 73 4.28 -15.97 0.76
N LYS A 74 4.53 -15.56 2.00
CA LYS A 74 3.98 -16.24 3.17
C LYS A 74 2.47 -16.16 3.19
N PHE A 75 1.95 -14.93 3.08
CA PHE A 75 0.49 -14.71 3.09
C PHE A 75 -0.19 -15.68 2.12
N LEU A 76 0.37 -15.79 0.92
CA LEU A 76 -0.18 -16.68 -0.09
C LEU A 76 0.00 -18.14 0.32
N GLY A 77 1.11 -18.44 1.01
CA GLY A 77 1.35 -19.79 1.47
C GLY A 77 0.78 -20.05 2.85
N SER A 78 -0.16 -19.20 3.28
CA SER A 78 -0.80 -19.33 4.59
C SER A 78 -1.26 -20.76 4.86
N SER A 79 -2.21 -21.25 4.04
CA SER A 79 -2.75 -22.60 4.17
C SER A 79 -3.83 -22.68 5.26
N LYS A 80 -3.68 -21.89 6.33
CA LYS A 80 -4.65 -21.91 7.44
C LYS A 80 -5.87 -21.05 7.12
N ARG A 81 -5.63 -19.79 6.73
CA ARG A 81 -6.72 -18.89 6.39
C ARG A 81 -6.37 -18.10 5.13
N LYS A 82 -6.92 -18.55 4.01
CA LYS A 82 -6.69 -17.90 2.72
C LYS A 82 -7.94 -17.93 1.86
N SER A 83 -8.28 -16.79 1.26
CA SER A 83 -9.46 -16.67 0.40
C SER A 83 -9.05 -16.43 -1.05
N LYS A 84 -9.86 -16.91 -1.99
CA LYS A 84 -9.56 -16.75 -3.43
C LYS A 84 -9.30 -15.29 -3.77
N GLU A 85 -10.18 -14.41 -3.32
CA GLU A 85 -10.02 -12.97 -3.58
C GLU A 85 -8.78 -12.42 -2.87
N LEU A 86 -8.45 -13.00 -1.72
CA LEU A 86 -7.28 -12.55 -0.96
C LEU A 86 -5.99 -13.07 -1.58
N ILE A 87 -5.96 -14.37 -1.91
CA ILE A 87 -4.79 -14.97 -2.53
C ILE A 87 -4.47 -14.29 -3.85
N GLU A 88 -5.47 -14.19 -4.73
CA GLU A 88 -5.28 -13.55 -6.02
C GLU A 88 -4.70 -12.15 -5.85
N ALA A 89 -5.10 -11.48 -4.77
CA ALA A 89 -4.62 -10.14 -4.47
C ALA A 89 -3.13 -10.13 -4.20
N TYR A 90 -2.70 -10.98 -3.27
CA TYR A 90 -1.29 -11.07 -2.94
C TYR A 90 -0.50 -11.64 -4.11
N GLU A 91 -1.16 -12.46 -4.93
CA GLU A 91 -0.52 -13.03 -6.10
C GLU A 91 -0.14 -11.90 -7.07
N ALA A 92 -0.95 -10.84 -7.06
CA ALA A 92 -0.70 -9.68 -7.90
C ALA A 92 0.38 -8.78 -7.28
N SER A 93 0.50 -8.81 -5.95
CA SER A 93 1.50 -8.02 -5.24
C SER A 93 2.85 -8.73 -5.19
N LYS A 94 2.86 -10.04 -5.42
CA LYS A 94 4.10 -10.83 -5.40
C LYS A 94 5.14 -10.30 -6.38
N THR A 95 4.68 -9.61 -7.44
CA THR A 95 5.58 -9.05 -8.45
C THR A 95 6.81 -8.39 -7.80
N PRO A 96 7.99 -9.04 -7.92
CA PRO A 96 9.24 -8.51 -7.35
C PRO A 96 9.47 -7.05 -7.72
N PRO A 97 9.27 -6.67 -9.01
CA PRO A 97 9.46 -5.30 -9.49
C PRO A 97 8.88 -4.25 -8.52
N ASP A 98 9.53 -3.09 -8.45
CA ASP A 98 9.09 -2.02 -7.57
C ASP A 98 7.72 -1.48 -7.99
N LEU A 99 7.69 -0.69 -9.06
CA LEU A 99 6.44 -0.11 -9.57
C LEU A 99 5.99 -0.80 -10.86
N LYS A 100 4.68 -0.74 -11.13
CA LYS A 100 4.11 -1.33 -12.33
C LYS A 100 3.15 -0.37 -13.01
N GLU A 101 3.03 -0.49 -14.34
CA GLU A 101 2.15 0.38 -15.13
C GLU A 101 2.53 1.86 -14.96
N GLU A 102 3.82 2.11 -14.68
CA GLU A 102 4.32 3.47 -14.49
C GLU A 102 5.82 3.52 -14.76
N SER A 103 6.61 2.91 -13.86
CA SER A 103 8.07 2.88 -13.99
C SER A 103 8.67 4.28 -13.89
N SER A 104 10.01 4.34 -13.76
CA SER A 104 10.72 5.60 -13.66
C SER A 104 12.04 5.55 -14.44
N THR A 105 12.05 4.80 -15.54
CA THR A 105 13.25 4.67 -16.38
C THR A 105 13.01 5.37 -17.73
N ASP A 106 13.95 5.17 -18.67
CA ASP A 106 13.84 5.78 -20.01
C ASP A 106 13.99 7.30 -19.94
N LEU A 107 15.22 7.79 -20.18
CA LEU A 107 15.49 9.22 -20.13
C LEU A 107 16.58 9.58 -21.17
N GLU A 108 16.44 9.04 -22.39
CA GLU A 108 17.39 9.31 -23.46
C GLU A 108 16.69 9.89 -24.68
N SER A 1 15.98 0.55 13.94
CA SER A 1 15.91 2.04 13.98
C SER A 1 15.23 2.60 12.73
N ALA A 2 14.04 3.20 12.93
CA ALA A 2 13.26 3.79 11.83
C ALA A 2 12.82 2.73 10.82
N ASP A 3 11.59 2.24 10.99
CA ASP A 3 11.02 1.22 10.10
C ASP A 3 9.74 1.72 9.42
N ASP A 4 9.65 3.03 9.19
CA ASP A 4 8.48 3.63 8.53
C ASP A 4 8.87 4.31 7.22
N ARG A 5 9.87 3.75 6.53
CA ARG A 5 10.34 4.30 5.28
C ARG A 5 9.42 3.87 4.13
N LEU A 6 8.38 4.66 3.89
CA LEU A 6 7.41 4.37 2.83
C LEU A 6 7.50 5.41 1.71
N ASN A 7 8.13 5.04 0.60
CA ASN A 7 8.28 5.94 -0.54
C ASN A 7 7.47 5.46 -1.75
N PHE A 8 7.69 6.11 -2.91
CA PHE A 8 6.97 5.74 -4.14
C PHE A 8 7.41 4.37 -4.63
N GLY A 9 6.46 3.61 -5.16
CA GLY A 9 6.75 2.27 -5.66
C GLY A 9 7.11 1.31 -4.54
N ASP A 10 6.56 1.54 -3.35
CA ASP A 10 6.83 0.70 -2.19
C ASP A 10 5.60 -0.09 -1.80
N ARG A 11 5.72 -1.42 -1.81
CA ARG A 11 4.62 -2.31 -1.45
C ARG A 11 4.33 -2.23 0.04
N ILE A 12 3.15 -1.73 0.39
CA ILE A 12 2.76 -1.60 1.79
C ILE A 12 1.41 -2.25 2.05
N LEU A 13 1.12 -2.51 3.32
CA LEU A 13 -0.15 -3.14 3.71
C LEU A 13 -1.07 -2.16 4.40
N VAL A 14 -2.27 -1.99 3.85
CA VAL A 14 -3.26 -1.07 4.41
C VAL A 14 -4.52 -1.82 4.83
N LYS A 15 -5.11 -1.41 5.96
CA LYS A 15 -6.33 -2.03 6.47
C LYS A 15 -7.54 -1.14 6.22
N ALA A 16 -8.64 -1.75 5.76
CA ALA A 16 -9.87 -1.03 5.49
C ALA A 16 -10.87 -1.18 6.63
N PRO A 17 -11.67 -0.13 6.91
CA PRO A 17 -12.68 -0.16 7.98
C PRO A 17 -13.64 -1.33 7.84
N GLY A 18 -13.50 -2.30 8.75
CA GLY A 18 -14.37 -3.47 8.73
C GLY A 18 -13.72 -4.68 8.07
N TYR A 19 -12.85 -4.43 7.08
CA TYR A 19 -12.17 -5.51 6.36
C TYR A 19 -10.71 -5.64 6.80
N PRO A 20 -10.10 -6.81 6.59
CA PRO A 20 -8.69 -7.06 6.97
C PRO A 20 -7.71 -6.23 6.14
N TRP A 21 -6.42 -6.56 6.24
CA TRP A 21 -5.38 -5.84 5.49
C TRP A 21 -5.32 -6.32 4.04
N TRP A 22 -4.92 -5.43 3.14
CA TRP A 22 -4.82 -5.76 1.72
C TRP A 22 -3.49 -5.27 1.13
N PRO A 23 -2.87 -6.07 0.23
CA PRO A 23 -1.60 -5.72 -0.41
C PRO A 23 -1.74 -4.57 -1.41
N ALA A 24 -1.25 -3.40 -1.03
CA ALA A 24 -1.30 -2.22 -1.89
C ALA A 24 0.11 -1.66 -2.12
N LEU A 25 0.24 -0.73 -3.08
CA LEU A 25 1.53 -0.13 -3.39
C LEU A 25 1.46 1.39 -3.35
N LEU A 26 2.37 2.00 -2.59
CA LEU A 26 2.42 3.46 -2.46
C LEU A 26 2.76 4.12 -3.80
N LEU A 27 1.92 5.06 -4.22
CA LEU A 27 2.12 5.78 -5.47
C LEU A 27 2.70 7.17 -5.22
N ARG A 28 2.20 7.87 -4.21
CA ARG A 28 2.67 9.22 -3.88
C ARG A 28 2.23 9.66 -2.48
N ARG A 29 2.93 10.64 -1.92
CA ARG A 29 2.60 11.18 -0.61
C ARG A 29 1.95 12.56 -0.77
N LYS A 30 0.66 12.63 -0.41
CA LYS A 30 -0.08 13.88 -0.53
C LYS A 30 -0.43 14.45 0.85
N GLU A 31 -0.14 15.73 1.05
CA GLU A 31 -0.42 16.41 2.30
C GLU A 31 -1.44 17.53 2.10
N THR A 32 -2.67 17.32 2.57
CA THR A 32 -3.72 18.32 2.43
C THR A 32 -4.05 18.95 3.78
N LYS A 33 -4.35 20.25 3.76
CA LYS A 33 -4.68 20.98 4.98
C LYS A 33 -5.82 21.98 4.73
N ASP A 34 -6.20 22.73 5.77
CA ASP A 34 -7.28 23.71 5.66
C ASP A 34 -6.90 24.83 4.69
N SER A 35 -5.98 25.70 5.14
CA SER A 35 -5.51 26.83 4.34
C SER A 35 -4.61 27.74 5.18
N LEU A 36 -5.24 28.55 6.04
CA LEU A 36 -4.50 29.47 6.91
C LEU A 36 -5.31 29.84 8.15
N ASN A 37 -6.20 28.94 8.57
CA ASN A 37 -7.04 29.16 9.75
C ASN A 37 -6.28 28.88 11.05
N THR A 38 -5.08 28.29 10.95
CA THR A 38 -4.27 27.98 12.12
C THR A 38 -5.06 27.15 13.14
N ASN A 39 -5.91 26.23 12.65
CA ASN A 39 -6.71 25.38 13.52
C ASN A 39 -6.20 23.93 13.52
N SER A 40 -4.96 23.74 13.06
CA SER A 40 -4.35 22.40 13.00
C SER A 40 -5.23 21.42 12.23
N SER A 41 -5.50 21.74 10.96
CA SER A 41 -6.31 20.87 10.12
C SER A 41 -5.45 20.19 9.05
N PHE A 42 -4.60 19.27 9.48
CA PHE A 42 -3.71 18.55 8.57
C PHE A 42 -4.23 17.14 8.31
N ASN A 43 -4.40 16.79 7.04
CA ASN A 43 -4.88 15.47 6.66
C ASN A 43 -3.96 14.85 5.61
N VAL A 44 -2.85 14.29 6.08
CA VAL A 44 -1.88 13.65 5.21
C VAL A 44 -2.17 12.16 5.07
N LEU A 45 -2.18 11.68 3.82
CA LEU A 45 -2.44 10.28 3.53
C LEU A 45 -1.43 9.73 2.51
N TYR A 46 -1.57 8.44 2.22
CA TYR A 46 -0.69 7.77 1.26
C TYR A 46 -1.50 7.18 0.11
N LYS A 47 -1.29 7.72 -1.09
CA LYS A 47 -2.01 7.24 -2.27
C LYS A 47 -1.46 5.86 -2.68
N VAL A 48 -2.13 4.80 -2.23
CA VAL A 48 -1.70 3.44 -2.54
C VAL A 48 -2.63 2.78 -3.55
N LEU A 49 -2.05 1.90 -4.37
CA LEU A 49 -2.82 1.17 -5.38
C LEU A 49 -3.11 -0.25 -4.91
N PHE A 50 -4.36 -0.69 -5.04
CA PHE A 50 -4.73 -2.04 -4.61
C PHE A 50 -4.54 -3.03 -5.76
N PHE A 51 -4.56 -4.33 -5.45
CA PHE A 51 -4.39 -5.38 -6.47
C PHE A 51 -5.27 -6.59 -6.16
N PRO A 52 -5.57 -7.44 -7.18
CA PRO A 52 -5.09 -7.27 -8.55
C PRO A 52 -5.98 -6.34 -9.40
N ASP A 53 -7.27 -6.29 -9.06
CA ASP A 53 -8.26 -5.47 -9.79
C ASP A 53 -7.83 -3.99 -9.92
N PHE A 54 -6.88 -3.55 -9.10
CA PHE A 54 -6.39 -2.16 -9.14
C PHE A 54 -7.44 -1.20 -8.56
N ASN A 55 -7.42 -1.06 -7.24
CA ASN A 55 -8.36 -0.18 -6.53
C ASN A 55 -7.64 0.67 -5.50
N PHE A 56 -6.85 1.62 -5.98
CA PHE A 56 -6.10 2.52 -5.10
C PHE A 56 -6.98 3.14 -4.02
N ALA A 57 -6.35 3.54 -2.91
CA ALA A 57 -7.04 4.15 -1.78
C ALA A 57 -6.17 5.19 -1.09
N TRP A 58 -6.80 6.08 -0.31
CA TRP A 58 -6.10 7.14 0.42
C TRP A 58 -6.28 6.97 1.93
N VAL A 59 -5.21 6.61 2.63
CA VAL A 59 -5.25 6.42 4.08
C VAL A 59 -3.98 6.96 4.76
N LYS A 60 -4.05 7.15 6.07
CA LYS A 60 -2.90 7.65 6.83
C LYS A 60 -1.90 6.53 7.11
N ARG A 61 -0.66 6.90 7.43
CA ARG A 61 0.40 5.93 7.74
C ARG A 61 -0.01 5.02 8.90
N ASN A 62 -0.93 5.48 9.74
CA ASN A 62 -1.41 4.69 10.89
C ASN A 62 -2.09 3.41 10.44
N SER A 63 -2.85 3.48 9.33
CA SER A 63 -3.55 2.32 8.81
C SER A 63 -2.73 1.62 7.72
N VAL A 64 -1.44 1.94 7.64
CA VAL A 64 -0.55 1.35 6.66
C VAL A 64 0.73 0.81 7.30
N LYS A 65 1.17 -0.37 6.86
CA LYS A 65 2.38 -1.01 7.39
C LYS A 65 3.33 -1.41 6.27
N PRO A 66 4.64 -1.49 6.56
CA PRO A 66 5.65 -1.88 5.57
C PRO A 66 5.58 -3.37 5.21
N LEU A 67 5.35 -3.66 3.93
CA LEU A 67 5.26 -5.04 3.46
C LEU A 67 6.58 -5.49 2.84
N LEU A 68 7.05 -6.69 3.22
CA LEU A 68 8.29 -7.23 2.70
C LEU A 68 8.03 -8.40 1.76
N ASP A 69 9.09 -8.89 1.11
CA ASP A 69 8.97 -10.00 0.17
C ASP A 69 8.59 -11.28 0.92
N SER A 70 9.34 -11.58 1.98
CA SER A 70 9.07 -12.77 2.79
C SER A 70 7.65 -12.74 3.34
N GLU A 71 7.19 -11.55 3.77
CA GLU A 71 5.85 -11.40 4.31
C GLU A 71 4.80 -11.76 3.26
N ILE A 72 4.94 -11.20 2.05
CA ILE A 72 4.02 -11.48 0.96
C ILE A 72 4.00 -12.98 0.65
N ALA A 73 5.20 -13.54 0.45
CA ALA A 73 5.33 -14.97 0.18
C ALA A 73 4.69 -15.79 1.29
N LYS A 74 4.81 -15.27 2.52
CA LYS A 74 4.25 -15.94 3.69
C LYS A 74 2.72 -15.85 3.70
N PHE A 75 2.20 -14.63 3.55
CA PHE A 75 0.76 -14.41 3.54
C PHE A 75 0.06 -15.42 2.63
N LEU A 76 0.58 -15.56 1.40
CA LEU A 76 0.02 -16.49 0.44
C LEU A 76 0.19 -17.93 0.91
N GLY A 77 1.27 -18.19 1.65
CA GLY A 77 1.51 -19.53 2.16
C GLY A 77 0.78 -19.80 3.47
N SER A 78 -0.13 -18.89 3.86
CA SER A 78 -0.88 -19.04 5.10
C SER A 78 -2.09 -19.95 4.89
N SER A 79 -2.89 -20.11 5.95
CA SER A 79 -4.08 -20.95 5.89
C SER A 79 -5.17 -20.41 6.81
N LYS A 80 -5.46 -19.10 6.68
CA LYS A 80 -6.49 -18.46 7.49
C LYS A 80 -7.76 -18.21 6.66
N ARG A 81 -7.59 -17.55 5.52
CA ARG A 81 -8.71 -17.26 4.62
C ARG A 81 -8.30 -17.52 3.18
N LYS A 82 -8.70 -18.66 2.66
CA LYS A 82 -8.38 -19.04 1.29
C LYS A 82 -9.42 -18.52 0.30
N SER A 83 -9.15 -17.36 -0.29
CA SER A 83 -10.05 -16.76 -1.25
C SER A 83 -9.28 -16.40 -2.52
N LYS A 84 -9.88 -16.67 -3.68
CA LYS A 84 -9.24 -16.36 -4.96
C LYS A 84 -8.89 -14.88 -5.01
N GLU A 85 -9.81 -14.04 -4.52
CA GLU A 85 -9.61 -12.60 -4.50
C GLU A 85 -8.48 -12.23 -3.54
N LEU A 86 -8.33 -12.99 -2.45
CA LEU A 86 -7.29 -12.72 -1.47
C LEU A 86 -5.92 -13.17 -1.98
N ILE A 87 -5.86 -14.40 -2.49
CA ILE A 87 -4.59 -14.92 -3.01
C ILE A 87 -4.10 -14.09 -4.18
N GLU A 88 -4.98 -13.86 -5.16
CA GLU A 88 -4.62 -13.06 -6.33
C GLU A 88 -4.11 -11.69 -5.89
N ALA A 89 -4.62 -11.20 -4.75
CA ALA A 89 -4.21 -9.91 -4.22
C ALA A 89 -2.73 -9.91 -3.89
N TYR A 90 -2.32 -10.82 -3.02
CA TYR A 90 -0.91 -10.92 -2.64
C TYR A 90 -0.09 -11.45 -3.80
N GLU A 91 -0.72 -12.26 -4.66
CA GLU A 91 -0.05 -12.80 -5.83
C GLU A 91 0.26 -11.68 -6.82
N ALA A 92 -0.61 -10.67 -6.88
CA ALA A 92 -0.40 -9.53 -7.77
C ALA A 92 0.78 -8.69 -7.28
N SER A 93 0.86 -8.50 -5.97
CA SER A 93 1.94 -7.73 -5.35
C SER A 93 3.23 -8.55 -5.24
N LYS A 94 3.10 -9.88 -5.31
CA LYS A 94 4.25 -10.79 -5.21
C LYS A 94 5.32 -10.51 -6.27
N THR A 95 4.92 -9.85 -7.37
CA THR A 95 5.85 -9.54 -8.45
C THR A 95 6.25 -8.05 -8.44
N PRO A 96 7.37 -7.70 -7.78
CA PRO A 96 7.85 -6.32 -7.70
C PRO A 96 8.06 -5.67 -9.08
N PRO A 97 8.67 -6.39 -10.05
CA PRO A 97 8.92 -5.87 -11.41
C PRO A 97 7.72 -5.11 -12.00
N ASP A 98 6.51 -5.50 -11.57
CA ASP A 98 5.29 -4.86 -12.06
C ASP A 98 5.35 -3.33 -11.91
N LEU A 99 6.13 -2.84 -10.95
CA LEU A 99 6.23 -1.40 -10.72
C LEU A 99 7.65 -0.98 -10.32
N LYS A 100 8.08 -1.37 -9.12
CA LYS A 100 9.40 -1.00 -8.60
C LYS A 100 10.54 -1.42 -9.54
N GLU A 101 10.47 -2.65 -10.06
CA GLU A 101 11.51 -3.16 -10.96
C GLU A 101 11.03 -3.12 -12.42
N GLU A 102 10.64 -1.93 -12.86
CA GLU A 102 10.17 -1.73 -14.22
C GLU A 102 11.25 -1.09 -15.08
N SER A 103 12.23 -1.89 -15.50
CA SER A 103 13.32 -1.40 -16.33
C SER A 103 12.98 -1.50 -17.81
N SER A 104 12.68 -0.36 -18.42
CA SER A 104 12.32 -0.32 -19.83
C SER A 104 13.55 0.00 -20.70
N THR A 105 14.43 -1.00 -20.84
CA THR A 105 15.64 -0.85 -21.64
C THR A 105 16.03 -2.18 -22.31
N ASP A 106 16.13 -3.24 -21.51
CA ASP A 106 16.48 -4.57 -22.01
C ASP A 106 15.23 -5.37 -22.39
N LEU A 107 15.44 -6.52 -23.03
CA LEU A 107 14.34 -7.40 -23.43
C LEU A 107 14.10 -8.49 -22.40
N GLU A 108 12.85 -8.97 -22.31
CA GLU A 108 12.49 -10.02 -21.36
C GLU A 108 11.33 -10.86 -21.88
N SER A 1 7.32 4.95 19.25
CA SER A 1 6.16 4.25 18.65
C SER A 1 6.09 4.48 17.15
N ALA A 2 5.37 3.59 16.45
CA ALA A 2 5.21 3.67 14.99
C ALA A 2 6.51 3.33 14.27
N ASP A 3 6.36 2.68 13.11
CA ASP A 3 7.52 2.29 12.30
C ASP A 3 7.10 2.08 10.84
N ASP A 4 6.41 3.08 10.28
CA ASP A 4 5.96 3.01 8.90
C ASP A 4 7.14 3.17 7.94
N ARG A 5 7.87 2.08 7.72
CA ARG A 5 9.01 2.10 6.83
C ARG A 5 8.57 2.00 5.38
N LEU A 6 7.76 2.98 4.93
CA LEU A 6 7.24 3.00 3.57
C LEU A 6 7.99 4.04 2.73
N ASN A 7 7.84 3.95 1.41
CA ASN A 7 8.50 4.88 0.48
C ASN A 7 7.86 4.82 -0.90
N PHE A 8 8.34 5.68 -1.81
CA PHE A 8 7.81 5.73 -3.17
C PHE A 8 8.21 4.47 -3.93
N GLY A 9 7.22 3.79 -4.52
CA GLY A 9 7.47 2.59 -5.26
C GLY A 9 7.77 1.40 -4.37
N ASP A 10 6.95 1.22 -3.34
CA ASP A 10 7.12 0.12 -2.41
C ASP A 10 5.80 -0.59 -2.17
N ARG A 11 5.87 -1.71 -1.46
CA ARG A 11 4.68 -2.51 -1.15
C ARG A 11 4.30 -2.34 0.32
N ILE A 12 3.05 -1.95 0.57
CA ILE A 12 2.58 -1.74 1.93
C ILE A 12 1.15 -2.28 2.11
N LEU A 13 0.82 -2.64 3.36
CA LEU A 13 -0.51 -3.16 3.67
C LEU A 13 -1.44 -2.05 4.15
N VAL A 14 -2.70 -2.14 3.76
CA VAL A 14 -3.70 -1.13 4.15
C VAL A 14 -4.96 -1.79 4.72
N LYS A 15 -5.43 -1.27 5.85
CA LYS A 15 -6.64 -1.80 6.49
C LYS A 15 -7.80 -0.83 6.34
N ALA A 16 -8.92 -1.33 5.82
CA ALA A 16 -10.11 -0.50 5.63
C ALA A 16 -10.99 -0.51 6.88
N PRO A 17 -11.80 0.55 7.08
CA PRO A 17 -12.68 0.67 8.25
C PRO A 17 -13.58 -0.56 8.42
N GLY A 18 -13.16 -1.47 9.30
CA GLY A 18 -13.93 -2.69 9.54
C GLY A 18 -13.44 -3.88 8.72
N TYR A 19 -12.82 -3.61 7.58
CA TYR A 19 -12.32 -4.67 6.71
C TYR A 19 -10.84 -4.97 7.00
N PRO A 20 -10.42 -6.24 6.78
CA PRO A 20 -9.02 -6.67 7.03
C PRO A 20 -8.00 -5.89 6.20
N TRP A 21 -6.74 -6.33 6.25
CA TRP A 21 -5.66 -5.68 5.52
C TRP A 21 -5.53 -6.23 4.10
N TRP A 22 -5.33 -5.32 3.13
CA TRP A 22 -5.18 -5.71 1.73
C TRP A 22 -3.82 -5.27 1.20
N PRO A 23 -3.16 -6.11 0.37
CA PRO A 23 -1.85 -5.79 -0.21
C PRO A 23 -1.92 -4.67 -1.25
N ALA A 24 -1.29 -3.54 -0.94
CA ALA A 24 -1.26 -2.38 -1.83
C ALA A 24 0.17 -1.93 -2.07
N LEU A 25 0.36 -0.97 -2.97
CA LEU A 25 1.70 -0.46 -3.27
C LEU A 25 1.72 1.07 -3.20
N LEU A 26 2.58 1.60 -2.34
CA LEU A 26 2.70 3.05 -2.16
C LEU A 26 3.28 3.71 -3.41
N LEU A 27 2.60 4.74 -3.90
CA LEU A 27 3.04 5.47 -5.08
C LEU A 27 3.60 6.84 -4.68
N ARG A 28 2.82 7.61 -3.90
CA ARG A 28 3.26 8.93 -3.46
C ARG A 28 2.52 9.37 -2.20
N ARG A 29 3.00 10.44 -1.58
CA ARG A 29 2.38 10.98 -0.37
C ARG A 29 1.91 12.41 -0.61
N LYS A 30 0.59 12.62 -0.53
CA LYS A 30 0.01 13.94 -0.74
C LYS A 30 -0.49 14.53 0.57
N GLU A 31 -0.02 15.74 0.88
CA GLU A 31 -0.41 16.43 2.11
C GLU A 31 -1.48 17.47 1.83
N THR A 32 -2.64 17.32 2.47
CA THR A 32 -3.75 18.26 2.31
C THR A 32 -4.31 18.66 3.67
N LYS A 33 -4.45 19.97 3.89
CA LYS A 33 -4.98 20.50 5.14
C LYS A 33 -6.16 21.43 4.91
N ASP A 34 -6.75 21.93 5.99
CA ASP A 34 -7.88 22.85 5.90
C ASP A 34 -7.72 24.03 6.86
N SER A 35 -6.50 24.56 6.94
CA SER A 35 -6.23 25.68 7.82
C SER A 35 -5.76 26.91 7.02
N LEU A 36 -4.48 26.92 6.62
CA LEU A 36 -3.92 28.03 5.86
C LEU A 36 -4.14 29.38 6.56
N ASN A 37 -4.23 29.35 7.89
CA ASN A 37 -4.46 30.56 8.67
C ASN A 37 -4.25 30.28 10.16
N THR A 38 -5.15 29.48 10.74
CA THR A 38 -5.07 29.13 12.16
C THR A 38 -6.16 28.12 12.52
N ASN A 39 -5.98 26.88 12.06
CA ASN A 39 -6.94 25.81 12.32
C ASN A 39 -6.24 24.58 12.91
N SER A 40 -5.04 24.29 12.42
CA SER A 40 -4.26 23.14 12.89
C SER A 40 -4.97 21.82 12.56
N SER A 41 -5.29 21.62 11.29
CA SER A 41 -5.97 20.40 10.85
C SER A 41 -5.32 19.86 9.57
N PHE A 42 -4.33 18.99 9.74
CA PHE A 42 -3.63 18.39 8.60
C PHE A 42 -4.22 17.02 8.26
N ASN A 43 -4.30 16.72 6.97
CA ASN A 43 -4.83 15.45 6.50
C ASN A 43 -3.95 14.87 5.40
N VAL A 44 -2.87 14.21 5.83
CA VAL A 44 -1.94 13.58 4.88
C VAL A 44 -2.27 12.12 4.66
N LEU A 45 -2.22 11.69 3.41
CA LEU A 45 -2.52 10.30 3.05
C LEU A 45 -1.43 9.70 2.18
N TYR A 46 -1.48 8.37 2.03
CA TYR A 46 -0.53 7.63 1.22
C TYR A 46 -1.19 7.09 -0.04
N LYS A 47 -0.88 7.70 -1.19
CA LYS A 47 -1.46 7.27 -2.46
C LYS A 47 -0.94 5.88 -2.83
N VAL A 48 -1.71 4.85 -2.50
CA VAL A 48 -1.32 3.48 -2.78
C VAL A 48 -2.20 2.84 -3.86
N LEU A 49 -1.66 1.80 -4.50
CA LEU A 49 -2.38 1.08 -5.54
C LEU A 49 -2.77 -0.30 -5.04
N PHE A 50 -4.03 -0.68 -5.27
CA PHE A 50 -4.52 -1.97 -4.83
C PHE A 50 -4.41 -3.01 -5.95
N PHE A 51 -4.55 -4.28 -5.59
CA PHE A 51 -4.45 -5.37 -6.56
C PHE A 51 -5.55 -6.42 -6.33
N PRO A 52 -5.85 -7.26 -7.35
CA PRO A 52 -5.18 -7.26 -8.66
C PRO A 52 -5.76 -6.23 -9.64
N ASP A 53 -7.04 -5.89 -9.47
CA ASP A 53 -7.74 -4.95 -10.35
C ASP A 53 -6.94 -3.66 -10.61
N PHE A 54 -6.01 -3.33 -9.71
CA PHE A 54 -5.18 -2.12 -9.84
C PHE A 54 -6.00 -0.87 -9.56
N ASN A 55 -6.57 -0.81 -8.35
CA ASN A 55 -7.39 0.33 -7.94
C ASN A 55 -6.57 1.30 -7.08
N PHE A 56 -7.22 2.39 -6.66
CA PHE A 56 -6.56 3.39 -5.84
C PHE A 56 -7.29 3.61 -4.53
N ALA A 57 -6.57 4.21 -3.57
CA ALA A 57 -7.14 4.52 -2.27
C ALA A 57 -6.18 5.36 -1.43
N TRP A 58 -6.67 6.51 -0.96
CA TRP A 58 -5.85 7.41 -0.15
C TRP A 58 -6.01 7.06 1.34
N VAL A 59 -4.97 6.42 1.89
CA VAL A 59 -4.99 6.02 3.30
C VAL A 59 -3.78 6.57 4.03
N LYS A 60 -3.99 7.05 5.26
CA LYS A 60 -2.90 7.61 6.06
C LYS A 60 -1.90 6.52 6.45
N ARG A 61 -0.95 6.86 7.31
CA ARG A 61 0.06 5.90 7.76
C ARG A 61 -0.44 5.04 8.91
N ASN A 62 -1.43 5.54 9.65
CA ASN A 62 -1.99 4.80 10.79
C ASN A 62 -2.74 3.54 10.33
N SER A 63 -3.39 3.62 9.18
CA SER A 63 -4.12 2.48 8.64
C SER A 63 -3.28 1.70 7.62
N VAL A 64 -1.96 1.93 7.64
CA VAL A 64 -1.05 1.26 6.72
C VAL A 64 0.11 0.62 7.49
N LYS A 65 0.60 -0.51 6.97
CA LYS A 65 1.71 -1.23 7.60
C LYS A 65 2.75 -1.64 6.57
N PRO A 66 4.05 -1.49 6.90
CA PRO A 66 5.15 -1.85 5.98
C PRO A 66 5.11 -3.32 5.59
N LEU A 67 4.96 -3.58 4.30
CA LEU A 67 4.91 -4.95 3.79
C LEU A 67 6.22 -5.33 3.11
N LEU A 68 6.71 -6.53 3.42
CA LEU A 68 7.96 -7.02 2.84
C LEU A 68 7.71 -8.10 1.80
N ASP A 69 8.77 -8.49 1.09
CA ASP A 69 8.68 -9.52 0.06
C ASP A 69 8.44 -10.88 0.68
N SER A 70 9.22 -11.21 1.70
CA SER A 70 9.10 -12.49 2.40
C SER A 70 7.71 -12.61 3.03
N GLU A 71 7.24 -11.52 3.63
CA GLU A 71 5.92 -11.50 4.27
C GLU A 71 4.82 -11.80 3.26
N ILE A 72 4.87 -11.12 2.11
CA ILE A 72 3.88 -11.33 1.06
C ILE A 72 3.91 -12.79 0.60
N ALA A 73 5.09 -13.27 0.25
CA ALA A 73 5.26 -14.67 -0.17
C ALA A 73 4.74 -15.60 0.91
N LYS A 74 4.93 -15.20 2.16
CA LYS A 74 4.49 -15.98 3.31
C LYS A 74 2.97 -15.99 3.42
N PHE A 75 2.37 -14.80 3.38
CA PHE A 75 0.92 -14.67 3.47
C PHE A 75 0.22 -15.66 2.53
N LEU A 76 0.68 -15.70 1.28
CA LEU A 76 0.11 -16.60 0.29
C LEU A 76 0.26 -18.05 0.73
N GLY A 77 1.33 -18.34 1.46
CA GLY A 77 1.57 -19.69 1.95
C GLY A 77 0.91 -19.95 3.29
N SER A 78 -0.07 -19.11 3.67
CA SER A 78 -0.78 -19.26 4.94
C SER A 78 -1.62 -20.54 4.95
N SER A 79 -2.41 -20.70 6.02
CA SER A 79 -3.27 -21.88 6.16
C SER A 79 -4.52 -21.58 6.98
N LYS A 80 -4.98 -20.32 6.96
CA LYS A 80 -6.17 -19.92 7.71
C LYS A 80 -7.23 -19.35 6.79
N ARG A 81 -6.81 -18.55 5.81
CA ARG A 81 -7.72 -17.93 4.87
C ARG A 81 -7.16 -18.05 3.45
N LYS A 82 -7.70 -19.00 2.71
CA LYS A 82 -7.27 -19.25 1.34
C LYS A 82 -8.40 -18.99 0.35
N SER A 83 -8.43 -17.79 -0.21
CA SER A 83 -9.46 -17.43 -1.18
C SER A 83 -8.81 -16.85 -2.43
N LYS A 84 -9.49 -17.01 -3.57
CA LYS A 84 -8.97 -16.49 -4.83
C LYS A 84 -8.73 -14.99 -4.75
N GLU A 85 -9.72 -14.26 -4.23
CA GLU A 85 -9.61 -12.81 -4.10
C GLU A 85 -8.47 -12.43 -3.16
N LEU A 86 -8.23 -13.26 -2.14
CA LEU A 86 -7.15 -12.97 -1.18
C LEU A 86 -5.79 -13.34 -1.76
N ILE A 87 -5.66 -14.57 -2.25
CA ILE A 87 -4.40 -15.03 -2.83
C ILE A 87 -4.02 -14.15 -4.02
N GLU A 88 -4.95 -13.97 -4.96
CA GLU A 88 -4.69 -13.14 -6.13
C GLU A 88 -4.25 -11.75 -5.71
N ALA A 89 -4.70 -11.31 -4.52
CA ALA A 89 -4.34 -10.00 -4.01
C ALA A 89 -2.86 -9.92 -3.71
N TYR A 90 -2.39 -10.81 -2.85
CA TYR A 90 -0.98 -10.82 -2.47
C TYR A 90 -0.11 -11.28 -3.65
N GLU A 91 -0.68 -12.11 -4.52
CA GLU A 91 0.03 -12.61 -5.68
C GLU A 91 0.10 -11.53 -6.77
N ALA A 92 -0.86 -10.62 -6.77
CA ALA A 92 -0.90 -9.54 -7.76
C ALA A 92 0.07 -8.42 -7.38
N SER A 93 0.19 -8.18 -6.07
CA SER A 93 1.07 -7.13 -5.56
C SER A 93 2.54 -7.56 -5.66
N LYS A 94 2.79 -8.86 -5.54
CA LYS A 94 4.15 -9.39 -5.61
C LYS A 94 4.82 -9.01 -6.93
N THR A 95 4.07 -9.09 -8.03
CA THR A 95 4.57 -8.77 -9.37
C THR A 95 5.42 -7.49 -9.37
N PRO A 96 6.75 -7.63 -9.40
CA PRO A 96 7.68 -6.47 -9.42
C PRO A 96 7.43 -5.54 -10.61
N PRO A 97 7.24 -6.09 -11.83
CA PRO A 97 7.00 -5.29 -13.04
C PRO A 97 6.03 -4.14 -12.83
N ASP A 98 5.04 -4.34 -11.93
CA ASP A 98 4.05 -3.31 -11.63
C ASP A 98 4.72 -1.95 -11.44
N LEU A 99 5.79 -1.93 -10.63
CA LEU A 99 6.53 -0.71 -10.36
C LEU A 99 7.94 -0.81 -10.93
N LYS A 100 8.81 -1.54 -10.22
CA LYS A 100 10.21 -1.74 -10.64
C LYS A 100 10.93 -0.41 -10.88
N GLU A 101 10.78 0.16 -12.08
CA GLU A 101 11.41 1.44 -12.42
C GLU A 101 10.36 2.48 -12.82
N GLU A 102 10.41 3.64 -12.16
CA GLU A 102 9.47 4.72 -12.44
C GLU A 102 10.13 5.84 -13.25
N SER A 103 11.42 6.08 -12.98
CA SER A 103 12.17 7.11 -13.68
C SER A 103 13.57 6.62 -14.04
N SER A 104 14.33 6.19 -13.03
CA SER A 104 15.69 5.69 -13.25
C SER A 104 16.16 4.88 -12.05
N THR A 105 16.45 3.60 -12.27
CA THR A 105 16.91 2.71 -11.20
C THR A 105 18.12 1.90 -11.64
N ASP A 106 19.29 2.25 -11.10
CA ASP A 106 20.53 1.54 -11.42
C ASP A 106 21.67 1.99 -10.51
N LEU A 107 22.57 1.07 -10.18
CA LEU A 107 23.71 1.38 -9.30
C LEU A 107 24.69 2.31 -10.00
N GLU A 108 25.18 1.90 -11.17
CA GLU A 108 26.14 2.71 -11.94
C GLU A 108 26.11 2.34 -13.41
N SER A 1 13.87 8.92 14.14
CA SER A 1 14.16 7.46 14.25
C SER A 1 12.89 6.66 14.53
N ALA A 2 13.02 5.33 14.52
CA ALA A 2 11.88 4.44 14.77
C ALA A 2 10.93 4.44 13.58
N ASP A 3 10.31 3.29 13.30
CA ASP A 3 9.38 3.15 12.17
C ASP A 3 10.05 3.54 10.87
N ASP A 4 11.35 3.25 10.75
CA ASP A 4 12.11 3.57 9.55
C ASP A 4 11.71 2.62 8.41
N ARG A 5 10.63 2.99 7.71
CA ARG A 5 10.12 2.19 6.60
C ARG A 5 9.10 2.99 5.79
N LEU A 6 8.52 2.35 4.77
CA LEU A 6 7.52 2.99 3.90
C LEU A 6 8.16 4.07 3.02
N ASN A 7 8.21 3.82 1.71
CA ASN A 7 8.80 4.77 0.76
C ASN A 7 8.01 4.81 -0.55
N PHE A 8 8.37 5.77 -1.42
CA PHE A 8 7.68 5.93 -2.71
C PHE A 8 7.95 4.72 -3.61
N GLY A 9 6.90 4.22 -4.25
CA GLY A 9 7.03 3.07 -5.12
C GLY A 9 7.45 1.81 -4.38
N ASP A 10 6.78 1.55 -3.25
CA ASP A 10 7.09 0.38 -2.44
C ASP A 10 5.82 -0.33 -1.98
N ARG A 11 5.86 -1.66 -1.98
CA ARG A 11 4.71 -2.46 -1.57
C ARG A 11 4.38 -2.24 -0.10
N ILE A 12 3.18 -1.70 0.16
CA ILE A 12 2.74 -1.43 1.52
C ILE A 12 1.40 -2.11 1.81
N LEU A 13 1.18 -2.46 3.08
CA LEU A 13 -0.06 -3.11 3.49
C LEU A 13 -1.05 -2.07 4.00
N VAL A 14 -2.21 -2.01 3.35
CA VAL A 14 -3.24 -1.04 3.73
C VAL A 14 -4.52 -1.75 4.19
N LYS A 15 -5.01 -1.36 5.37
CA LYS A 15 -6.23 -1.96 5.92
C LYS A 15 -7.42 -1.04 5.74
N ALA A 16 -8.56 -1.61 5.36
CA ALA A 16 -9.78 -0.85 5.15
C ALA A 16 -10.66 -0.86 6.41
N PRO A 17 -11.65 0.05 6.49
CA PRO A 17 -12.56 0.13 7.64
C PRO A 17 -13.39 -1.15 7.79
N GLY A 18 -12.95 -2.03 8.68
CA GLY A 18 -13.64 -3.30 8.89
C GLY A 18 -13.05 -4.43 8.08
N TYR A 19 -12.47 -4.11 6.93
CA TYR A 19 -11.86 -5.11 6.07
C TYR A 19 -10.42 -5.41 6.50
N PRO A 20 -9.93 -6.63 6.23
CA PRO A 20 -8.57 -7.05 6.58
C PRO A 20 -7.49 -6.28 5.81
N TRP A 21 -6.24 -6.46 6.20
CA TRP A 21 -5.12 -5.79 5.53
C TRP A 21 -5.00 -6.22 4.08
N TRP A 22 -4.76 -5.26 3.19
CA TRP A 22 -4.64 -5.53 1.77
C TRP A 22 -3.29 -5.07 1.23
N PRO A 23 -2.71 -5.80 0.26
CA PRO A 23 -1.41 -5.46 -0.34
C PRO A 23 -1.51 -4.39 -1.42
N ALA A 24 -1.02 -3.20 -1.11
CA ALA A 24 -1.04 -2.08 -2.05
C ALA A 24 0.37 -1.58 -2.31
N LEU A 25 0.50 -0.63 -3.23
CA LEU A 25 1.81 -0.07 -3.57
C LEU A 25 1.82 1.44 -3.35
N LEU A 26 2.69 1.89 -2.44
CA LEU A 26 2.80 3.32 -2.15
C LEU A 26 3.28 4.10 -3.37
N LEU A 27 2.50 5.09 -3.78
CA LEU A 27 2.86 5.91 -4.93
C LEU A 27 3.38 7.28 -4.50
N ARG A 28 2.56 8.00 -3.72
CA ARG A 28 2.94 9.32 -3.22
C ARG A 28 2.04 9.76 -2.07
N ARG A 29 2.57 10.62 -1.20
CA ARG A 29 1.81 11.11 -0.06
C ARG A 29 1.42 12.57 -0.26
N LYS A 30 0.13 12.82 -0.45
CA LYS A 30 -0.36 14.17 -0.66
C LYS A 30 -0.86 14.76 0.66
N GLU A 31 -0.08 15.67 1.22
CA GLU A 31 -0.42 16.31 2.49
C GLU A 31 -1.37 17.48 2.27
N THR A 32 -2.60 17.35 2.76
CA THR A 32 -3.60 18.40 2.63
C THR A 32 -4.16 18.78 4.00
N LYS A 33 -4.10 20.07 4.32
CA LYS A 33 -4.58 20.56 5.61
C LYS A 33 -5.90 21.32 5.46
N ASP A 34 -6.50 21.68 6.59
CA ASP A 34 -7.76 22.42 6.61
C ASP A 34 -8.00 23.05 7.98
N SER A 35 -7.08 23.92 8.40
CA SER A 35 -7.18 24.60 9.69
C SER A 35 -8.44 25.47 9.76
N LEU A 36 -9.00 25.82 8.60
CA LEU A 36 -10.21 26.64 8.53
C LEU A 36 -11.32 26.07 9.41
N ASN A 37 -11.33 24.74 9.57
CA ASN A 37 -12.33 24.07 10.40
C ASN A 37 -12.36 24.66 11.81
N THR A 38 -11.20 24.65 12.49
CA THR A 38 -11.10 25.18 13.84
C THR A 38 -9.68 25.66 14.13
N ASN A 39 -8.73 24.72 14.22
CA ASN A 39 -7.34 25.05 14.49
C ASN A 39 -6.46 23.81 14.43
N SER A 40 -5.40 23.88 13.61
CA SER A 40 -4.46 22.76 13.46
C SER A 40 -5.19 21.49 13.00
N SER A 41 -5.57 21.47 11.72
CA SER A 41 -6.26 20.32 11.14
C SER A 41 -5.54 19.80 9.91
N PHE A 42 -4.74 18.75 10.10
CA PHE A 42 -3.97 18.17 8.99
C PHE A 42 -4.63 16.88 8.51
N ASN A 43 -4.59 16.67 7.19
CA ASN A 43 -5.18 15.47 6.58
C ASN A 43 -4.22 14.88 5.56
N VAL A 44 -3.26 14.11 6.03
CA VAL A 44 -2.27 13.47 5.17
C VAL A 44 -2.67 12.03 4.87
N LEU A 45 -2.53 11.62 3.62
CA LEU A 45 -2.88 10.27 3.20
C LEU A 45 -1.76 9.66 2.35
N TYR A 46 -1.90 8.37 2.06
CA TYR A 46 -0.92 7.64 1.27
C TYR A 46 -1.55 7.11 -0.02
N LYS A 47 -1.24 7.76 -1.14
CA LYS A 47 -1.76 7.35 -2.43
C LYS A 47 -1.15 6.00 -2.84
N VAL A 48 -1.80 4.91 -2.47
CA VAL A 48 -1.31 3.57 -2.77
C VAL A 48 -2.14 2.89 -3.85
N LEU A 49 -1.52 1.97 -4.59
CA LEU A 49 -2.20 1.23 -5.66
C LEU A 49 -2.59 -0.15 -5.15
N PHE A 50 -3.83 -0.55 -5.40
CA PHE A 50 -4.31 -1.86 -4.97
C PHE A 50 -4.15 -2.90 -6.08
N PHE A 51 -4.10 -4.17 -5.69
CA PHE A 51 -3.95 -5.26 -6.64
C PHE A 51 -4.84 -6.45 -6.28
N PRO A 52 -5.39 -7.15 -7.29
CA PRO A 52 -5.18 -6.84 -8.70
C PRO A 52 -6.14 -5.77 -9.23
N ASP A 53 -6.15 -5.58 -10.55
CA ASP A 53 -7.03 -4.60 -11.22
C ASP A 53 -6.53 -3.15 -11.04
N PHE A 54 -5.53 -2.95 -10.19
CA PHE A 54 -4.97 -1.61 -9.96
C PHE A 54 -6.06 -0.64 -9.48
N ASN A 55 -6.47 -0.79 -8.22
CA ASN A 55 -7.50 0.06 -7.64
C ASN A 55 -6.94 0.90 -6.47
N PHE A 56 -6.05 1.80 -6.81
CA PHE A 56 -5.41 2.68 -5.81
C PHE A 56 -6.45 3.34 -4.89
N ALA A 57 -5.98 3.82 -3.74
CA ALA A 57 -6.84 4.47 -2.75
C ALA A 57 -6.07 5.51 -1.94
N TRP A 58 -6.81 6.35 -1.21
CA TRP A 58 -6.22 7.40 -0.38
C TRP A 58 -6.57 7.17 1.10
N VAL A 59 -5.59 6.70 1.87
CA VAL A 59 -5.78 6.45 3.29
C VAL A 59 -4.57 6.91 4.10
N LYS A 60 -4.81 7.32 5.35
CA LYS A 60 -3.72 7.78 6.21
C LYS A 60 -2.75 6.64 6.52
N ARG A 61 -1.53 7.00 6.93
CA ARG A 61 -0.50 6.02 7.28
C ARG A 61 -0.96 5.10 8.42
N ASN A 62 -1.93 5.56 9.21
CA ASN A 62 -2.45 4.77 10.33
C ASN A 62 -2.97 3.41 9.85
N SER A 63 -3.54 3.38 8.65
CA SER A 63 -4.06 2.14 8.08
C SER A 63 -3.08 1.53 7.08
N VAL A 64 -1.84 2.02 7.08
CA VAL A 64 -0.81 1.54 6.17
C VAL A 64 0.41 1.00 6.93
N LYS A 65 1.09 0.03 6.33
CA LYS A 65 2.28 -0.58 6.93
C LYS A 65 3.24 -1.10 5.87
N PRO A 66 4.53 -1.29 6.21
CA PRO A 66 5.55 -1.78 5.28
C PRO A 66 5.38 -3.28 4.98
N LEU A 67 5.27 -3.60 3.69
CA LEU A 67 5.12 -5.00 3.26
C LEU A 67 6.43 -5.57 2.76
N LEU A 68 6.70 -6.84 3.08
CA LEU A 68 7.93 -7.50 2.66
C LEU A 68 7.66 -8.59 1.64
N ASP A 69 8.74 -9.16 1.11
CA ASP A 69 8.62 -10.24 0.13
C ASP A 69 8.31 -11.56 0.81
N SER A 70 8.92 -11.79 1.98
CA SER A 70 8.70 -13.01 2.74
C SER A 70 7.28 -13.04 3.29
N GLU A 71 6.79 -11.90 3.78
CA GLU A 71 5.44 -11.81 4.34
C GLU A 71 4.38 -12.13 3.28
N ILE A 72 4.52 -11.54 2.10
CA ILE A 72 3.58 -11.80 1.00
C ILE A 72 3.71 -13.24 0.53
N ALA A 73 4.95 -13.72 0.44
CA ALA A 73 5.23 -15.09 0.02
C ALA A 73 4.49 -16.09 0.89
N LYS A 74 4.79 -16.04 2.19
CA LYS A 74 4.16 -16.92 3.17
C LYS A 74 2.66 -16.67 3.25
N PHE A 75 2.29 -15.39 3.21
CA PHE A 75 0.87 -15.01 3.28
C PHE A 75 0.04 -15.86 2.33
N LEU A 76 0.40 -15.84 1.06
CA LEU A 76 -0.31 -16.60 0.04
C LEU A 76 -0.22 -18.10 0.33
N GLY A 77 0.90 -18.52 0.90
CA GLY A 77 1.09 -19.92 1.24
C GLY A 77 0.67 -20.24 2.67
N SER A 78 -0.18 -19.37 3.25
CA SER A 78 -0.64 -19.56 4.62
C SER A 78 -1.56 -20.78 4.72
N SER A 79 -2.14 -20.98 5.91
CA SER A 79 -3.04 -22.10 6.14
C SER A 79 -4.15 -21.73 7.14
N LYS A 80 -4.50 -20.44 7.19
CA LYS A 80 -5.54 -19.97 8.09
C LYS A 80 -6.65 -19.24 7.33
N ARG A 81 -6.24 -18.42 6.36
CA ARG A 81 -7.19 -17.66 5.55
C ARG A 81 -6.81 -17.73 4.08
N LYS A 82 -7.52 -18.58 3.35
CA LYS A 82 -7.27 -18.77 1.93
C LYS A 82 -8.52 -18.45 1.11
N SER A 83 -8.47 -17.32 0.39
CA SER A 83 -9.59 -16.90 -0.44
C SER A 83 -9.09 -16.46 -1.82
N LYS A 84 -9.85 -16.76 -2.86
CA LYS A 84 -9.47 -16.39 -4.22
C LYS A 84 -9.25 -14.88 -4.32
N GLU A 85 -10.10 -14.12 -3.62
CA GLU A 85 -10.01 -12.66 -3.62
C GLU A 85 -8.81 -12.20 -2.78
N LEU A 86 -8.49 -12.96 -1.73
CA LEU A 86 -7.37 -12.61 -0.86
C LEU A 86 -6.04 -13.01 -1.48
N ILE A 87 -5.96 -14.24 -2.00
CA ILE A 87 -4.73 -14.73 -2.63
C ILE A 87 -4.37 -13.84 -3.82
N GLU A 88 -5.32 -13.66 -4.73
CA GLU A 88 -5.09 -12.83 -5.91
C GLU A 88 -4.56 -11.46 -5.51
N ALA A 89 -4.92 -11.02 -4.31
CA ALA A 89 -4.47 -9.73 -3.80
C ALA A 89 -2.98 -9.72 -3.56
N TYR A 90 -2.53 -10.62 -2.67
CA TYR A 90 -1.11 -10.70 -2.35
C TYR A 90 -0.32 -11.25 -3.53
N GLU A 91 -0.98 -12.04 -4.38
CA GLU A 91 -0.36 -12.61 -5.56
C GLU A 91 -0.18 -11.54 -6.63
N ALA A 92 -1.09 -10.55 -6.63
CA ALA A 92 -1.02 -9.47 -7.61
C ALA A 92 0.02 -8.42 -7.21
N SER A 93 0.19 -8.24 -5.90
CA SER A 93 1.16 -7.28 -5.37
C SER A 93 2.58 -7.86 -5.32
N LYS A 94 2.68 -9.19 -5.31
CA LYS A 94 3.97 -9.87 -5.25
C LYS A 94 4.87 -9.45 -6.42
N THR A 95 4.31 -9.44 -7.63
CA THR A 95 5.07 -9.07 -8.83
C THR A 95 5.85 -7.78 -8.61
N PRO A 96 7.18 -7.88 -8.38
CA PRO A 96 8.03 -6.70 -8.16
C PRO A 96 7.92 -5.65 -9.28
N PRO A 97 7.89 -6.09 -10.56
CA PRO A 97 7.79 -5.18 -11.73
C PRO A 97 6.77 -4.05 -11.56
N ASP A 98 5.71 -4.26 -10.77
CA ASP A 98 4.68 -3.24 -10.57
C ASP A 98 5.28 -1.94 -10.01
N LEU A 99 5.30 -0.90 -10.85
CA LEU A 99 5.85 0.40 -10.45
C LEU A 99 7.37 0.32 -10.28
N LYS A 100 7.82 -0.31 -9.20
CA LYS A 100 9.25 -0.46 -8.91
C LYS A 100 9.93 0.91 -8.78
N GLU A 101 9.48 1.68 -7.78
CA GLU A 101 10.02 3.02 -7.51
C GLU A 101 9.75 3.97 -8.69
N GLU A 102 10.57 3.85 -9.73
CA GLU A 102 10.44 4.69 -10.93
C GLU A 102 10.66 6.17 -10.62
N SER A 103 11.25 6.90 -11.58
CA SER A 103 11.51 8.32 -11.41
C SER A 103 11.90 8.98 -12.74
N SER A 104 12.10 10.30 -12.71
CA SER A 104 12.49 11.04 -13.90
C SER A 104 13.97 11.43 -13.88
N THR A 105 14.76 10.72 -13.06
CA THR A 105 16.20 10.98 -12.94
C THR A 105 16.51 12.48 -12.87
N ASP A 106 15.63 13.23 -12.20
CA ASP A 106 15.80 14.68 -12.05
C ASP A 106 15.94 15.38 -13.40
N LEU A 107 14.79 15.69 -14.02
CA LEU A 107 14.77 16.35 -15.32
C LEU A 107 13.53 17.23 -15.47
N GLU A 108 12.35 16.65 -15.20
CA GLU A 108 11.09 17.39 -15.31
C GLU A 108 10.79 17.74 -16.77
N SER A 1 18.17 5.31 11.99
CA SER A 1 16.83 5.94 12.05
C SER A 1 15.73 4.89 11.87
N ALA A 2 14.53 5.20 12.37
CA ALA A 2 13.41 4.29 12.27
C ALA A 2 12.39 4.76 11.23
N ASP A 3 12.84 5.60 10.31
CA ASP A 3 11.98 6.13 9.26
C ASP A 3 12.56 5.86 7.86
N ASP A 4 13.24 4.73 7.73
CA ASP A 4 13.84 4.35 6.46
C ASP A 4 12.93 3.37 5.70
N ARG A 5 11.62 3.63 5.74
CA ARG A 5 10.64 2.78 5.06
C ARG A 5 9.43 3.60 4.62
N LEU A 6 8.49 2.96 3.91
CA LEU A 6 7.27 3.62 3.42
C LEU A 6 7.60 4.78 2.49
N ASN A 7 7.86 4.46 1.22
CA ASN A 7 8.20 5.48 0.22
C ASN A 7 7.53 5.18 -1.12
N PHE A 8 7.82 6.02 -2.12
CA PHE A 8 7.23 5.85 -3.45
C PHE A 8 7.74 4.57 -4.11
N GLY A 9 6.82 3.83 -4.73
CA GLY A 9 7.18 2.58 -5.38
C GLY A 9 7.49 1.47 -4.38
N ASP A 10 6.82 1.52 -3.22
CA ASP A 10 7.03 0.52 -2.18
C ASP A 10 5.72 -0.17 -1.82
N ARG A 11 5.69 -1.50 -1.96
CA ARG A 11 4.49 -2.28 -1.64
C ARG A 11 4.19 -2.24 -0.15
N ILE A 12 3.05 -1.63 0.19
CA ILE A 12 2.63 -1.51 1.58
C ILE A 12 1.24 -2.12 1.79
N LEU A 13 0.98 -2.60 3.00
CA LEU A 13 -0.31 -3.21 3.33
C LEU A 13 -1.24 -2.17 3.94
N VAL A 14 -2.40 -1.99 3.32
CA VAL A 14 -3.39 -1.03 3.80
C VAL A 14 -4.72 -1.70 4.12
N LYS A 15 -5.36 -1.24 5.20
CA LYS A 15 -6.65 -1.79 5.61
C LYS A 15 -7.81 -0.90 5.15
N ALA A 16 -8.87 -1.54 4.64
CA ALA A 16 -10.04 -0.81 4.15
C ALA A 16 -11.17 -0.86 5.17
N PRO A 17 -12.05 0.16 5.18
CA PRO A 17 -13.18 0.24 6.11
C PRO A 17 -14.05 -1.02 6.06
N GLY A 18 -14.17 -1.69 7.20
CA GLY A 18 -14.97 -2.91 7.28
C GLY A 18 -14.38 -4.04 6.46
N TYR A 19 -13.05 -4.05 6.29
CA TYR A 19 -12.38 -5.09 5.52
C TYR A 19 -10.93 -5.26 5.99
N PRO A 20 -10.43 -6.51 6.04
CA PRO A 20 -9.06 -6.81 6.48
C PRO A 20 -8.00 -6.07 5.65
N TRP A 21 -6.73 -6.24 6.03
CA TRP A 21 -5.63 -5.59 5.32
C TRP A 21 -5.50 -6.12 3.89
N TRP A 22 -5.10 -5.24 2.97
CA TRP A 22 -4.95 -5.62 1.56
C TRP A 22 -3.61 -5.13 1.02
N PRO A 23 -2.96 -5.93 0.14
CA PRO A 23 -1.67 -5.58 -0.46
C PRO A 23 -1.79 -4.48 -1.50
N ALA A 24 -1.21 -3.32 -1.21
CA ALA A 24 -1.24 -2.19 -2.12
C ALA A 24 0.18 -1.66 -2.38
N LEU A 25 0.31 -0.72 -3.30
CA LEU A 25 1.63 -0.15 -3.63
C LEU A 25 1.61 1.37 -3.53
N LEU A 26 2.45 1.91 -2.65
CA LEU A 26 2.55 3.36 -2.45
C LEU A 26 2.99 4.09 -3.72
N LEU A 27 2.23 5.14 -4.07
CA LEU A 27 2.53 5.93 -5.25
C LEU A 27 3.12 7.28 -4.85
N ARG A 28 2.37 8.04 -4.05
CA ARG A 28 2.82 9.35 -3.58
C ARG A 28 2.12 9.75 -2.28
N ARG A 29 2.73 10.69 -1.56
CA ARG A 29 2.17 11.17 -0.30
C ARG A 29 1.74 12.63 -0.42
N LYS A 30 0.43 12.85 -0.36
CA LYS A 30 -0.12 14.20 -0.46
C LYS A 30 -0.52 14.73 0.91
N GLU A 31 0.28 15.64 1.45
CA GLU A 31 0.03 16.23 2.76
C GLU A 31 -0.92 17.43 2.65
N THR A 32 -2.11 17.28 3.22
CA THR A 32 -3.11 18.35 3.19
C THR A 32 -3.49 18.78 4.61
N LYS A 33 -3.45 20.09 4.86
CA LYS A 33 -3.78 20.64 6.17
C LYS A 33 -5.27 20.96 6.27
N ASP A 34 -5.66 21.75 7.28
CA ASP A 34 -7.06 22.13 7.48
C ASP A 34 -7.40 23.43 6.75
N SER A 35 -6.71 23.69 5.65
CA SER A 35 -6.94 24.90 4.85
C SER A 35 -6.90 26.16 5.73
N LEU A 36 -5.99 26.16 6.71
CA LEU A 36 -5.84 27.30 7.63
C LEU A 36 -7.15 27.57 8.38
N ASN A 37 -7.53 26.63 9.26
CA ASN A 37 -8.74 26.76 10.05
C ASN A 37 -8.43 27.07 11.52
N THR A 38 -7.22 27.58 11.79
CA THR A 38 -6.79 27.92 13.16
C THR A 38 -7.05 26.76 14.13
N ASN A 39 -7.00 25.53 13.62
CA ASN A 39 -7.20 24.34 14.44
C ASN A 39 -5.90 23.58 14.67
N SER A 40 -4.96 23.71 13.72
CA SER A 40 -3.67 23.04 13.81
C SER A 40 -3.83 21.53 13.73
N SER A 41 -4.32 21.05 12.58
CA SER A 41 -4.52 19.63 12.37
C SER A 41 -4.24 19.25 10.92
N PHE A 42 -3.11 18.57 10.69
CA PHE A 42 -2.73 18.15 9.35
C PHE A 42 -3.41 16.85 8.96
N ASN A 43 -3.53 16.60 7.66
CA ASN A 43 -4.15 15.38 7.16
C ASN A 43 -3.33 14.77 6.02
N VAL A 44 -2.29 14.03 6.39
CA VAL A 44 -1.44 13.39 5.40
C VAL A 44 -1.87 11.95 5.17
N LEU A 45 -1.85 11.54 3.90
CA LEU A 45 -2.25 10.18 3.54
C LEU A 45 -1.23 9.54 2.57
N TYR A 46 -1.49 8.29 2.20
CA TYR A 46 -0.62 7.56 1.29
C TYR A 46 -1.41 7.01 0.11
N LYS A 47 -1.20 7.60 -1.07
CA LYS A 47 -1.89 7.15 -2.28
C LYS A 47 -1.30 5.81 -2.72
N VAL A 48 -2.00 4.72 -2.40
CA VAL A 48 -1.55 3.38 -2.73
C VAL A 48 -2.40 2.73 -3.83
N LEU A 49 -1.78 1.84 -4.61
CA LEU A 49 -2.46 1.12 -5.67
C LEU A 49 -2.85 -0.27 -5.18
N PHE A 50 -4.09 -0.66 -5.43
CA PHE A 50 -4.59 -1.96 -5.01
C PHE A 50 -4.46 -3.00 -6.12
N PHE A 51 -4.50 -4.28 -5.74
CA PHE A 51 -4.38 -5.38 -6.70
C PHE A 51 -5.22 -6.59 -6.25
N PRO A 52 -5.54 -7.52 -7.17
CA PRO A 52 -5.15 -7.43 -8.58
C PRO A 52 -5.82 -6.27 -9.30
N ASP A 53 -7.10 -6.05 -9.00
CA ASP A 53 -7.85 -4.96 -9.61
C ASP A 53 -7.10 -3.64 -9.48
N PHE A 54 -6.64 -3.11 -10.61
CA PHE A 54 -5.88 -1.86 -10.64
C PHE A 54 -6.70 -0.71 -10.05
N ASN A 55 -6.71 -0.63 -8.72
CA ASN A 55 -7.43 0.41 -8.00
C ASN A 55 -6.48 1.15 -7.06
N PHE A 56 -7.02 2.05 -6.23
CA PHE A 56 -6.20 2.80 -5.28
C PHE A 56 -7.01 3.29 -4.09
N ALA A 57 -6.34 3.93 -3.14
CA ALA A 57 -7.01 4.44 -1.95
C ALA A 57 -6.15 5.50 -1.24
N TRP A 58 -6.83 6.41 -0.55
CA TRP A 58 -6.15 7.47 0.19
C TRP A 58 -6.40 7.32 1.69
N VAL A 59 -5.39 6.84 2.41
CA VAL A 59 -5.48 6.64 3.85
C VAL A 59 -4.19 7.04 4.56
N LYS A 60 -4.27 7.22 5.88
CA LYS A 60 -3.10 7.60 6.67
C LYS A 60 -2.22 6.39 6.98
N ARG A 61 -1.00 6.66 7.44
CA ARG A 61 -0.04 5.60 7.79
C ARG A 61 -0.61 4.66 8.86
N ASN A 62 -1.57 5.15 9.65
CA ASN A 62 -2.19 4.36 10.71
C ASN A 62 -2.78 3.07 10.14
N SER A 63 -3.44 3.17 9.00
CA SER A 63 -4.05 2.02 8.35
C SER A 63 -3.12 1.41 7.29
N VAL A 64 -1.82 1.74 7.37
CA VAL A 64 -0.85 1.22 6.41
C VAL A 64 0.36 0.62 7.14
N LYS A 65 0.95 -0.42 6.53
CA LYS A 65 2.12 -1.09 7.11
C LYS A 65 3.11 -1.50 6.02
N PRO A 66 4.43 -1.47 6.34
CA PRO A 66 5.48 -1.85 5.38
C PRO A 66 5.48 -3.34 5.08
N LEU A 67 5.12 -3.69 3.84
CA LEU A 67 5.09 -5.08 3.41
C LEU A 67 6.41 -5.50 2.80
N LEU A 68 6.87 -6.72 3.12
CA LEU A 68 8.13 -7.23 2.59
C LEU A 68 7.89 -8.37 1.61
N ASP A 69 8.97 -8.83 0.98
CA ASP A 69 8.89 -9.92 0.02
C ASP A 69 8.57 -11.24 0.73
N SER A 70 9.12 -11.41 1.93
CA SER A 70 8.88 -12.62 2.72
C SER A 70 7.48 -12.62 3.32
N GLU A 71 6.98 -11.43 3.67
CA GLU A 71 5.64 -11.30 4.25
C GLU A 71 4.56 -11.62 3.23
N ILE A 72 4.78 -11.21 1.98
CA ILE A 72 3.81 -11.47 0.92
C ILE A 72 3.90 -12.93 0.47
N ALA A 73 5.13 -13.43 0.36
CA ALA A 73 5.38 -14.81 -0.04
C ALA A 73 4.67 -15.78 0.91
N LYS A 74 5.02 -15.69 2.18
CA LYS A 74 4.45 -16.54 3.21
C LYS A 74 2.94 -16.34 3.31
N PHE A 75 2.50 -15.09 3.18
CA PHE A 75 1.06 -14.78 3.27
C PHE A 75 0.25 -15.72 2.39
N LEU A 76 0.62 -15.79 1.10
CA LEU A 76 -0.09 -16.66 0.16
C LEU A 76 0.02 -18.12 0.59
N GLY A 77 1.13 -18.47 1.24
CA GLY A 77 1.32 -19.82 1.71
C GLY A 77 0.93 -19.97 3.18
N SER A 78 0.04 -19.10 3.65
CA SER A 78 -0.42 -19.13 5.04
C SER A 78 -1.23 -20.39 5.33
N SER A 79 -1.67 -20.51 6.58
CA SER A 79 -2.46 -21.65 7.01
C SER A 79 -3.57 -21.25 8.00
N LYS A 80 -4.15 -20.06 7.79
CA LYS A 80 -5.21 -19.56 8.65
C LYS A 80 -6.41 -19.09 7.85
N ARG A 81 -6.16 -18.20 6.89
CA ARG A 81 -7.21 -17.67 6.03
C ARG A 81 -6.74 -17.63 4.59
N LYS A 82 -7.17 -18.61 3.80
CA LYS A 82 -6.80 -18.71 2.40
C LYS A 82 -8.02 -18.57 1.50
N SER A 83 -8.21 -17.38 0.93
CA SER A 83 -9.33 -17.11 0.05
C SER A 83 -8.85 -16.75 -1.36
N LYS A 84 -9.60 -17.18 -2.36
CA LYS A 84 -9.25 -16.89 -3.76
C LYS A 84 -9.05 -15.40 -3.98
N GLU A 85 -9.94 -14.60 -3.39
CA GLU A 85 -9.86 -13.14 -3.50
C GLU A 85 -8.64 -12.61 -2.74
N LEU A 86 -8.31 -13.26 -1.61
CA LEU A 86 -7.16 -12.84 -0.81
C LEU A 86 -5.85 -13.26 -1.46
N ILE A 87 -5.78 -14.50 -1.95
CA ILE A 87 -4.57 -14.98 -2.60
C ILE A 87 -4.26 -14.16 -3.84
N GLU A 88 -5.26 -14.00 -4.71
CA GLU A 88 -5.08 -13.21 -5.93
C GLU A 88 -4.55 -11.82 -5.60
N ALA A 89 -4.90 -11.32 -4.41
CA ALA A 89 -4.48 -10.00 -3.96
C ALA A 89 -2.98 -9.97 -3.75
N TYR A 90 -2.48 -10.84 -2.88
CA TYR A 90 -1.05 -10.90 -2.59
C TYR A 90 -0.29 -11.41 -3.81
N GLU A 91 -0.95 -12.25 -4.60
CA GLU A 91 -0.34 -12.79 -5.82
C GLU A 91 -0.15 -11.68 -6.85
N ALA A 92 -1.06 -10.70 -6.84
CA ALA A 92 -0.99 -9.58 -7.78
C ALA A 92 0.09 -8.58 -7.36
N SER A 93 0.21 -8.34 -6.05
CA SER A 93 1.20 -7.42 -5.51
C SER A 93 2.60 -8.06 -5.42
N LYS A 94 2.64 -9.40 -5.43
CA LYS A 94 3.91 -10.15 -5.34
C LYS A 94 4.88 -9.76 -6.46
N THR A 95 4.36 -9.17 -7.54
CA THR A 95 5.18 -8.76 -8.68
C THR A 95 5.56 -7.27 -8.57
N PRO A 96 6.71 -6.96 -7.91
CA PRO A 96 7.18 -5.59 -7.75
C PRO A 96 7.11 -4.76 -9.06
N PRO A 97 7.50 -5.36 -10.21
CA PRO A 97 7.48 -4.65 -11.51
C PRO A 97 6.12 -4.01 -11.82
N ASP A 98 6.00 -3.45 -13.03
CA ASP A 98 4.79 -2.78 -13.46
C ASP A 98 4.48 -1.57 -12.58
N LEU A 99 5.49 -0.72 -12.41
CA LEU A 99 5.38 0.50 -11.59
C LEU A 99 6.69 1.28 -11.57
N LYS A 100 7.81 0.55 -11.39
CA LYS A 100 9.14 1.17 -11.35
C LYS A 100 9.44 1.94 -12.64
N GLU A 101 9.58 1.20 -13.74
CA GLU A 101 9.87 1.83 -15.03
C GLU A 101 8.59 2.12 -15.80
N GLU A 102 8.44 3.35 -16.26
CA GLU A 102 7.25 3.76 -17.01
C GLU A 102 7.63 4.53 -18.27
N SER A 103 7.23 4.01 -19.42
CA SER A 103 7.52 4.62 -20.72
C SER A 103 9.03 4.76 -20.95
N SER A 104 9.83 3.95 -20.25
CA SER A 104 11.29 3.99 -20.40
C SER A 104 11.89 5.31 -19.92
N THR A 105 12.72 5.23 -18.89
CA THR A 105 13.37 6.41 -18.33
C THR A 105 14.83 6.54 -18.80
N ASP A 106 15.06 6.28 -20.09
CA ASP A 106 16.41 6.36 -20.67
C ASP A 106 16.33 6.74 -22.15
N LEU A 107 17.48 7.07 -22.74
CA LEU A 107 17.54 7.45 -24.16
C LEU A 107 17.93 6.24 -25.01
N GLU A 108 17.05 5.91 -25.97
CA GLU A 108 17.30 4.77 -26.86
C GLU A 108 17.00 5.14 -28.31
N SER A 1 12.38 5.12 17.20
CA SER A 1 11.01 5.71 17.31
C SER A 1 10.73 6.68 16.17
N ALA A 2 9.76 6.34 15.33
CA ALA A 2 9.39 7.18 14.18
C ALA A 2 8.12 6.70 13.51
N ASP A 3 7.51 7.58 12.72
CA ASP A 3 6.28 7.26 12.00
C ASP A 3 6.44 7.50 10.50
N ASP A 4 7.62 7.18 9.97
CA ASP A 4 7.89 7.37 8.55
C ASP A 4 8.80 6.27 8.01
N ARG A 5 8.19 5.18 7.52
CA ARG A 5 8.93 4.05 6.97
C ARG A 5 8.34 3.61 5.64
N LEU A 6 7.82 4.57 4.86
CA LEU A 6 7.22 4.28 3.57
C LEU A 6 7.70 5.27 2.50
N ASN A 7 7.99 4.75 1.30
CA ASN A 7 8.46 5.59 0.20
C ASN A 7 7.67 5.31 -1.08
N PHE A 8 8.04 5.99 -2.17
CA PHE A 8 7.37 5.81 -3.46
C PHE A 8 7.74 4.48 -4.09
N GLY A 9 6.73 3.75 -4.56
CA GLY A 9 6.95 2.46 -5.19
C GLY A 9 7.31 1.38 -4.18
N ASP A 10 6.70 1.46 -2.98
CA ASP A 10 6.95 0.50 -1.92
C ASP A 10 5.67 -0.24 -1.54
N ARG A 11 5.74 -1.56 -1.55
CA ARG A 11 4.58 -2.39 -1.19
C ARG A 11 4.22 -2.20 0.28
N ILE A 12 3.04 -1.63 0.51
CA ILE A 12 2.56 -1.38 1.88
C ILE A 12 1.15 -1.90 2.09
N LEU A 13 0.83 -2.26 3.33
CA LEU A 13 -0.49 -2.78 3.68
C LEU A 13 -1.40 -1.65 4.15
N VAL A 14 -2.67 -1.71 3.75
CA VAL A 14 -3.65 -0.70 4.12
C VAL A 14 -4.96 -1.33 4.59
N LYS A 15 -5.40 -0.93 5.78
CA LYS A 15 -6.64 -1.46 6.34
C LYS A 15 -7.77 -0.44 6.17
N ALA A 16 -8.89 -0.88 5.61
CA ALA A 16 -10.04 -0.02 5.39
C ALA A 16 -11.17 -0.35 6.36
N PRO A 17 -12.01 0.65 6.71
CA PRO A 17 -13.13 0.46 7.63
C PRO A 17 -14.04 -0.70 7.20
N GLY A 18 -14.11 -1.72 8.04
CA GLY A 18 -14.93 -2.88 7.73
C GLY A 18 -14.34 -3.74 6.62
N TYR A 19 -13.02 -3.67 6.44
CA TYR A 19 -12.33 -4.44 5.41
C TYR A 19 -10.91 -4.79 5.85
N PRO A 20 -10.54 -6.09 5.77
CA PRO A 20 -9.20 -6.56 6.17
C PRO A 20 -8.08 -5.86 5.42
N TRP A 21 -6.83 -6.13 5.83
CA TRP A 21 -5.66 -5.52 5.20
C TRP A 21 -5.46 -6.05 3.78
N TRP A 22 -5.21 -5.14 2.85
CA TRP A 22 -4.98 -5.51 1.44
C TRP A 22 -3.60 -5.06 0.96
N PRO A 23 -2.96 -5.84 0.07
CA PRO A 23 -1.64 -5.52 -0.46
C PRO A 23 -1.68 -4.38 -1.48
N ALA A 24 -1.26 -3.20 -1.05
CA ALA A 24 -1.23 -2.02 -1.92
C ALA A 24 0.21 -1.55 -2.14
N LEU A 25 0.39 -0.60 -3.06
CA LEU A 25 1.71 -0.07 -3.35
C LEU A 25 1.71 1.46 -3.30
N LEU A 26 2.54 2.01 -2.42
CA LEU A 26 2.64 3.47 -2.27
C LEU A 26 3.08 4.14 -3.56
N LEU A 27 2.37 5.18 -3.96
CA LEU A 27 2.69 5.91 -5.19
C LEU A 27 3.32 7.27 -4.86
N ARG A 28 2.60 8.09 -4.09
CA ARG A 28 3.09 9.41 -3.70
C ARG A 28 2.54 9.83 -2.34
N ARG A 29 3.20 10.82 -1.73
CA ARG A 29 2.79 11.33 -0.42
C ARG A 29 2.27 12.76 -0.55
N LYS A 30 0.95 12.91 -0.54
CA LYS A 30 0.32 14.23 -0.65
C LYS A 30 -0.18 14.74 0.70
N GLU A 31 0.44 15.80 1.19
CA GLU A 31 0.08 16.40 2.47
C GLU A 31 -0.87 17.57 2.27
N THR A 32 -2.13 17.38 2.67
CA THR A 32 -3.14 18.43 2.54
C THR A 32 -3.79 18.71 3.90
N LYS A 33 -3.66 19.95 4.38
CA LYS A 33 -4.24 20.32 5.68
C LYS A 33 -5.76 20.30 5.61
N ASP A 34 -6.40 20.21 6.77
CA ASP A 34 -7.86 20.17 6.86
C ASP A 34 -8.39 21.37 7.63
N SER A 35 -7.92 22.56 7.28
CA SER A 35 -8.36 23.80 7.93
C SER A 35 -9.56 24.41 7.21
N LEU A 36 -10.33 23.58 6.50
CA LEU A 36 -11.51 24.03 5.77
C LEU A 36 -12.56 22.92 5.67
N ASN A 37 -12.62 22.06 6.70
CA ASN A 37 -13.58 20.96 6.72
C ASN A 37 -14.31 20.89 8.05
N THR A 38 -13.60 20.46 9.10
CA THR A 38 -14.19 20.35 10.43
C THR A 38 -13.14 20.69 11.51
N ASN A 39 -12.27 21.64 11.20
CA ASN A 39 -11.21 22.07 12.12
C ASN A 39 -10.29 20.90 12.51
N SER A 40 -9.81 20.17 11.51
CA SER A 40 -8.91 19.04 11.73
C SER A 40 -7.45 19.47 11.63
N SER A 41 -7.09 20.09 10.51
CA SER A 41 -5.72 20.56 10.27
C SER A 41 -4.75 19.40 10.08
N PHE A 42 -3.94 19.46 9.01
CA PHE A 42 -2.95 18.44 8.70
C PHE A 42 -3.61 17.11 8.36
N ASN A 43 -3.82 16.87 7.07
CA ASN A 43 -4.42 15.64 6.59
C ASN A 43 -3.59 15.08 5.44
N VAL A 44 -2.51 14.39 5.79
CA VAL A 44 -1.63 13.79 4.80
C VAL A 44 -1.93 12.31 4.62
N LEU A 45 -2.29 11.94 3.39
CA LEU A 45 -2.60 10.55 3.08
C LEU A 45 -1.51 9.93 2.20
N TYR A 46 -1.69 8.65 1.88
CA TYR A 46 -0.75 7.93 1.04
C TYR A 46 -1.43 7.36 -0.19
N LYS A 47 -1.16 7.96 -1.35
CA LYS A 47 -1.76 7.49 -2.61
C LYS A 47 -1.18 6.12 -2.97
N VAL A 48 -1.89 5.06 -2.62
CA VAL A 48 -1.43 3.70 -2.91
C VAL A 48 -2.26 3.01 -3.96
N LEU A 49 -1.65 2.05 -4.66
CA LEU A 49 -2.33 1.29 -5.70
C LEU A 49 -2.73 -0.08 -5.17
N PHE A 50 -3.97 -0.47 -5.42
CA PHE A 50 -4.48 -1.76 -4.96
C PHE A 50 -4.37 -2.83 -6.06
N PHE A 51 -4.43 -4.09 -5.66
CA PHE A 51 -4.33 -5.21 -6.61
C PHE A 51 -5.33 -6.31 -6.24
N PRO A 52 -5.68 -7.21 -7.20
CA PRO A 52 -5.16 -7.20 -8.58
C PRO A 52 -5.85 -6.16 -9.47
N ASP A 53 -7.06 -5.75 -9.11
CA ASP A 53 -7.85 -4.78 -9.87
C ASP A 53 -7.04 -3.58 -10.35
N PHE A 54 -5.93 -3.26 -9.65
CA PHE A 54 -5.07 -2.13 -10.00
C PHE A 54 -5.75 -0.81 -9.63
N ASN A 55 -6.59 -0.84 -8.60
CA ASN A 55 -7.29 0.35 -8.13
C ASN A 55 -6.38 1.15 -7.20
N PHE A 56 -6.96 2.04 -6.39
CA PHE A 56 -6.17 2.86 -5.47
C PHE A 56 -7.03 3.36 -4.31
N ALA A 57 -6.39 4.04 -3.37
CA ALA A 57 -7.07 4.57 -2.20
C ALA A 57 -6.15 5.49 -1.40
N TRP A 58 -6.72 6.59 -0.90
CA TRP A 58 -5.97 7.56 -0.10
C TRP A 58 -6.10 7.22 1.39
N VAL A 59 -5.04 6.66 1.97
CA VAL A 59 -5.04 6.27 3.38
C VAL A 59 -3.86 6.89 4.12
N LYS A 60 -4.10 7.35 5.34
CA LYS A 60 -3.05 7.96 6.16
C LYS A 60 -2.03 6.91 6.63
N ARG A 61 -1.00 7.38 7.34
CA ARG A 61 0.05 6.51 7.85
C ARG A 61 -0.44 5.64 9.01
N ASN A 62 -1.52 6.06 9.67
CA ASN A 62 -2.08 5.32 10.80
C ASN A 62 -2.67 3.99 10.35
N SER A 63 -3.27 3.96 9.16
CA SER A 63 -3.88 2.75 8.62
C SER A 63 -2.95 2.03 7.64
N VAL A 64 -1.65 2.37 7.68
CA VAL A 64 -0.67 1.75 6.80
C VAL A 64 0.27 0.83 7.57
N LYS A 65 0.79 -0.20 6.89
CA LYS A 65 1.70 -1.16 7.51
C LYS A 65 2.72 -1.68 6.50
N PRO A 66 4.03 -1.46 6.77
CA PRO A 66 5.10 -1.91 5.87
C PRO A 66 5.00 -3.40 5.54
N LEU A 67 4.94 -3.71 4.24
CA LEU A 67 4.84 -5.09 3.78
C LEU A 67 6.13 -5.54 3.10
N LEU A 68 6.50 -6.80 3.30
CA LEU A 68 7.71 -7.36 2.71
C LEU A 68 7.39 -8.62 1.89
N ASP A 69 8.36 -9.04 1.06
CA ASP A 69 8.19 -10.22 0.22
C ASP A 69 8.07 -11.48 1.06
N SER A 70 8.88 -11.58 2.12
CA SER A 70 8.82 -12.74 3.00
C SER A 70 7.44 -12.91 3.62
N GLU A 71 6.73 -11.78 3.80
CA GLU A 71 5.39 -11.81 4.38
C GLU A 71 4.35 -12.13 3.29
N ILE A 72 4.49 -11.48 2.14
CA ILE A 72 3.58 -11.70 1.02
C ILE A 72 3.68 -13.14 0.52
N ALA A 73 4.91 -13.57 0.23
CA ALA A 73 5.16 -14.94 -0.23
C ALA A 73 4.56 -15.93 0.76
N LYS A 74 4.69 -15.61 2.04
CA LYS A 74 4.15 -16.45 3.10
C LYS A 74 2.64 -16.46 3.07
N PHE A 75 2.04 -15.27 3.10
CA PHE A 75 0.59 -15.14 3.07
C PHE A 75 0.01 -16.00 1.94
N LEU A 76 0.67 -15.95 0.79
CA LEU A 76 0.25 -16.71 -0.37
C LEU A 76 0.52 -18.20 -0.16
N GLY A 77 1.65 -18.52 0.50
CA GLY A 77 1.99 -19.90 0.76
C GLY A 77 1.46 -20.40 2.10
N SER A 78 0.45 -19.70 2.64
CA SER A 78 -0.15 -20.05 3.93
C SER A 78 -0.54 -21.53 3.98
N SER A 79 -1.26 -21.98 2.94
CA SER A 79 -1.71 -23.37 2.84
C SER A 79 -2.56 -23.79 4.04
N LYS A 80 -3.06 -22.81 4.81
CA LYS A 80 -3.88 -23.09 5.99
C LYS A 80 -5.17 -22.28 5.97
N ARG A 81 -5.03 -20.96 5.84
CA ARG A 81 -6.18 -20.06 5.79
C ARG A 81 -5.97 -19.01 4.70
N LYS A 82 -6.61 -19.23 3.56
CA LYS A 82 -6.49 -18.34 2.42
C LYS A 82 -7.75 -18.37 1.55
N SER A 83 -8.18 -17.19 1.12
CA SER A 83 -9.36 -17.07 0.26
C SER A 83 -8.95 -16.75 -1.17
N LYS A 84 -9.71 -17.25 -2.14
CA LYS A 84 -9.42 -17.00 -3.57
C LYS A 84 -9.23 -15.51 -3.82
N GLU A 85 -10.14 -14.70 -3.26
CA GLU A 85 -10.09 -13.25 -3.42
C GLU A 85 -8.89 -12.66 -2.68
N LEU A 86 -8.52 -13.27 -1.54
CA LEU A 86 -7.39 -12.80 -0.75
C LEU A 86 -6.06 -13.24 -1.36
N ILE A 87 -5.97 -14.48 -1.81
CA ILE A 87 -4.75 -15.01 -2.41
C ILE A 87 -4.41 -14.24 -3.69
N GLU A 88 -5.39 -14.12 -4.58
CA GLU A 88 -5.18 -13.40 -5.84
C GLU A 88 -4.67 -11.98 -5.57
N ALA A 89 -5.07 -11.42 -4.44
CA ALA A 89 -4.65 -10.07 -4.07
C ALA A 89 -3.17 -10.01 -3.79
N TYR A 90 -2.71 -10.85 -2.87
CA TYR A 90 -1.30 -10.90 -2.52
C TYR A 90 -0.47 -11.40 -3.70
N GLU A 91 -1.06 -12.28 -4.50
CA GLU A 91 -0.39 -12.81 -5.67
C GLU A 91 -0.14 -11.71 -6.70
N ALA A 92 -1.06 -10.73 -6.74
CA ALA A 92 -0.94 -9.61 -7.67
C ALA A 92 0.16 -8.64 -7.23
N SER A 93 0.25 -8.42 -5.91
CA SER A 93 1.26 -7.52 -5.35
C SER A 93 2.64 -8.21 -5.24
N LYS A 94 2.65 -9.54 -5.26
CA LYS A 94 3.89 -10.32 -5.18
C LYS A 94 4.89 -9.92 -6.27
N THR A 95 4.41 -9.35 -7.37
CA THR A 95 5.27 -8.93 -8.47
C THR A 95 5.59 -7.44 -8.40
N PRO A 96 6.80 -7.07 -7.89
CA PRO A 96 7.21 -5.67 -7.78
C PRO A 96 7.15 -4.92 -9.12
N PRO A 97 7.65 -5.54 -10.23
CA PRO A 97 7.65 -4.92 -11.55
C PRO A 97 6.35 -4.17 -11.88
N ASP A 98 5.22 -4.68 -11.38
CA ASP A 98 3.91 -4.08 -11.62
C ASP A 98 3.97 -2.56 -11.50
N LEU A 99 4.51 -2.07 -10.38
CA LEU A 99 4.65 -0.64 -10.16
C LEU A 99 6.11 -0.21 -10.08
N LYS A 100 6.97 -1.08 -9.53
CA LYS A 100 8.40 -0.78 -9.40
C LYS A 100 8.99 -0.28 -10.72
N GLU A 101 8.52 -0.84 -11.84
CA GLU A 101 8.98 -0.44 -13.17
C GLU A 101 8.04 0.58 -13.80
N GLU A 102 6.74 0.43 -13.54
CA GLU A 102 5.71 1.33 -14.09
C GLU A 102 5.51 1.11 -15.58
N SER A 103 4.30 1.42 -16.06
CA SER A 103 3.96 1.26 -17.47
C SER A 103 4.23 2.55 -18.25
N SER A 104 4.06 2.47 -19.58
CA SER A 104 4.28 3.62 -20.45
C SER A 104 3.46 3.48 -21.74
N THR A 105 2.32 4.17 -21.79
CA THR A 105 1.45 4.12 -22.95
C THR A 105 1.10 5.53 -23.45
N ASP A 106 1.69 5.92 -24.59
CA ASP A 106 1.44 7.22 -25.18
C ASP A 106 0.73 7.11 -26.53
N LEU A 107 1.18 6.16 -27.36
CA LEU A 107 0.59 5.94 -28.68
C LEU A 107 -0.41 4.79 -28.65
N GLU A 108 -1.35 4.81 -29.59
CA GLU A 108 -2.36 3.76 -29.68
C GLU A 108 -1.97 2.71 -30.71
N SER A 1 15.52 -3.50 12.85
CA SER A 1 14.99 -2.36 13.64
C SER A 1 14.30 -1.34 12.73
N ALA A 2 13.52 -0.43 13.34
CA ALA A 2 12.80 0.61 12.61
C ALA A 2 11.77 0.01 11.63
N ASP A 3 11.01 0.88 10.97
CA ASP A 3 10.00 0.44 10.02
C ASP A 3 9.62 1.58 9.05
N ASP A 4 10.61 2.37 8.67
CA ASP A 4 10.38 3.49 7.75
C ASP A 4 10.65 3.06 6.30
N ARG A 5 9.74 2.26 5.76
CA ARG A 5 9.86 1.77 4.39
C ARG A 5 8.59 2.04 3.60
N LEU A 6 7.94 3.17 3.89
CA LEU A 6 6.70 3.55 3.22
C LEU A 6 6.95 4.73 2.27
N ASN A 7 7.67 4.46 1.17
CA ASN A 7 7.99 5.49 0.18
C ASN A 7 7.52 5.07 -1.21
N PHE A 8 7.89 5.86 -2.23
CA PHE A 8 7.51 5.56 -3.62
C PHE A 8 8.03 4.20 -4.05
N GLY A 9 7.12 3.36 -4.55
CA GLY A 9 7.50 2.03 -5.00
C GLY A 9 7.85 1.09 -3.85
N ASP A 10 6.99 1.05 -2.83
CA ASP A 10 7.21 0.20 -1.67
C ASP A 10 5.94 -0.56 -1.31
N ARG A 11 6.09 -1.85 -1.02
CA ARG A 11 4.96 -2.70 -0.64
C ARG A 11 4.52 -2.41 0.80
N ILE A 12 3.28 -1.95 0.96
CA ILE A 12 2.75 -1.64 2.28
C ILE A 12 1.32 -2.15 2.42
N LEU A 13 0.96 -2.57 3.64
CA LEU A 13 -0.38 -3.08 3.91
C LEU A 13 -1.29 -1.98 4.43
N VAL A 14 -2.42 -1.79 3.78
CA VAL A 14 -3.38 -0.75 4.18
C VAL A 14 -4.75 -1.35 4.48
N LYS A 15 -5.38 -0.88 5.56
CA LYS A 15 -6.69 -1.37 5.96
C LYS A 15 -7.79 -0.43 5.46
N ALA A 16 -8.88 -1.02 4.95
CA ALA A 16 -10.02 -0.25 4.45
C ALA A 16 -11.21 -0.33 5.40
N PRO A 17 -12.21 0.55 5.23
CA PRO A 17 -13.40 0.57 6.08
C PRO A 17 -14.33 -0.61 5.80
N GLY A 18 -14.52 -1.46 6.81
CA GLY A 18 -15.38 -2.62 6.65
C GLY A 18 -14.62 -3.89 6.27
N TYR A 19 -13.45 -3.72 5.65
CA TYR A 19 -12.64 -4.86 5.24
C TYR A 19 -11.28 -4.85 5.93
N PRO A 20 -10.64 -6.03 6.07
CA PRO A 20 -9.33 -6.15 6.72
C PRO A 20 -8.20 -5.48 5.92
N TRP A 21 -6.96 -5.74 6.32
CA TRP A 21 -5.80 -5.18 5.63
C TRP A 21 -5.62 -5.80 4.24
N TRP A 22 -5.24 -4.97 3.28
CA TRP A 22 -5.03 -5.43 1.90
C TRP A 22 -3.64 -5.04 1.40
N PRO A 23 -3.00 -5.91 0.60
CA PRO A 23 -1.66 -5.66 0.04
C PRO A 23 -1.67 -4.54 -1.01
N ALA A 24 -1.21 -3.36 -0.61
CA ALA A 24 -1.15 -2.21 -1.51
C ALA A 24 0.30 -1.77 -1.70
N LEU A 25 0.50 -0.78 -2.57
CA LEU A 25 1.84 -0.26 -2.84
C LEU A 25 1.86 1.27 -2.82
N LEU A 26 2.71 1.83 -1.96
CA LEU A 26 2.82 3.29 -1.85
C LEU A 26 3.29 3.92 -3.16
N LEU A 27 2.53 4.88 -3.65
CA LEU A 27 2.86 5.55 -4.91
C LEU A 27 3.38 6.97 -4.64
N ARG A 28 2.60 7.77 -3.92
CA ARG A 28 2.99 9.15 -3.61
C ARG A 28 2.40 9.61 -2.28
N ARG A 29 3.05 10.60 -1.66
CA ARG A 29 2.61 11.14 -0.39
C ARG A 29 2.09 12.57 -0.56
N LYS A 30 0.79 12.71 -0.74
CA LYS A 30 0.17 14.02 -0.93
C LYS A 30 -0.27 14.61 0.42
N GLU A 31 0.29 15.78 0.75
CA GLU A 31 -0.04 16.45 2.00
C GLU A 31 -0.99 17.61 1.77
N THR A 32 -2.26 17.43 2.14
CA THR A 32 -3.27 18.46 1.98
C THR A 32 -3.71 19.01 3.35
N LYS A 33 -3.85 20.32 3.45
CA LYS A 33 -4.24 20.94 4.73
C LYS A 33 -4.98 22.26 4.49
N ASP A 34 -5.54 22.84 5.55
CA ASP A 34 -6.28 24.10 5.44
C ASP A 34 -6.20 24.89 6.74
N SER A 35 -5.00 25.35 7.06
CA SER A 35 -4.76 26.13 8.28
C SER A 35 -4.45 27.60 7.98
N LEU A 36 -4.83 28.08 6.79
CA LEU A 36 -4.58 29.47 6.40
C LEU A 36 -3.09 29.82 6.54
N ASN A 37 -2.22 28.81 6.39
CA ASN A 37 -0.78 28.99 6.49
C ASN A 37 -0.36 29.42 7.90
N THR A 38 -0.81 28.68 8.92
CA THR A 38 -0.47 28.99 10.31
C THR A 38 -0.30 27.71 11.13
N ASN A 39 -1.42 27.19 11.66
CA ASN A 39 -1.41 25.96 12.47
C ASN A 39 -2.83 25.63 12.92
N SER A 40 -3.55 24.85 12.13
CA SER A 40 -4.92 24.46 12.46
C SER A 40 -5.09 22.95 12.43
N SER A 41 -5.15 22.37 11.22
CA SER A 41 -5.32 20.93 11.08
C SER A 41 -4.82 20.46 9.71
N PHE A 42 -3.85 19.55 9.73
CA PHE A 42 -3.29 19.01 8.49
C PHE A 42 -3.98 17.70 8.10
N ASN A 43 -3.93 17.37 6.81
CA ASN A 43 -4.55 16.14 6.32
C ASN A 43 -3.62 15.44 5.32
N VAL A 44 -2.66 14.69 5.84
CA VAL A 44 -1.71 13.97 4.99
C VAL A 44 -2.10 12.51 4.87
N LEU A 45 -1.98 11.98 3.66
CA LEU A 45 -2.31 10.57 3.40
C LEU A 45 -1.24 9.91 2.54
N TYR A 46 -1.42 8.61 2.28
CA TYR A 46 -0.49 7.84 1.48
C TYR A 46 -1.20 7.21 0.28
N LYS A 47 -0.93 7.74 -0.91
CA LYS A 47 -1.54 7.22 -2.14
C LYS A 47 -0.98 5.83 -2.43
N VAL A 48 -1.74 4.81 -2.06
CA VAL A 48 -1.31 3.43 -2.27
C VAL A 48 -2.11 2.76 -3.38
N LEU A 49 -1.45 1.85 -4.10
CA LEU A 49 -2.09 1.12 -5.19
C LEU A 49 -2.52 -0.25 -4.70
N PHE A 50 -3.77 -0.61 -5.01
CA PHE A 50 -4.33 -1.90 -4.62
C PHE A 50 -4.19 -2.93 -5.73
N PHE A 51 -4.24 -4.21 -5.37
CA PHE A 51 -4.12 -5.29 -6.36
C PHE A 51 -4.99 -6.48 -5.96
N PRO A 52 -5.52 -7.24 -6.95
CA PRO A 52 -5.30 -6.96 -8.38
C PRO A 52 -6.22 -5.85 -8.92
N ASP A 53 -6.33 -5.77 -10.25
CA ASP A 53 -7.16 -4.76 -10.91
C ASP A 53 -6.50 -3.38 -10.93
N PHE A 54 -5.28 -3.28 -10.36
CA PHE A 54 -4.55 -2.01 -10.32
C PHE A 54 -5.40 -0.88 -9.78
N ASN A 55 -5.90 -1.04 -8.55
CA ASN A 55 -6.73 -0.02 -7.91
C ASN A 55 -5.87 0.86 -6.99
N PHE A 56 -6.51 1.65 -6.12
CA PHE A 56 -5.78 2.52 -5.20
C PHE A 56 -6.70 3.08 -4.11
N ALA A 57 -6.11 3.86 -3.20
CA ALA A 57 -6.86 4.48 -2.10
C ALA A 57 -6.02 5.53 -1.38
N TRP A 58 -6.69 6.49 -0.75
CA TRP A 58 -6.02 7.57 -0.01
C TRP A 58 -6.32 7.47 1.48
N VAL A 59 -5.34 7.04 2.27
CA VAL A 59 -5.50 6.90 3.71
C VAL A 59 -4.24 7.36 4.46
N LYS A 60 -4.38 7.58 5.77
CA LYS A 60 -3.26 8.03 6.59
C LYS A 60 -2.33 6.85 6.93
N ARG A 61 -1.10 7.16 7.34
CA ARG A 61 -0.12 6.14 7.70
C ARG A 61 -0.62 5.24 8.83
N ASN A 62 -1.57 5.76 9.63
CA ASN A 62 -2.14 5.02 10.75
C ASN A 62 -2.78 3.71 10.28
N SER A 63 -3.46 3.78 9.13
CA SER A 63 -4.11 2.59 8.57
C SER A 63 -3.18 1.86 7.59
N VAL A 64 -1.88 2.17 7.64
CA VAL A 64 -0.89 1.55 6.77
C VAL A 64 0.23 0.91 7.59
N LYS A 65 0.76 -0.21 7.08
CA LYS A 65 1.83 -0.94 7.76
C LYS A 65 2.85 -1.46 6.76
N PRO A 66 4.16 -1.38 7.08
CA PRO A 66 5.24 -1.84 6.20
C PRO A 66 5.08 -3.31 5.82
N LEU A 67 5.18 -3.60 4.52
CA LEU A 67 5.05 -4.97 4.01
C LEU A 67 6.37 -5.44 3.40
N LEU A 68 6.65 -6.74 3.51
CA LEU A 68 7.88 -7.31 2.97
C LEU A 68 7.60 -8.25 1.80
N ASP A 69 8.66 -8.73 1.16
CA ASP A 69 8.55 -9.64 0.02
C ASP A 69 8.30 -11.06 0.50
N SER A 70 9.08 -11.50 1.50
CA SER A 70 8.95 -12.84 2.05
C SER A 70 7.56 -13.02 2.67
N GLU A 71 7.11 -12.03 3.44
CA GLU A 71 5.80 -12.10 4.10
C GLU A 71 4.68 -12.32 3.08
N ILE A 72 4.63 -11.48 2.05
CA ILE A 72 3.62 -11.60 1.00
C ILE A 72 3.69 -12.99 0.36
N ALA A 73 4.89 -13.36 -0.09
CA ALA A 73 5.10 -14.68 -0.71
C ALA A 73 4.66 -15.78 0.26
N LYS A 74 4.86 -15.53 1.56
CA LYS A 74 4.50 -16.48 2.59
C LYS A 74 2.99 -16.58 2.75
N PHE A 75 2.34 -15.42 2.88
CA PHE A 75 0.89 -15.37 3.04
C PHE A 75 0.22 -16.24 1.98
N LEU A 76 0.69 -16.11 0.74
CA LEU A 76 0.15 -16.89 -0.37
C LEU A 76 0.49 -18.36 -0.21
N GLY A 77 1.68 -18.65 0.31
CA GLY A 77 2.10 -20.03 0.52
C GLY A 77 1.69 -20.56 1.88
N SER A 78 0.73 -19.89 2.53
CA SER A 78 0.25 -20.31 3.85
C SER A 78 -0.19 -21.77 3.84
N SER A 79 -0.99 -22.13 2.83
CA SER A 79 -1.50 -23.49 2.69
C SER A 79 -2.32 -23.93 3.92
N LYS A 80 -2.79 -22.95 4.70
CA LYS A 80 -3.59 -23.24 5.89
C LYS A 80 -4.88 -22.43 5.91
N ARG A 81 -4.74 -21.10 5.77
CA ARG A 81 -5.88 -20.20 5.76
C ARG A 81 -5.72 -19.16 4.65
N LYS A 82 -6.40 -19.38 3.54
CA LYS A 82 -6.34 -18.47 2.40
C LYS A 82 -7.68 -18.38 1.68
N SER A 83 -7.94 -17.25 1.04
CA SER A 83 -9.18 -17.04 0.30
C SER A 83 -8.90 -16.67 -1.15
N LYS A 84 -9.81 -17.05 -2.05
CA LYS A 84 -9.64 -16.75 -3.48
C LYS A 84 -9.38 -15.26 -3.70
N GLU A 85 -10.19 -14.43 -3.06
CA GLU A 85 -10.05 -12.97 -3.18
C GLU A 85 -8.76 -12.50 -2.50
N LEU A 86 -8.38 -13.17 -1.42
CA LEU A 86 -7.17 -12.80 -0.67
C LEU A 86 -5.91 -13.25 -1.40
N ILE A 87 -5.91 -14.49 -1.91
CA ILE A 87 -4.77 -15.03 -2.63
C ILE A 87 -4.45 -14.17 -3.84
N GLU A 88 -5.44 -13.95 -4.70
CA GLU A 88 -5.25 -13.14 -5.90
C GLU A 88 -4.70 -11.76 -5.53
N ALA A 89 -5.04 -11.30 -4.32
CA ALA A 89 -4.58 -10.01 -3.83
C ALA A 89 -3.08 -10.01 -3.60
N TYR A 90 -2.61 -10.96 -2.80
CA TYR A 90 -1.19 -11.05 -2.50
C TYR A 90 -0.41 -11.49 -3.75
N GLU A 91 -1.06 -12.27 -4.61
CA GLU A 91 -0.44 -12.71 -5.85
C GLU A 91 -0.24 -11.53 -6.80
N ALA A 92 -1.15 -10.56 -6.72
CA ALA A 92 -1.07 -9.37 -7.57
C ALA A 92 -0.06 -8.37 -7.00
N SER A 93 0.05 -8.33 -5.67
CA SER A 93 0.97 -7.44 -4.99
C SER A 93 2.40 -8.01 -4.97
N LYS A 94 2.51 -9.33 -5.18
CA LYS A 94 3.82 -10.00 -5.19
C LYS A 94 4.76 -9.39 -6.23
N THR A 95 4.26 -9.13 -7.43
CA THR A 95 5.07 -8.55 -8.51
C THR A 95 4.36 -7.40 -9.21
N PRO A 96 4.20 -6.26 -8.52
CA PRO A 96 3.53 -5.08 -9.03
C PRO A 96 4.52 -3.96 -9.39
N PRO A 97 5.45 -4.19 -10.35
CA PRO A 97 6.43 -3.18 -10.74
C PRO A 97 5.79 -2.05 -11.57
N ASP A 98 6.02 -2.02 -12.89
CA ASP A 98 5.45 -0.98 -13.75
C ASP A 98 5.63 0.42 -13.14
N LEU A 99 6.73 0.61 -12.41
CA LEU A 99 7.01 1.89 -11.77
C LEU A 99 8.31 1.81 -10.97
N LYS A 100 8.42 0.80 -10.10
CA LYS A 100 9.62 0.62 -9.28
C LYS A 100 10.89 0.56 -10.13
N GLU A 101 10.76 0.03 -11.35
CA GLU A 101 11.89 -0.07 -12.27
C GLU A 101 12.45 1.32 -12.61
N GLU A 102 11.58 2.31 -12.66
CA GLU A 102 11.99 3.69 -12.98
C GLU A 102 12.37 4.44 -11.71
N SER A 103 13.52 5.12 -11.75
CA SER A 103 14.01 5.90 -10.61
C SER A 103 15.24 6.72 -10.97
N SER A 104 15.43 7.85 -10.27
CA SER A 104 16.56 8.73 -10.51
C SER A 104 17.62 8.59 -9.42
N THR A 105 17.20 8.16 -8.23
CA THR A 105 18.12 7.98 -7.10
C THR A 105 18.72 9.32 -6.67
N ASP A 106 17.85 10.33 -6.54
CA ASP A 106 18.27 11.68 -6.13
C ASP A 106 19.14 12.34 -7.19
N LEU A 107 19.20 13.67 -7.16
CA LEU A 107 19.99 14.43 -8.11
C LEU A 107 21.27 14.97 -7.45
N GLU A 108 21.15 15.39 -6.18
CA GLU A 108 22.29 15.92 -5.44
C GLU A 108 22.26 15.44 -3.98
N SER A 1 14.92 7.11 17.51
CA SER A 1 14.26 7.55 16.26
C SER A 1 14.14 6.38 15.27
N ALA A 2 12.90 5.92 15.06
CA ALA A 2 12.66 4.81 14.14
C ALA A 2 11.29 4.92 13.48
N ASP A 3 11.26 5.52 12.28
CA ASP A 3 10.01 5.67 11.54
C ASP A 3 10.28 5.77 10.03
N ASP A 4 11.32 5.08 9.57
CA ASP A 4 11.68 5.07 8.16
C ASP A 4 11.40 3.70 7.54
N ARG A 5 10.24 3.13 7.87
CA ARG A 5 9.85 1.84 7.34
C ARG A 5 8.86 1.97 6.17
N LEU A 6 8.91 3.13 5.50
CA LEU A 6 8.02 3.39 4.37
C LEU A 6 8.72 4.27 3.32
N ASN A 7 8.40 4.04 2.05
CA ASN A 7 8.99 4.82 0.95
C ASN A 7 8.13 4.76 -0.30
N PHE A 8 8.51 5.53 -1.33
CA PHE A 8 7.76 5.55 -2.59
C PHE A 8 8.04 4.31 -3.42
N GLY A 9 6.98 3.80 -4.08
CA GLY A 9 7.12 2.61 -4.91
C GLY A 9 7.46 1.37 -4.11
N ASP A 10 6.84 1.23 -2.95
CA ASP A 10 7.09 0.08 -2.07
C ASP A 10 5.78 -0.59 -1.69
N ARG A 11 5.78 -1.92 -1.69
CA ARG A 11 4.59 -2.69 -1.33
C ARG A 11 4.24 -2.45 0.14
N ILE A 12 3.03 -1.96 0.38
CA ILE A 12 2.58 -1.67 1.74
C ILE A 12 1.18 -2.25 1.98
N LEU A 13 0.94 -2.68 3.22
CA LEU A 13 -0.35 -3.23 3.58
C LEU A 13 -1.26 -2.15 4.14
N VAL A 14 -2.54 -2.20 3.78
CA VAL A 14 -3.49 -1.20 4.26
C VAL A 14 -4.86 -1.83 4.56
N LYS A 15 -5.47 -1.41 5.65
CA LYS A 15 -6.78 -1.92 6.04
C LYS A 15 -7.87 -0.87 5.82
N ALA A 16 -9.02 -1.30 5.29
CA ALA A 16 -10.13 -0.40 5.03
C ALA A 16 -11.20 -0.52 6.11
N PRO A 17 -12.09 0.50 6.23
CA PRO A 17 -13.16 0.49 7.24
C PRO A 17 -14.16 -0.63 7.00
N GLY A 18 -14.18 -1.60 7.91
CA GLY A 18 -15.09 -2.72 7.79
C GLY A 18 -14.51 -3.90 7.02
N TYR A 19 -13.18 -3.91 6.85
CA TYR A 19 -12.50 -4.97 6.13
C TYR A 19 -11.06 -5.15 6.62
N PRO A 20 -10.45 -6.33 6.37
CA PRO A 20 -9.08 -6.62 6.79
C PRO A 20 -8.05 -5.83 5.99
N TRP A 21 -6.77 -6.20 6.12
CA TRP A 21 -5.69 -5.52 5.41
C TRP A 21 -5.55 -6.08 4.00
N TRP A 22 -5.15 -5.22 3.06
CA TRP A 22 -4.97 -5.61 1.67
C TRP A 22 -3.61 -5.19 1.14
N PRO A 23 -2.98 -6.01 0.28
CA PRO A 23 -1.68 -5.70 -0.31
C PRO A 23 -1.76 -4.57 -1.34
N ALA A 24 -1.26 -3.40 -0.96
CA ALA A 24 -1.27 -2.24 -1.84
C ALA A 24 0.16 -1.76 -2.11
N LEU A 25 0.30 -0.78 -3.00
CA LEU A 25 1.62 -0.25 -3.33
C LEU A 25 1.64 1.27 -3.21
N LEU A 26 2.51 1.77 -2.33
CA LEU A 26 2.64 3.21 -2.11
C LEU A 26 3.09 3.92 -3.38
N LEU A 27 2.28 4.85 -3.86
CA LEU A 27 2.60 5.61 -5.07
C LEU A 27 3.23 6.95 -4.70
N ARG A 28 2.55 7.71 -3.83
CA ARG A 28 3.07 9.01 -3.40
C ARG A 28 2.35 9.50 -2.14
N ARG A 29 3.00 10.40 -1.42
CA ARG A 29 2.44 10.98 -0.19
C ARG A 29 2.05 12.43 -0.43
N LYS A 30 0.74 12.69 -0.45
CA LYS A 30 0.23 14.05 -0.68
C LYS A 30 -0.27 14.69 0.61
N GLU A 31 0.14 15.94 0.85
CA GLU A 31 -0.26 16.68 2.04
C GLU A 31 -1.32 17.72 1.70
N THR A 32 -2.57 17.44 2.07
CA THR A 32 -3.67 18.36 1.81
C THR A 32 -4.19 18.99 3.10
N LYS A 33 -4.39 20.30 3.08
CA LYS A 33 -4.88 21.03 4.25
C LYS A 33 -6.41 21.04 4.30
N ASP A 34 -6.97 21.41 5.45
CA ASP A 34 -8.42 21.46 5.62
C ASP A 34 -8.83 22.54 6.61
N SER A 35 -8.28 23.75 6.44
CA SER A 35 -8.61 24.87 7.33
C SER A 35 -8.24 26.21 6.68
N LEU A 36 -6.93 26.48 6.58
CA LEU A 36 -6.44 27.74 6.00
C LEU A 36 -7.09 28.95 6.66
N ASN A 37 -7.36 28.85 7.97
CA ASN A 37 -7.97 29.94 8.72
C ASN A 37 -7.75 29.78 10.23
N THR A 38 -8.16 28.62 10.77
CA THR A 38 -8.01 28.34 12.20
C THR A 38 -6.55 28.46 12.64
N ASN A 39 -5.65 27.80 11.89
CA ASN A 39 -4.23 27.83 12.20
C ASN A 39 -3.42 27.05 11.16
N SER A 40 -3.44 25.73 11.28
CA SER A 40 -2.72 24.87 10.34
C SER A 40 -3.03 23.40 10.60
N SER A 41 -4.07 22.89 9.94
CA SER A 41 -4.46 21.49 10.09
C SER A 41 -4.29 20.75 8.78
N PHE A 42 -3.14 20.10 8.63
CA PHE A 42 -2.84 19.35 7.40
C PHE A 42 -3.34 17.91 7.52
N ASN A 43 -3.67 17.32 6.38
CA ASN A 43 -4.16 15.95 6.33
C ASN A 43 -3.43 15.17 5.24
N VAL A 44 -2.23 14.71 5.56
CA VAL A 44 -1.41 13.96 4.62
C VAL A 44 -1.78 12.48 4.65
N LEU A 45 -1.84 11.88 3.46
CA LEU A 45 -2.18 10.47 3.33
C LEU A 45 -1.19 9.74 2.43
N TYR A 46 -1.39 8.42 2.30
CA TYR A 46 -0.52 7.59 1.48
C TYR A 46 -1.29 7.03 0.28
N LYS A 47 -1.08 7.63 -0.89
CA LYS A 47 -1.74 7.18 -2.11
C LYS A 47 -1.19 5.81 -2.52
N VAL A 48 -1.91 4.75 -2.17
CA VAL A 48 -1.48 3.40 -2.50
C VAL A 48 -2.36 2.74 -3.56
N LEU A 49 -1.76 1.86 -4.34
CA LEU A 49 -2.47 1.14 -5.40
C LEU A 49 -2.84 -0.26 -4.93
N PHE A 50 -4.08 -0.65 -5.18
CA PHE A 50 -4.59 -1.96 -4.77
C PHE A 50 -4.45 -2.97 -5.91
N PHE A 51 -4.52 -4.26 -5.57
CA PHE A 51 -4.41 -5.33 -6.56
C PHE A 51 -5.31 -6.52 -6.18
N PRO A 52 -5.71 -7.36 -7.15
CA PRO A 52 -5.34 -7.23 -8.58
C PRO A 52 -6.13 -6.15 -9.32
N ASP A 53 -7.32 -5.82 -8.79
CA ASP A 53 -8.21 -4.81 -9.39
C ASP A 53 -7.46 -3.57 -9.90
N PHE A 54 -6.31 -3.26 -9.29
CA PHE A 54 -5.50 -2.11 -9.68
C PHE A 54 -6.14 -0.80 -9.20
N ASN A 55 -6.91 -0.89 -8.11
CA ASN A 55 -7.57 0.27 -7.53
C ASN A 55 -6.58 1.06 -6.66
N PHE A 56 -7.09 1.88 -5.74
CA PHE A 56 -6.21 2.67 -4.87
C PHE A 56 -6.95 3.13 -3.61
N ALA A 57 -6.22 3.79 -2.72
CA ALA A 57 -6.79 4.27 -1.46
C ALA A 57 -5.84 5.27 -0.77
N TRP A 58 -6.42 6.15 0.05
CA TRP A 58 -5.63 7.15 0.78
C TRP A 58 -5.74 6.95 2.29
N VAL A 59 -4.62 6.61 2.93
CA VAL A 59 -4.59 6.38 4.37
C VAL A 59 -3.63 7.34 5.07
N LYS A 60 -3.92 7.66 6.33
CA LYS A 60 -3.07 8.57 7.10
C LYS A 60 -1.90 7.85 7.77
N ARG A 61 -1.41 6.77 7.16
CA ARG A 61 -0.28 5.98 7.69
C ARG A 61 -0.70 5.09 8.87
N ASN A 62 -1.79 5.44 9.55
CA ASN A 62 -2.25 4.67 10.71
C ASN A 62 -2.83 3.32 10.27
N SER A 63 -3.59 3.31 9.18
CA SER A 63 -4.19 2.08 8.69
C SER A 63 -3.28 1.39 7.66
N VAL A 64 -1.99 1.74 7.67
CA VAL A 64 -1.03 1.14 6.75
C VAL A 64 0.12 0.45 7.51
N LYS A 65 0.70 -0.58 6.89
CA LYS A 65 1.80 -1.33 7.50
C LYS A 65 2.80 -1.79 6.42
N PRO A 66 4.12 -1.67 6.69
CA PRO A 66 5.17 -2.08 5.74
C PRO A 66 5.00 -3.52 5.25
N LEU A 67 5.06 -3.71 3.94
CA LEU A 67 4.93 -5.04 3.34
C LEU A 67 6.19 -5.40 2.54
N LEU A 68 6.71 -6.60 2.79
CA LEU A 68 7.92 -7.05 2.09
C LEU A 68 7.64 -8.32 1.29
N ASP A 69 8.64 -8.75 0.54
CA ASP A 69 8.53 -9.96 -0.27
C ASP A 69 8.34 -11.19 0.62
N SER A 70 9.01 -11.17 1.78
CA SER A 70 8.90 -12.27 2.75
C SER A 70 7.52 -12.31 3.37
N GLU A 71 6.90 -11.13 3.52
CA GLU A 71 5.55 -11.04 4.11
C GLU A 71 4.47 -11.41 3.10
N ILE A 72 4.74 -11.12 1.81
CA ILE A 72 3.79 -11.43 0.76
C ILE A 72 3.92 -12.90 0.35
N ALA A 73 5.16 -13.37 0.30
CA ALA A 73 5.45 -14.77 -0.06
C ALA A 73 4.75 -15.72 0.90
N LYS A 74 5.07 -15.57 2.18
CA LYS A 74 4.49 -16.40 3.23
C LYS A 74 2.98 -16.26 3.26
N PHE A 75 2.49 -15.03 3.11
CA PHE A 75 1.04 -14.77 3.12
C PHE A 75 0.30 -15.74 2.20
N LEU A 76 0.69 -15.74 0.92
CA LEU A 76 0.07 -16.61 -0.06
C LEU A 76 0.26 -18.09 0.30
N GLY A 77 1.35 -18.39 1.01
CA GLY A 77 1.61 -19.75 1.42
C GLY A 77 1.07 -20.05 2.81
N SER A 78 0.15 -19.19 3.29
CA SER A 78 -0.44 -19.37 4.61
C SER A 78 -1.56 -20.42 4.56
N SER A 79 -1.27 -21.62 5.07
CA SER A 79 -2.24 -22.71 5.07
C SER A 79 -3.18 -22.61 6.28
N LYS A 80 -3.72 -21.41 6.52
CA LYS A 80 -4.64 -21.18 7.63
C LYS A 80 -5.91 -20.47 7.15
N ARG A 81 -5.73 -19.34 6.47
CA ARG A 81 -6.85 -18.58 5.94
C ARG A 81 -6.51 -18.12 4.53
N LYS A 82 -7.07 -18.83 3.55
CA LYS A 82 -6.84 -18.50 2.14
C LYS A 82 -8.14 -18.27 1.39
N SER A 83 -8.12 -17.33 0.45
CA SER A 83 -9.30 -17.01 -0.35
C SER A 83 -8.89 -16.63 -1.77
N LYS A 84 -9.70 -17.01 -2.76
CA LYS A 84 -9.40 -16.69 -4.16
C LYS A 84 -9.20 -15.19 -4.35
N GLU A 85 -9.99 -14.40 -3.63
CA GLU A 85 -9.88 -12.94 -3.70
C GLU A 85 -8.66 -12.44 -2.94
N LEU A 86 -8.29 -13.14 -1.85
CA LEU A 86 -7.14 -12.77 -1.04
C LEU A 86 -5.83 -13.21 -1.70
N ILE A 87 -5.81 -14.44 -2.21
CA ILE A 87 -4.61 -14.97 -2.85
C ILE A 87 -4.23 -14.12 -4.05
N GLU A 88 -5.15 -13.97 -4.99
CA GLU A 88 -4.91 -13.17 -6.19
C GLU A 88 -4.45 -11.77 -5.79
N ALA A 89 -4.91 -11.30 -4.63
CA ALA A 89 -4.53 -9.99 -4.12
C ALA A 89 -3.04 -9.91 -3.86
N TYR A 90 -2.54 -10.82 -3.03
CA TYR A 90 -1.12 -10.83 -2.70
C TYR A 90 -0.29 -11.25 -3.91
N GLU A 91 -0.87 -12.07 -4.78
CA GLU A 91 -0.20 -12.52 -5.99
C GLU A 91 -0.13 -11.40 -7.02
N ALA A 92 -1.10 -10.48 -6.98
CA ALA A 92 -1.13 -9.37 -7.92
C ALA A 92 -0.19 -8.25 -7.47
N SER A 93 -0.08 -8.08 -6.15
CA SER A 93 0.79 -7.04 -5.58
C SER A 93 2.26 -7.49 -5.53
N LYS A 94 2.48 -8.81 -5.45
CA LYS A 94 3.83 -9.36 -5.38
C LYS A 94 4.66 -8.94 -6.59
N THR A 95 4.08 -9.10 -7.78
CA THR A 95 4.74 -8.75 -9.05
C THR A 95 5.43 -7.38 -8.97
N PRO A 96 6.77 -7.36 -8.78
CA PRO A 96 7.52 -6.09 -8.70
C PRO A 96 7.26 -5.16 -9.90
N PRO A 97 7.19 -5.71 -11.13
CA PRO A 97 6.95 -4.92 -12.36
C PRO A 97 5.78 -3.94 -12.26
N ASP A 98 4.84 -4.16 -11.32
CA ASP A 98 3.68 -3.26 -11.17
C ASP A 98 4.12 -1.78 -11.07
N LEU A 99 5.32 -1.54 -10.55
CA LEU A 99 5.85 -0.19 -10.42
C LEU A 99 7.35 -0.17 -10.69
N LYS A 100 8.15 -0.60 -9.71
CA LYS A 100 9.62 -0.65 -9.84
C LYS A 100 10.19 0.75 -10.09
N GLU A 101 10.15 1.21 -11.35
CA GLU A 101 10.66 2.52 -11.72
C GLU A 101 9.94 3.07 -12.95
N GLU A 102 9.82 4.39 -13.04
CA GLU A 102 9.14 5.03 -14.18
C GLU A 102 9.79 6.35 -14.57
N SER A 103 11.06 6.53 -14.19
CA SER A 103 11.80 7.76 -14.52
C SER A 103 11.09 9.00 -13.99
N SER A 104 11.43 9.40 -12.76
CA SER A 104 10.83 10.57 -12.14
C SER A 104 11.70 11.07 -10.99
N THR A 105 12.04 10.15 -10.07
CA THR A 105 12.87 10.49 -8.91
C THR A 105 14.34 10.52 -9.28
N ASP A 106 15.10 11.39 -8.59
CA ASP A 106 16.53 11.54 -8.82
C ASP A 106 17.32 11.23 -7.56
N LEU A 107 18.65 11.29 -7.65
CA LEU A 107 19.53 11.01 -6.51
C LEU A 107 19.79 12.30 -5.73
N GLU A 108 18.98 12.53 -4.70
CA GLU A 108 19.11 13.71 -3.85
C GLU A 108 20.27 13.58 -2.87
N SER A 1 8.55 -8.20 13.27
CA SER A 1 9.52 -7.36 14.03
C SER A 1 9.67 -5.97 13.41
N ALA A 2 10.05 -5.91 12.13
CA ALA A 2 10.23 -4.64 11.44
C ALA A 2 8.88 -4.02 11.08
N ASP A 3 8.67 -2.77 11.50
CA ASP A 3 7.42 -2.07 11.21
C ASP A 3 7.63 -0.55 11.18
N ASP A 4 8.50 -0.09 10.28
CA ASP A 4 8.79 1.35 10.14
C ASP A 4 9.48 1.64 8.80
N ARG A 5 9.04 0.97 7.74
CA ARG A 5 9.63 1.17 6.42
C ARG A 5 8.58 1.65 5.42
N LEU A 6 8.47 2.98 5.28
CA LEU A 6 7.50 3.58 4.36
C LEU A 6 8.20 4.51 3.35
N ASN A 7 8.33 4.03 2.10
CA ASN A 7 8.97 4.82 1.05
C ASN A 7 8.18 4.75 -0.26
N PHE A 8 8.67 5.45 -1.29
CA PHE A 8 8.00 5.48 -2.60
C PHE A 8 8.20 4.16 -3.35
N GLY A 9 7.12 3.64 -3.93
CA GLY A 9 7.19 2.40 -4.68
C GLY A 9 7.56 1.21 -3.80
N ASP A 10 6.89 1.10 -2.65
CA ASP A 10 7.15 0.02 -1.72
C ASP A 10 5.85 -0.67 -1.30
N ARG A 11 5.87 -2.00 -1.27
CA ARG A 11 4.70 -2.78 -0.89
C ARG A 11 4.30 -2.48 0.56
N ILE A 12 3.08 -1.99 0.74
CA ILE A 12 2.58 -1.66 2.08
C ILE A 12 1.14 -2.14 2.26
N LEU A 13 0.78 -2.47 3.50
CA LEU A 13 -0.56 -2.93 3.81
C LEU A 13 -1.44 -1.76 4.25
N VAL A 14 -2.73 -1.84 3.96
CA VAL A 14 -3.67 -0.78 4.33
C VAL A 14 -5.05 -1.35 4.64
N LYS A 15 -5.70 -0.77 5.65
CA LYS A 15 -7.04 -1.20 6.05
C LYS A 15 -8.05 -0.06 5.91
N ALA A 16 -9.22 -0.37 5.38
CA ALA A 16 -10.27 0.63 5.20
C ALA A 16 -11.19 0.66 6.42
N PRO A 17 -11.80 1.83 6.72
CA PRO A 17 -12.70 1.99 7.86
C PRO A 17 -13.82 0.95 7.85
N GLY A 18 -13.65 -0.12 8.63
CA GLY A 18 -14.64 -1.18 8.69
C GLY A 18 -14.19 -2.44 7.96
N TYR A 19 -13.31 -2.28 6.97
CA TYR A 19 -12.80 -3.41 6.19
C TYR A 19 -11.42 -3.84 6.68
N PRO A 20 -11.03 -5.11 6.45
CA PRO A 20 -9.74 -5.64 6.87
C PRO A 20 -8.57 -5.08 6.05
N TRP A 21 -7.36 -5.53 6.37
CA TRP A 21 -6.15 -5.08 5.67
C TRP A 21 -6.04 -5.73 4.29
N TRP A 22 -5.38 -5.05 3.37
CA TRP A 22 -5.21 -5.57 2.00
C TRP A 22 -3.84 -5.15 1.42
N PRO A 23 -3.22 -6.04 0.62
CA PRO A 23 -1.91 -5.78 0.00
C PRO A 23 -1.97 -4.65 -1.02
N ALA A 24 -1.38 -3.50 -0.67
CA ALA A 24 -1.36 -2.34 -1.57
C ALA A 24 0.09 -1.91 -1.83
N LEU A 25 0.25 -0.95 -2.73
CA LEU A 25 1.59 -0.44 -3.07
C LEU A 25 1.63 1.08 -2.99
N LEU A 26 2.51 1.60 -2.12
CA LEU A 26 2.66 3.04 -1.94
C LEU A 26 3.15 3.72 -3.22
N LEU A 27 2.47 4.79 -3.62
CA LEU A 27 2.85 5.54 -4.81
C LEU A 27 3.54 6.86 -4.45
N ARG A 28 2.85 7.69 -3.66
CA ARG A 28 3.41 8.98 -3.25
C ARG A 28 2.71 9.54 -2.02
N ARG A 29 3.38 10.50 -1.36
CA ARG A 29 2.83 11.14 -0.16
C ARG A 29 2.22 12.50 -0.53
N LYS A 30 0.90 12.56 -0.54
CA LYS A 30 0.19 13.80 -0.88
C LYS A 30 -0.28 14.53 0.37
N GLU A 31 0.30 15.69 0.64
CA GLU A 31 -0.06 16.50 1.80
C GLU A 31 -1.15 17.51 1.43
N THR A 32 -2.37 17.23 1.87
CA THR A 32 -3.50 18.12 1.59
C THR A 32 -4.24 18.49 2.87
N LYS A 33 -4.47 19.79 3.08
CA LYS A 33 -5.16 20.25 4.27
C LYS A 33 -6.62 20.62 3.95
N ASP A 34 -7.24 21.43 4.80
CA ASP A 34 -8.64 21.82 4.61
C ASP A 34 -8.79 22.86 3.50
N SER A 35 -8.48 24.12 3.83
CA SER A 35 -8.60 25.23 2.89
C SER A 35 -7.38 25.34 1.96
N LEU A 36 -6.22 24.91 2.47
CA LEU A 36 -4.96 24.96 1.72
C LEU A 36 -4.47 26.41 1.63
N ASN A 37 -4.37 27.07 2.78
CA ASN A 37 -3.91 28.45 2.85
C ASN A 37 -3.58 28.85 4.30
N THR A 38 -4.51 28.56 5.21
CA THR A 38 -4.33 28.90 6.63
C THR A 38 -3.32 27.97 7.31
N ASN A 39 -3.22 26.72 6.82
CA ASN A 39 -2.30 25.74 7.39
C ASN A 39 -2.71 25.31 8.81
N SER A 40 -4.02 25.34 9.08
CA SER A 40 -4.54 24.96 10.39
C SER A 40 -4.29 23.47 10.68
N SER A 41 -5.01 22.59 9.97
CA SER A 41 -4.86 21.17 10.17
C SER A 41 -4.63 20.45 8.83
N PHE A 42 -3.41 19.99 8.63
CA PHE A 42 -3.05 19.28 7.40
C PHE A 42 -3.57 17.85 7.42
N ASN A 43 -3.78 17.29 6.24
CA ASN A 43 -4.25 15.91 6.11
C ASN A 43 -3.43 15.16 5.07
N VAL A 44 -2.27 14.67 5.50
CA VAL A 44 -1.38 13.94 4.61
C VAL A 44 -1.78 12.47 4.53
N LEU A 45 -1.77 11.93 3.32
CA LEU A 45 -2.13 10.53 3.10
C LEU A 45 -1.12 9.84 2.18
N TYR A 46 -1.30 8.53 1.99
CA TYR A 46 -0.42 7.75 1.15
C TYR A 46 -1.19 7.14 -0.03
N LYS A 47 -0.91 7.63 -1.23
CA LYS A 47 -1.58 7.12 -2.43
C LYS A 47 -1.11 5.69 -2.71
N VAL A 48 -1.88 4.71 -2.25
CA VAL A 48 -1.52 3.30 -2.45
C VAL A 48 -2.42 2.63 -3.47
N LEU A 49 -1.85 1.68 -4.23
CA LEU A 49 -2.60 0.94 -5.23
C LEU A 49 -2.99 -0.43 -4.68
N PHE A 50 -4.26 -0.81 -4.85
CA PHE A 50 -4.73 -2.11 -4.36
C PHE A 50 -4.55 -3.21 -5.41
N PHE A 51 -4.62 -4.47 -4.97
CA PHE A 51 -4.48 -5.62 -5.87
C PHE A 51 -5.43 -6.74 -5.49
N PRO A 52 -6.03 -7.43 -6.49
CA PRO A 52 -5.84 -7.14 -7.91
C PRO A 52 -6.84 -6.12 -8.45
N ASP A 53 -6.84 -5.93 -9.76
CA ASP A 53 -7.75 -4.99 -10.43
C ASP A 53 -7.35 -3.52 -10.21
N PHE A 54 -6.25 -3.28 -9.49
CA PHE A 54 -5.76 -1.92 -9.23
C PHE A 54 -6.84 -1.02 -8.64
N ASN A 55 -7.04 -1.10 -7.32
CA ASN A 55 -8.05 -0.28 -6.64
C ASN A 55 -7.42 0.63 -5.60
N PHE A 56 -6.54 1.51 -6.05
CA PHE A 56 -5.83 2.45 -5.18
C PHE A 56 -6.78 3.19 -4.22
N ALA A 57 -6.22 3.63 -3.08
CA ALA A 57 -6.98 4.35 -2.06
C ALA A 57 -6.10 5.34 -1.29
N TRP A 58 -6.69 6.46 -0.87
CA TRP A 58 -5.96 7.49 -0.12
C TRP A 58 -6.21 7.33 1.38
N VAL A 59 -5.16 6.95 2.11
CA VAL A 59 -5.27 6.75 3.56
C VAL A 59 -4.04 7.29 4.29
N LYS A 60 -4.18 7.53 5.59
CA LYS A 60 -3.06 8.03 6.40
C LYS A 60 -2.15 6.89 6.83
N ARG A 61 -0.95 7.24 7.30
CA ARG A 61 0.03 6.24 7.75
C ARG A 61 -0.55 5.37 8.88
N ASN A 62 -1.55 5.88 9.60
CA ASN A 62 -2.17 5.13 10.70
C ASN A 62 -2.96 3.93 10.17
N SER A 63 -3.52 4.06 8.96
CA SER A 63 -4.29 2.97 8.36
C SER A 63 -3.41 2.13 7.43
N VAL A 64 -2.09 2.33 7.51
CA VAL A 64 -1.14 1.60 6.67
C VAL A 64 -0.10 0.86 7.52
N LYS A 65 0.32 -0.31 7.06
CA LYS A 65 1.32 -1.12 7.76
C LYS A 65 2.43 -1.58 6.81
N PRO A 66 3.71 -1.47 7.24
CA PRO A 66 4.86 -1.87 6.42
C PRO A 66 4.75 -3.31 5.91
N LEU A 67 4.90 -3.49 4.60
CA LEU A 67 4.84 -4.81 3.97
C LEU A 67 6.15 -5.15 3.29
N LEU A 68 6.56 -6.41 3.37
CA LEU A 68 7.80 -6.86 2.75
C LEU A 68 7.56 -8.05 1.82
N ASP A 69 8.50 -8.30 0.91
CA ASP A 69 8.38 -9.40 -0.04
C ASP A 69 8.33 -10.74 0.68
N SER A 70 9.15 -10.87 1.72
CA SER A 70 9.19 -12.11 2.50
C SER A 70 7.82 -12.39 3.14
N GLU A 71 7.07 -11.32 3.40
CA GLU A 71 5.74 -11.45 4.00
C GLU A 71 4.71 -11.80 2.93
N ILE A 72 4.77 -11.10 1.80
CA ILE A 72 3.85 -11.34 0.68
C ILE A 72 4.01 -12.76 0.17
N ALA A 73 5.24 -13.14 -0.16
CA ALA A 73 5.53 -14.48 -0.64
C ALA A 73 5.04 -15.52 0.36
N LYS A 74 5.21 -15.21 1.64
CA LYS A 74 4.78 -16.09 2.71
C LYS A 74 3.27 -16.21 2.76
N PHE A 75 2.60 -15.07 2.81
CA PHE A 75 1.13 -15.04 2.85
C PHE A 75 0.57 -15.94 1.75
N LEU A 76 1.15 -15.84 0.56
CA LEU A 76 0.72 -16.65 -0.58
C LEU A 76 1.12 -18.11 -0.40
N GLY A 77 2.30 -18.33 0.22
CA GLY A 77 2.77 -19.68 0.45
C GLY A 77 1.86 -20.47 1.39
N SER A 78 0.98 -19.75 2.10
CA SER A 78 0.04 -20.38 3.02
C SER A 78 -1.24 -20.80 2.29
N SER A 79 -1.15 -21.86 1.50
CA SER A 79 -2.30 -22.36 0.75
C SER A 79 -3.22 -23.24 1.62
N LYS A 80 -2.87 -23.42 2.89
CA LYS A 80 -3.68 -24.24 3.79
C LYS A 80 -5.05 -23.62 4.04
N ARG A 81 -5.05 -22.35 4.46
CA ARG A 81 -6.30 -21.65 4.72
C ARG A 81 -6.22 -20.23 4.17
N LYS A 82 -6.82 -20.03 3.01
CA LYS A 82 -6.83 -18.72 2.36
C LYS A 82 -7.95 -18.64 1.33
N SER A 83 -8.54 -17.45 1.18
CA SER A 83 -9.63 -17.26 0.22
C SER A 83 -9.05 -16.90 -1.15
N LYS A 84 -9.79 -17.25 -2.20
CA LYS A 84 -9.36 -16.97 -3.57
C LYS A 84 -9.14 -15.47 -3.75
N GLU A 85 -10.03 -14.67 -3.15
CA GLU A 85 -9.93 -13.22 -3.23
C GLU A 85 -8.69 -12.72 -2.48
N LEU A 86 -8.32 -13.40 -1.39
CA LEU A 86 -7.16 -13.01 -0.61
C LEU A 86 -5.87 -13.42 -1.30
N ILE A 87 -5.80 -14.66 -1.77
CA ILE A 87 -4.61 -15.16 -2.46
C ILE A 87 -4.35 -14.35 -3.72
N GLU A 88 -5.38 -14.18 -4.54
CA GLU A 88 -5.25 -13.42 -5.78
C GLU A 88 -4.75 -12.01 -5.50
N ALA A 89 -5.10 -11.48 -4.32
CA ALA A 89 -4.68 -10.14 -3.92
C ALA A 89 -3.17 -10.06 -3.78
N TYR A 90 -2.61 -10.96 -2.98
CA TYR A 90 -1.17 -10.99 -2.77
C TYR A 90 -0.46 -11.45 -4.03
N GLU A 91 -1.14 -12.30 -4.81
CA GLU A 91 -0.58 -12.79 -6.06
C GLU A 91 -0.43 -11.66 -7.07
N ALA A 92 -1.35 -10.69 -7.00
CA ALA A 92 -1.32 -9.54 -7.90
C ALA A 92 -0.21 -8.57 -7.52
N SER A 93 -0.02 -8.39 -6.21
CA SER A 93 1.00 -7.49 -5.68
C SER A 93 2.39 -8.16 -5.68
N LYS A 94 2.41 -9.50 -5.72
CA LYS A 94 3.65 -10.27 -5.70
C LYS A 94 4.61 -9.88 -6.83
N THR A 95 4.10 -9.22 -7.87
CA THR A 95 4.93 -8.80 -9.00
C THR A 95 5.44 -7.37 -8.82
N PRO A 96 6.63 -7.18 -8.20
CA PRO A 96 7.22 -5.85 -7.97
C PRO A 96 7.25 -4.98 -9.22
N PRO A 97 7.63 -5.54 -10.41
CA PRO A 97 7.70 -4.79 -11.67
C PRO A 97 6.55 -3.81 -11.87
N ASP A 98 5.37 -4.14 -11.31
CA ASP A 98 4.19 -3.27 -11.43
C ASP A 98 4.56 -1.81 -11.18
N LEU A 99 5.49 -1.57 -10.25
CA LEU A 99 5.93 -0.22 -9.92
C LEU A 99 7.41 -0.20 -9.52
N LYS A 100 7.82 -1.16 -8.68
CA LYS A 100 9.22 -1.25 -8.22
C LYS A 100 10.21 -1.10 -9.38
N GLU A 101 9.94 -1.78 -10.50
CA GLU A 101 10.81 -1.71 -11.67
C GLU A 101 10.83 -0.31 -12.27
N GLU A 102 9.70 0.12 -12.83
CA GLU A 102 9.58 1.44 -13.44
C GLU A 102 10.44 1.56 -14.70
N SER A 103 9.91 2.29 -15.70
CA SER A 103 10.64 2.46 -16.96
C SER A 103 10.28 3.79 -17.64
N SER A 104 11.15 4.79 -17.49
CA SER A 104 10.92 6.10 -18.10
C SER A 104 12.26 6.83 -18.34
N THR A 105 12.80 6.67 -19.54
CA THR A 105 14.07 7.31 -19.91
C THR A 105 14.15 7.58 -21.41
N ASP A 106 14.17 6.51 -22.21
CA ASP A 106 14.23 6.62 -23.67
C ASP A 106 13.44 5.50 -24.34
N LEU A 107 13.08 5.71 -25.60
CA LEU A 107 12.32 4.71 -26.36
C LEU A 107 13.14 3.42 -26.52
N GLU A 108 14.45 3.56 -26.72
CA GLU A 108 15.33 2.42 -26.88
C GLU A 108 16.42 2.42 -25.81
N SER A 1 16.87 0.00 13.59
CA SER A 1 16.00 -1.20 13.75
C SER A 1 14.71 -1.07 12.94
N ALA A 2 14.07 -2.21 12.66
CA ALA A 2 12.83 -2.23 11.89
C ALA A 2 13.03 -1.69 10.47
N ASP A 3 11.96 -1.73 9.66
CA ASP A 3 12.03 -1.24 8.29
C ASP A 3 10.73 -0.54 7.90
N ASP A 4 10.42 0.54 8.60
CA ASP A 4 9.21 1.31 8.32
C ASP A 4 9.53 2.53 7.43
N ARG A 5 10.54 2.39 6.58
CA ARG A 5 10.94 3.47 5.68
C ARG A 5 10.29 3.30 4.30
N LEU A 6 8.97 3.49 4.24
CA LEU A 6 8.23 3.34 2.99
C LEU A 6 8.56 4.47 2.01
N ASN A 7 8.43 4.19 0.72
CA ASN A 7 8.72 5.17 -0.32
C ASN A 7 7.90 4.90 -1.58
N PHE A 8 8.18 5.68 -2.64
CA PHE A 8 7.47 5.54 -3.90
C PHE A 8 7.81 4.20 -4.57
N GLY A 9 6.77 3.49 -5.00
CA GLY A 9 6.97 2.20 -5.64
C GLY A 9 7.29 1.10 -4.64
N ASP A 10 6.77 1.24 -3.42
CA ASP A 10 7.01 0.25 -2.36
C ASP A 10 5.69 -0.39 -1.93
N ARG A 11 5.61 -1.71 -2.06
CA ARG A 11 4.41 -2.44 -1.68
C ARG A 11 4.16 -2.32 -0.18
N ILE A 12 3.01 -1.73 0.18
CA ILE A 12 2.64 -1.55 1.57
C ILE A 12 1.24 -2.07 1.85
N LEU A 13 0.97 -2.43 3.11
CA LEU A 13 -0.34 -2.94 3.50
C LEU A 13 -1.22 -1.81 4.00
N VAL A 14 -2.51 -1.88 3.70
CA VAL A 14 -3.45 -0.84 4.12
C VAL A 14 -4.78 -1.45 4.54
N LYS A 15 -5.27 -1.04 5.71
CA LYS A 15 -6.54 -1.53 6.24
C LYS A 15 -7.69 -0.63 5.79
N ALA A 16 -8.58 -1.18 4.97
CA ALA A 16 -9.73 -0.43 4.47
C ALA A 16 -10.83 -0.33 5.53
N PRO A 17 -11.78 0.61 5.35
CA PRO A 17 -12.88 0.80 6.30
C PRO A 17 -13.78 -0.44 6.39
N GLY A 18 -13.76 -1.10 7.55
CA GLY A 18 -14.57 -2.29 7.74
C GLY A 18 -14.03 -3.49 6.98
N TYR A 19 -12.73 -3.47 6.68
CA TYR A 19 -12.09 -4.56 5.94
C TYR A 19 -10.65 -4.77 6.41
N PRO A 20 -10.09 -5.97 6.18
CA PRO A 20 -8.72 -6.29 6.58
C PRO A 20 -7.68 -5.48 5.81
N TRP A 21 -6.40 -5.83 6.00
CA TRP A 21 -5.30 -5.14 5.32
C TRP A 21 -5.09 -5.71 3.92
N TRP A 22 -5.02 -4.83 2.93
CA TRP A 22 -4.81 -5.24 1.55
C TRP A 22 -3.41 -4.85 1.05
N PRO A 23 -2.80 -5.69 0.18
CA PRO A 23 -1.48 -5.44 -0.36
C PRO A 23 -1.48 -4.39 -1.47
N ALA A 24 -1.36 -3.13 -1.09
CA ALA A 24 -1.35 -2.02 -2.04
C ALA A 24 0.08 -1.54 -2.29
N LEU A 25 0.26 -0.70 -3.30
CA LEU A 25 1.59 -0.18 -3.63
C LEU A 25 1.63 1.34 -3.47
N LEU A 26 2.51 1.82 -2.59
CA LEU A 26 2.64 3.26 -2.34
C LEU A 26 3.12 3.99 -3.60
N LEU A 27 2.36 5.01 -4.00
CA LEU A 27 2.68 5.81 -5.17
C LEU A 27 3.31 7.14 -4.78
N ARG A 28 2.62 7.87 -3.90
CA ARG A 28 3.11 9.17 -3.44
C ARG A 28 2.46 9.58 -2.12
N ARG A 29 3.12 10.48 -1.38
CA ARG A 29 2.61 10.96 -0.11
C ARG A 29 1.95 12.32 -0.28
N LYS A 30 0.63 12.33 -0.47
CA LYS A 30 -0.12 13.56 -0.64
C LYS A 30 -0.63 14.09 0.69
N GLU A 31 0.01 15.15 1.19
CA GLU A 31 -0.36 15.76 2.45
C GLU A 31 -1.31 16.94 2.23
N THR A 32 -2.50 16.87 2.83
CA THR A 32 -3.49 17.93 2.70
C THR A 32 -4.01 18.38 4.06
N LYS A 33 -4.22 19.68 4.21
CA LYS A 33 -4.74 20.25 5.45
C LYS A 33 -6.08 20.94 5.23
N ASP A 34 -6.64 21.53 6.28
CA ASP A 34 -7.92 22.22 6.20
C ASP A 34 -9.06 21.20 6.01
N SER A 35 -9.43 20.55 7.10
CA SER A 35 -10.50 19.56 7.08
C SER A 35 -11.84 20.19 7.43
N LEU A 36 -12.05 21.42 6.95
CA LEU A 36 -13.30 22.15 7.20
C LEU A 36 -13.52 22.36 8.70
N ASN A 37 -12.43 22.44 9.46
CA ASN A 37 -12.50 22.64 10.91
C ASN A 37 -12.02 24.03 11.31
N THR A 38 -11.09 24.60 10.53
CA THR A 38 -10.53 25.93 10.80
C THR A 38 -10.01 26.04 12.24
N ASN A 39 -9.52 24.92 12.79
CA ASN A 39 -8.99 24.90 14.15
C ASN A 39 -7.79 23.96 14.24
N SER A 40 -6.86 24.10 13.28
CA SER A 40 -5.65 23.27 13.24
C SER A 40 -5.99 21.79 13.09
N SER A 41 -6.08 21.33 11.83
CA SER A 41 -6.39 19.93 11.54
C SER A 41 -5.69 19.47 10.27
N PHE A 42 -4.74 18.54 10.41
CA PHE A 42 -4.00 18.02 9.27
C PHE A 42 -4.58 16.68 8.81
N ASN A 43 -4.52 16.42 7.51
CA ASN A 43 -5.03 15.18 6.95
C ASN A 43 -4.07 14.61 5.92
N VAL A 44 -3.05 13.91 6.40
CA VAL A 44 -2.04 13.30 5.52
C VAL A 44 -2.41 11.85 5.23
N LEU A 45 -2.27 11.47 3.96
CA LEU A 45 -2.57 10.10 3.54
C LEU A 45 -1.48 9.54 2.62
N TYR A 46 -1.64 8.28 2.25
CA TYR A 46 -0.69 7.61 1.36
C TYR A 46 -1.38 7.11 0.10
N LYS A 47 -1.05 7.71 -1.04
CA LYS A 47 -1.64 7.30 -2.32
C LYS A 47 -1.13 5.93 -2.74
N VAL A 48 -1.88 4.88 -2.37
CA VAL A 48 -1.50 3.51 -2.69
C VAL A 48 -2.43 2.91 -3.74
N LEU A 49 -1.90 1.95 -4.51
CA LEU A 49 -2.68 1.27 -5.54
C LEU A 49 -3.02 -0.14 -5.10
N PHE A 50 -4.28 -0.55 -5.25
CA PHE A 50 -4.70 -1.89 -4.84
C PHE A 50 -4.53 -2.89 -5.99
N PHE A 51 -4.58 -4.18 -5.67
CA PHE A 51 -4.43 -5.24 -6.68
C PHE A 51 -5.32 -6.44 -6.35
N PRO A 52 -5.65 -7.28 -7.35
CA PRO A 52 -5.21 -7.12 -8.75
C PRO A 52 -6.10 -6.19 -9.57
N ASP A 53 -7.37 -6.09 -9.19
CA ASP A 53 -8.35 -5.25 -9.90
C ASP A 53 -7.87 -3.80 -10.09
N PHE A 54 -6.90 -3.36 -9.27
CA PHE A 54 -6.35 -2.01 -9.37
C PHE A 54 -7.34 -1.00 -8.79
N ASN A 55 -7.34 -0.85 -7.47
CA ASN A 55 -8.24 0.07 -6.78
C ASN A 55 -7.51 0.89 -5.74
N PHE A 56 -6.66 1.81 -6.20
CA PHE A 56 -5.90 2.68 -5.32
C PHE A 56 -6.77 3.32 -4.23
N ALA A 57 -6.14 3.69 -3.12
CA ALA A 57 -6.85 4.30 -2.00
C ALA A 57 -5.97 5.32 -1.29
N TRP A 58 -6.60 6.34 -0.71
CA TRP A 58 -5.88 7.39 0.02
C TRP A 58 -6.26 7.37 1.50
N VAL A 59 -5.36 6.85 2.34
CA VAL A 59 -5.60 6.77 3.78
C VAL A 59 -4.36 7.18 4.57
N LYS A 60 -4.55 7.51 5.85
CA LYS A 60 -3.44 7.92 6.71
C LYS A 60 -2.42 6.78 6.87
N ARG A 61 -1.20 7.14 7.25
CA ARG A 61 -0.12 6.17 7.45
C ARG A 61 -0.46 5.18 8.57
N ASN A 62 -1.34 5.59 9.49
CA ASN A 62 -1.76 4.73 10.59
C ASN A 62 -2.45 3.47 10.09
N SER A 63 -3.26 3.62 9.04
CA SER A 63 -3.98 2.50 8.45
C SER A 63 -3.07 1.69 7.51
N VAL A 64 -1.81 2.12 7.38
CA VAL A 64 -0.86 1.44 6.51
C VAL A 64 0.15 0.64 7.35
N LYS A 65 0.66 -0.45 6.76
CA LYS A 65 1.63 -1.32 7.43
C LYS A 65 2.70 -1.77 6.45
N PRO A 66 3.99 -1.63 6.82
CA PRO A 66 5.12 -2.04 5.96
C PRO A 66 5.03 -3.51 5.54
N LEU A 67 4.90 -3.73 4.23
CA LEU A 67 4.79 -5.09 3.69
C LEU A 67 6.14 -5.57 3.18
N LEU A 68 6.40 -6.87 3.34
CA LEU A 68 7.66 -7.47 2.91
C LEU A 68 7.42 -8.74 2.10
N ASP A 69 8.47 -9.22 1.43
CA ASP A 69 8.38 -10.43 0.62
C ASP A 69 8.13 -11.65 1.50
N SER A 70 8.77 -11.68 2.68
CA SER A 70 8.60 -12.78 3.61
C SER A 70 7.15 -12.90 4.06
N GLU A 71 6.44 -11.77 4.13
CA GLU A 71 5.05 -11.76 4.54
C GLU A 71 4.12 -12.13 3.37
N ILE A 72 4.43 -11.62 2.18
CA ILE A 72 3.63 -11.92 1.00
C ILE A 72 3.82 -13.37 0.58
N ALA A 73 5.08 -13.81 0.58
CA ALA A 73 5.44 -15.19 0.22
C ALA A 73 4.61 -16.19 1.03
N LYS A 74 4.76 -16.09 2.35
CA LYS A 74 4.05 -16.98 3.26
C LYS A 74 2.55 -16.76 3.17
N PHE A 75 2.14 -15.48 3.08
CA PHE A 75 0.72 -15.15 2.98
C PHE A 75 0.04 -15.95 1.88
N LEU A 76 0.60 -15.87 0.66
CA LEU A 76 0.05 -16.59 -0.47
C LEU A 76 0.01 -18.09 -0.20
N GLY A 77 0.95 -18.58 0.60
CA GLY A 77 1.00 -19.98 0.94
C GLY A 77 0.26 -20.29 2.23
N SER A 78 -0.65 -19.39 2.63
CA SER A 78 -1.43 -19.58 3.85
C SER A 78 -2.24 -20.86 3.80
N SER A 79 -2.02 -21.74 4.77
CA SER A 79 -2.73 -23.01 4.85
C SER A 79 -3.87 -22.95 5.88
N LYS A 80 -3.85 -21.93 6.74
CA LYS A 80 -4.88 -21.77 7.77
C LYS A 80 -6.04 -20.92 7.27
N ARG A 81 -5.74 -19.73 6.74
CA ARG A 81 -6.77 -18.84 6.22
C ARG A 81 -6.31 -18.24 4.90
N LYS A 82 -6.81 -18.80 3.81
CA LYS A 82 -6.48 -18.34 2.47
C LYS A 82 -7.71 -18.26 1.59
N SER A 83 -7.83 -17.18 0.83
CA SER A 83 -8.96 -16.97 -0.07
C SER A 83 -8.49 -16.55 -1.44
N LYS A 84 -9.27 -16.87 -2.48
CA LYS A 84 -8.92 -16.52 -3.85
C LYS A 84 -8.73 -15.01 -3.99
N GLU A 85 -9.66 -14.25 -3.40
CA GLU A 85 -9.59 -12.79 -3.44
C GLU A 85 -8.38 -12.28 -2.67
N LEU A 86 -8.02 -12.96 -1.58
CA LEU A 86 -6.88 -12.57 -0.76
C LEU A 86 -5.57 -12.93 -1.44
N ILE A 87 -5.44 -14.20 -1.86
CA ILE A 87 -4.22 -14.64 -2.53
C ILE A 87 -3.95 -13.82 -3.78
N GLU A 88 -4.98 -13.68 -4.63
CA GLU A 88 -4.84 -12.90 -5.86
C GLU A 88 -4.32 -11.50 -5.56
N ALA A 89 -4.71 -10.95 -4.41
CA ALA A 89 -4.28 -9.62 -4.00
C ALA A 89 -2.79 -9.58 -3.74
N TYR A 90 -2.33 -10.46 -2.86
CA TYR A 90 -0.90 -10.51 -2.53
C TYR A 90 -0.08 -11.01 -3.72
N GLU A 91 -0.69 -11.85 -4.56
CA GLU A 91 -0.02 -12.38 -5.73
C GLU A 91 0.11 -11.29 -6.81
N ALA A 92 -0.83 -10.34 -6.80
CA ALA A 92 -0.82 -9.25 -7.78
C ALA A 92 0.16 -8.15 -7.37
N SER A 93 0.33 -7.96 -6.06
CA SER A 93 1.25 -6.93 -5.54
C SER A 93 2.69 -7.46 -5.47
N LYS A 94 2.84 -8.78 -5.31
CA LYS A 94 4.17 -9.39 -5.23
C LYS A 94 4.99 -9.16 -6.51
N THR A 95 4.29 -8.94 -7.62
CA THR A 95 4.94 -8.70 -8.90
C THR A 95 5.27 -7.22 -9.10
N PRO A 96 6.55 -6.84 -9.02
CA PRO A 96 6.98 -5.44 -9.21
C PRO A 96 6.54 -4.84 -10.56
N PRO A 97 6.66 -5.62 -11.67
CA PRO A 97 6.28 -5.18 -13.03
C PRO A 97 5.03 -4.29 -13.11
N ASP A 98 3.99 -4.61 -12.33
CA ASP A 98 2.76 -3.82 -12.36
C ASP A 98 2.90 -2.53 -11.55
N LEU A 99 3.89 -1.70 -11.93
CA LEU A 99 4.15 -0.43 -11.26
C LEU A 99 5.19 0.37 -12.04
N LYS A 100 6.45 -0.07 -11.95
CA LYS A 100 7.54 0.60 -12.65
C LYS A 100 7.58 0.22 -14.14
N GLU A 101 7.16 -1.01 -14.45
CA GLU A 101 7.15 -1.50 -15.83
C GLU A 101 5.75 -1.34 -16.45
N GLU A 102 5.41 -0.10 -16.81
CA GLU A 102 4.11 0.19 -17.41
C GLU A 102 4.13 -0.09 -18.92
N SER A 103 2.99 -0.51 -19.45
CA SER A 103 2.86 -0.81 -20.88
C SER A 103 1.91 0.16 -21.57
N SER A 104 1.86 0.09 -22.90
CA SER A 104 0.99 0.96 -23.70
C SER A 104 0.20 0.17 -24.73
N THR A 105 0.89 -0.75 -25.43
CA THR A 105 0.25 -1.58 -26.46
C THR A 105 -0.96 -2.32 -25.88
N ASP A 106 -2.10 -2.20 -26.56
CA ASP A 106 -3.34 -2.84 -26.12
C ASP A 106 -3.75 -2.38 -24.72
N LEU A 107 -3.54 -1.09 -24.44
CA LEU A 107 -3.89 -0.52 -23.14
C LEU A 107 -4.62 0.81 -23.31
N GLU A 108 -5.73 0.97 -22.58
CA GLU A 108 -6.53 2.19 -22.65
C GLU A 108 -5.83 3.34 -21.94
N SER A 1 11.21 1.53 19.42
CA SER A 1 10.77 2.89 19.00
C SER A 1 11.34 3.25 17.62
N ALA A 2 10.94 2.49 16.59
CA ALA A 2 11.40 2.73 15.22
C ALA A 2 10.49 2.05 14.21
N ASP A 3 9.82 2.85 13.37
CA ASP A 3 8.92 2.31 12.35
C ASP A 3 8.69 3.35 11.24
N ASP A 4 9.72 3.58 10.43
CA ASP A 4 9.63 4.54 9.34
C ASP A 4 10.32 4.02 8.08
N ARG A 5 9.57 3.25 7.27
CA ARG A 5 10.11 2.68 6.04
C ARG A 5 9.04 2.69 4.94
N LEU A 6 8.30 3.80 4.84
CA LEU A 6 7.25 3.93 3.84
C LEU A 6 7.61 5.01 2.81
N ASN A 7 8.06 4.58 1.63
CA ASN A 7 8.45 5.51 0.57
C ASN A 7 7.88 5.07 -0.79
N PHE A 8 8.21 5.83 -1.84
CA PHE A 8 7.73 5.53 -3.20
C PHE A 8 8.24 4.16 -3.66
N GLY A 9 7.33 3.36 -4.23
CA GLY A 9 7.69 2.05 -4.71
C GLY A 9 8.00 1.09 -3.57
N ASP A 10 7.10 1.04 -2.58
CA ASP A 10 7.28 0.17 -1.42
C ASP A 10 6.01 -0.64 -1.14
N ARG A 11 6.20 -1.92 -0.82
CA ARG A 11 5.07 -2.80 -0.52
C ARG A 11 4.58 -2.57 0.90
N ILE A 12 3.34 -2.08 1.02
CA ILE A 12 2.76 -1.81 2.34
C ILE A 12 1.30 -2.27 2.42
N LEU A 13 0.85 -2.60 3.63
CA LEU A 13 -0.52 -3.05 3.85
C LEU A 13 -1.42 -1.87 4.21
N VAL A 14 -2.69 -1.93 3.79
CA VAL A 14 -3.65 -0.86 4.06
C VAL A 14 -4.99 -1.38 4.54
N LYS A 15 -5.55 -0.73 5.56
CA LYS A 15 -6.84 -1.11 6.11
C LYS A 15 -7.92 -0.15 5.63
N ALA A 16 -8.78 -0.65 4.73
CA ALA A 16 -9.87 0.17 4.18
C ALA A 16 -10.98 0.38 5.21
N PRO A 17 -11.65 1.55 5.18
CA PRO A 17 -12.73 1.87 6.11
C PRO A 17 -13.82 0.79 6.11
N GLY A 18 -13.78 -0.08 7.12
CA GLY A 18 -14.76 -1.15 7.21
C GLY A 18 -14.23 -2.47 6.66
N TYR A 19 -13.36 -2.38 5.65
CA TYR A 19 -12.77 -3.57 5.03
C TYR A 19 -11.43 -3.93 5.68
N PRO A 20 -11.13 -5.24 5.80
CA PRO A 20 -9.86 -5.72 6.40
C PRO A 20 -8.63 -5.22 5.64
N TRP A 21 -7.45 -5.50 6.21
CA TRP A 21 -6.19 -5.08 5.61
C TRP A 21 -5.98 -5.72 4.23
N TRP A 22 -5.59 -4.91 3.25
CA TRP A 22 -5.37 -5.39 1.88
C TRP A 22 -3.98 -4.99 1.39
N PRO A 23 -3.32 -5.88 0.60
CA PRO A 23 -1.97 -5.63 0.06
C PRO A 23 -1.95 -4.49 -0.97
N ALA A 24 -1.18 -3.44 -0.67
CA ALA A 24 -1.07 -2.29 -1.55
C ALA A 24 0.40 -1.90 -1.74
N LEU A 25 0.63 -0.89 -2.57
CA LEU A 25 1.98 -0.42 -2.84
C LEU A 25 2.04 1.11 -2.83
N LEU A 26 2.87 1.67 -1.94
CA LEU A 26 3.02 3.12 -1.82
C LEU A 26 3.48 3.74 -3.14
N LEU A 27 2.69 4.71 -3.62
CA LEU A 27 3.01 5.40 -4.86
C LEU A 27 3.50 6.83 -4.58
N ARG A 28 2.71 7.60 -3.82
CA ARG A 28 3.08 8.98 -3.48
C ARG A 28 2.37 9.46 -2.22
N ARG A 29 2.98 10.40 -1.51
CA ARG A 29 2.41 10.95 -0.29
C ARG A 29 1.95 12.40 -0.52
N LYS A 30 0.65 12.62 -0.42
CA LYS A 30 0.08 13.95 -0.62
C LYS A 30 -0.40 14.55 0.70
N GLU A 31 0.00 15.80 0.97
CA GLU A 31 -0.39 16.49 2.19
C GLU A 31 -1.48 17.53 1.89
N THR A 32 -2.70 17.26 2.33
CA THR A 32 -3.80 18.17 2.11
C THR A 32 -4.42 18.62 3.43
N LYS A 33 -4.57 19.94 3.59
CA LYS A 33 -5.14 20.50 4.81
C LYS A 33 -6.55 21.01 4.57
N ASP A 34 -7.34 21.11 5.65
CA ASP A 34 -8.71 21.59 5.56
C ASP A 34 -8.88 22.95 6.21
N SER A 35 -8.15 23.17 7.29
CA SER A 35 -8.21 24.42 8.02
C SER A 35 -9.66 24.78 8.40
N LEU A 36 -10.50 23.77 8.58
CA LEU A 36 -11.89 23.97 8.94
C LEU A 36 -12.22 23.37 10.31
N ASN A 37 -11.49 22.32 10.69
CA ASN A 37 -11.70 21.65 11.98
C ASN A 37 -11.66 22.66 13.13
N THR A 38 -10.65 23.52 13.14
CA THR A 38 -10.50 24.54 14.17
C THR A 38 -9.35 25.49 13.86
N ASN A 39 -8.15 24.94 13.67
CA ASN A 39 -6.97 25.73 13.36
C ASN A 39 -5.79 24.83 12.99
N SER A 40 -5.31 24.96 11.74
CA SER A 40 -4.19 24.16 11.25
C SER A 40 -4.51 22.66 11.31
N SER A 41 -5.44 22.22 10.46
CA SER A 41 -5.83 20.82 10.43
C SER A 41 -5.31 20.14 9.16
N PHE A 42 -4.17 19.48 9.29
CA PHE A 42 -3.54 18.79 8.16
C PHE A 42 -4.12 17.39 7.99
N ASN A 43 -4.24 16.95 6.74
CA ASN A 43 -4.75 15.62 6.43
C ASN A 43 -3.85 14.95 5.40
N VAL A 44 -2.76 14.36 5.88
CA VAL A 44 -1.81 13.69 5.01
C VAL A 44 -2.12 12.19 4.91
N LEU A 45 -2.06 11.66 3.70
CA LEU A 45 -2.33 10.25 3.45
C LEU A 45 -1.26 9.62 2.57
N TYR A 46 -1.39 8.31 2.33
CA TYR A 46 -0.44 7.57 1.51
C TYR A 46 -1.13 6.99 0.28
N LYS A 47 -0.87 7.59 -0.88
CA LYS A 47 -1.45 7.11 -2.13
C LYS A 47 -0.81 5.79 -2.54
N VAL A 48 -1.53 4.70 -2.29
CA VAL A 48 -1.02 3.36 -2.60
C VAL A 48 -1.85 2.67 -3.68
N LEU A 49 -1.24 1.71 -4.37
CA LEU A 49 -1.93 0.96 -5.40
C LEU A 49 -2.39 -0.38 -4.84
N PHE A 50 -3.65 -0.71 -5.09
CA PHE A 50 -4.23 -1.96 -4.62
C PHE A 50 -4.18 -3.03 -5.72
N PHE A 51 -4.29 -4.30 -5.31
CA PHE A 51 -4.26 -5.40 -6.26
C PHE A 51 -5.21 -6.52 -5.82
N PRO A 52 -5.84 -7.23 -6.77
CA PRO A 52 -5.68 -6.99 -8.22
C PRO A 52 -6.52 -5.81 -8.72
N ASP A 53 -6.72 -5.76 -10.05
CA ASP A 53 -7.51 -4.69 -10.68
C ASP A 53 -6.76 -3.35 -10.69
N PHE A 54 -5.49 -3.35 -10.25
CA PHE A 54 -4.68 -2.13 -10.21
C PHE A 54 -5.45 -0.99 -9.52
N ASN A 55 -6.25 -1.33 -8.52
CA ASN A 55 -7.02 -0.33 -7.78
C ASN A 55 -6.09 0.53 -6.92
N PHE A 56 -6.65 1.38 -6.07
CA PHE A 56 -5.84 2.25 -5.20
C PHE A 56 -6.65 2.80 -4.04
N ALA A 57 -5.98 3.53 -3.15
CA ALA A 57 -6.63 4.11 -1.99
C ALA A 57 -5.81 5.25 -1.39
N TRP A 58 -6.45 6.03 -0.52
CA TRP A 58 -5.79 7.15 0.14
C TRP A 58 -6.13 7.15 1.64
N VAL A 59 -5.16 6.74 2.46
CA VAL A 59 -5.35 6.70 3.91
C VAL A 59 -4.07 7.08 4.65
N LYS A 60 -4.22 7.48 5.91
CA LYS A 60 -3.08 7.87 6.74
C LYS A 60 -2.22 6.65 7.10
N ARG A 61 -0.97 6.91 7.48
CA ARG A 61 -0.03 5.85 7.86
C ARG A 61 -0.60 4.97 8.98
N ASN A 62 -1.53 5.53 9.77
CA ASN A 62 -2.15 4.79 10.88
C ASN A 62 -2.85 3.54 10.37
N SER A 63 -3.50 3.65 9.22
CA SER A 63 -4.20 2.51 8.62
C SER A 63 -3.29 1.77 7.64
N VAL A 64 -1.98 1.99 7.74
CA VAL A 64 -1.01 1.33 6.86
C VAL A 64 0.07 0.63 7.67
N LYS A 65 0.40 -0.61 7.28
CA LYS A 65 1.42 -1.40 7.96
C LYS A 65 2.51 -1.86 6.99
N PRO A 66 3.80 -1.59 7.32
CA PRO A 66 4.93 -1.98 6.46
C PRO A 66 4.93 -3.47 6.11
N LEU A 67 5.00 -3.78 4.82
CA LEU A 67 5.01 -5.16 4.36
C LEU A 67 6.30 -5.49 3.61
N LEU A 68 6.67 -6.77 3.61
CA LEU A 68 7.89 -7.22 2.92
C LEU A 68 7.58 -8.36 1.96
N ASP A 69 8.49 -8.60 1.01
CA ASP A 69 8.31 -9.67 0.02
C ASP A 69 8.22 -11.03 0.69
N SER A 70 9.07 -11.26 1.70
CA SER A 70 9.07 -12.53 2.43
C SER A 70 7.70 -12.75 3.08
N GLU A 71 7.03 -11.66 3.46
CA GLU A 71 5.71 -11.74 4.08
C GLU A 71 4.64 -12.01 3.00
N ILE A 72 4.76 -11.30 1.88
CA ILE A 72 3.81 -11.46 0.77
C ILE A 72 3.87 -12.89 0.25
N ALA A 73 5.06 -13.34 -0.14
CA ALA A 73 5.25 -14.70 -0.62
C ALA A 73 4.69 -15.70 0.38
N LYS A 74 4.92 -15.43 1.66
CA LYS A 74 4.43 -16.30 2.73
C LYS A 74 2.91 -16.29 2.77
N PHE A 75 2.33 -15.10 2.83
CA PHE A 75 0.87 -14.95 2.86
C PHE A 75 0.23 -15.81 1.76
N LEU A 76 0.85 -15.79 0.58
CA LEU A 76 0.36 -16.56 -0.55
C LEU A 76 0.62 -18.06 -0.35
N GLY A 77 1.76 -18.38 0.27
CA GLY A 77 2.10 -19.77 0.52
C GLY A 77 1.41 -20.33 1.75
N SER A 78 0.50 -19.55 2.36
CA SER A 78 -0.22 -19.98 3.55
C SER A 78 -1.02 -21.25 3.28
N SER A 79 -0.55 -22.37 3.82
CA SER A 79 -1.22 -23.66 3.64
C SER A 79 -2.13 -23.98 4.82
N LYS A 80 -2.66 -22.94 5.47
CA LYS A 80 -3.55 -23.12 6.62
C LYS A 80 -4.85 -22.32 6.46
N ARG A 81 -4.71 -21.02 6.19
CA ARG A 81 -5.86 -20.16 5.99
C ARG A 81 -5.62 -19.25 4.79
N LYS A 82 -6.22 -19.61 3.67
CA LYS A 82 -6.07 -18.85 2.44
C LYS A 82 -7.41 -18.72 1.71
N SER A 83 -7.65 -17.54 1.14
CA SER A 83 -8.89 -17.28 0.40
C SER A 83 -8.58 -16.88 -1.04
N LYS A 84 -9.44 -17.28 -1.97
CA LYS A 84 -9.24 -16.95 -3.38
C LYS A 84 -9.14 -15.43 -3.57
N GLU A 85 -9.98 -14.69 -2.84
CA GLU A 85 -9.96 -13.23 -2.91
C GLU A 85 -8.72 -12.66 -2.22
N LEU A 86 -8.26 -13.34 -1.17
CA LEU A 86 -7.08 -12.89 -0.44
C LEU A 86 -5.80 -13.22 -1.20
N ILE A 87 -5.69 -14.46 -1.66
CA ILE A 87 -4.51 -14.89 -2.40
C ILE A 87 -4.34 -14.06 -3.67
N GLU A 88 -5.43 -13.90 -4.43
CA GLU A 88 -5.38 -13.12 -5.67
C GLU A 88 -4.87 -11.71 -5.40
N ALA A 89 -5.18 -11.18 -4.22
CA ALA A 89 -4.74 -9.83 -3.85
C ALA A 89 -3.24 -9.78 -3.68
N TYR A 90 -2.71 -10.66 -2.84
CA TYR A 90 -1.27 -10.72 -2.60
C TYR A 90 -0.51 -11.18 -3.85
N GLU A 91 -1.15 -12.06 -4.63
CA GLU A 91 -0.54 -12.56 -5.86
C GLU A 91 -0.52 -11.48 -6.94
N ALA A 92 -1.48 -10.56 -6.85
CA ALA A 92 -1.57 -9.46 -7.82
C ALA A 92 -0.60 -8.34 -7.47
N SER A 93 -0.22 -8.28 -6.19
CA SER A 93 0.71 -7.25 -5.71
C SER A 93 2.15 -7.62 -6.06
N LYS A 94 2.47 -8.91 -5.99
CA LYS A 94 3.81 -9.40 -6.31
C LYS A 94 4.24 -8.99 -7.72
N THR A 95 3.28 -8.91 -8.65
CA THR A 95 3.53 -8.52 -10.03
C THR A 95 4.38 -7.24 -10.11
N PRO A 96 5.67 -7.39 -10.48
CA PRO A 96 6.61 -6.28 -10.60
C PRO A 96 6.92 -5.92 -12.06
N PRO A 97 5.90 -5.69 -12.91
CA PRO A 97 6.10 -5.37 -14.31
C PRO A 97 6.38 -3.89 -14.58
N ASP A 98 5.63 -3.00 -13.92
CA ASP A 98 5.81 -1.56 -14.11
C ASP A 98 6.22 -0.86 -12.81
N LEU A 99 5.34 -0.90 -11.81
CA LEU A 99 5.61 -0.26 -10.51
C LEU A 99 6.96 -0.68 -9.95
N LYS A 100 7.20 -1.99 -9.90
CA LYS A 100 8.46 -2.51 -9.37
C LYS A 100 9.43 -2.84 -10.51
N GLU A 101 9.45 -1.99 -11.54
CA GLU A 101 10.32 -2.18 -12.70
C GLU A 101 10.32 -0.94 -13.60
N GLU A 102 10.33 0.24 -12.98
CA GLU A 102 10.32 1.50 -13.73
C GLU A 102 11.24 2.53 -13.07
N SER A 103 10.85 3.01 -11.89
CA SER A 103 11.65 4.00 -11.17
C SER A 103 11.77 3.66 -9.69
N SER A 104 12.52 2.60 -9.41
CA SER A 104 12.73 2.14 -8.03
C SER A 104 13.85 1.11 -7.96
N THR A 105 15.09 1.60 -7.81
CA THR A 105 16.25 0.70 -7.75
C THR A 105 16.62 0.38 -6.30
N ASP A 106 16.73 -0.90 -6.00
CA ASP A 106 17.09 -1.37 -4.66
C ASP A 106 18.40 -2.16 -4.67
N LEU A 107 18.56 -3.05 -5.64
CA LEU A 107 19.77 -3.86 -5.76
C LEU A 107 20.79 -3.20 -6.69
N GLU A 108 22.08 -3.48 -6.45
CA GLU A 108 23.16 -2.92 -7.25
C GLU A 108 23.33 -1.41 -7.00
N SER A 1 20.66 1.59 10.31
CA SER A 1 19.38 1.69 11.08
C SER A 1 18.34 0.72 10.54
N ALA A 2 17.15 0.74 11.14
CA ALA A 2 16.06 -0.14 10.73
C ALA A 2 14.86 0.67 10.23
N ASP A 3 13.76 -0.03 9.96
CA ASP A 3 12.52 0.61 9.48
C ASP A 3 12.76 1.34 8.15
N ASP A 4 13.65 0.80 7.32
CA ASP A 4 13.97 1.40 6.03
C ASP A 4 12.98 0.90 4.96
N ARG A 5 11.72 1.29 5.12
CA ARG A 5 10.66 0.89 4.20
C ARG A 5 9.62 2.00 4.05
N LEU A 6 8.56 1.73 3.28
CA LEU A 6 7.48 2.71 3.05
C LEU A 6 7.97 3.93 2.27
N ASN A 7 7.94 3.81 0.93
CA ASN A 7 8.39 4.90 0.06
C ASN A 7 7.67 4.85 -1.29
N PHE A 8 8.04 5.76 -2.20
CA PHE A 8 7.44 5.82 -3.54
C PHE A 8 7.73 4.54 -4.32
N GLY A 9 6.67 3.80 -4.67
CA GLY A 9 6.84 2.56 -5.41
C GLY A 9 7.24 1.40 -4.52
N ASP A 10 6.62 1.32 -3.34
CA ASP A 10 6.92 0.25 -2.39
C ASP A 10 5.64 -0.45 -1.96
N ARG A 11 5.68 -1.78 -1.98
CA ARG A 11 4.52 -2.59 -1.59
C ARG A 11 4.25 -2.45 -0.09
N ILE A 12 3.09 -1.88 0.24
CA ILE A 12 2.71 -1.67 1.64
C ILE A 12 1.33 -2.26 1.93
N LEU A 13 1.05 -2.52 3.21
CA LEU A 13 -0.24 -3.07 3.61
C LEU A 13 -1.14 -1.99 4.20
N VAL A 14 -2.42 -2.02 3.85
CA VAL A 14 -3.36 -1.03 4.34
C VAL A 14 -4.67 -1.69 4.81
N LYS A 15 -5.23 -1.14 5.90
CA LYS A 15 -6.47 -1.65 6.45
C LYS A 15 -7.65 -0.74 6.08
N ALA A 16 -8.67 -1.31 5.46
CA ALA A 16 -9.85 -0.54 5.06
C ALA A 16 -10.85 -0.46 6.21
N PRO A 17 -11.66 0.61 6.26
CA PRO A 17 -12.67 0.79 7.31
C PRO A 17 -13.76 -0.28 7.24
N GLY A 18 -13.58 -1.34 8.01
CA GLY A 18 -14.54 -2.43 8.01
C GLY A 18 -14.02 -3.69 7.33
N TYR A 19 -13.08 -3.51 6.39
CA TYR A 19 -12.50 -4.63 5.66
C TYR A 19 -11.08 -4.95 6.16
N PRO A 20 -10.58 -6.17 5.87
CA PRO A 20 -9.24 -6.61 6.29
C PRO A 20 -8.12 -5.85 5.58
N TRP A 21 -6.87 -6.28 5.79
CA TRP A 21 -5.72 -5.64 5.17
C TRP A 21 -5.54 -6.10 3.72
N TRP A 22 -5.06 -5.19 2.87
CA TRP A 22 -4.85 -5.51 1.46
C TRP A 22 -3.49 -5.00 0.97
N PRO A 23 -2.82 -5.75 0.08
CA PRO A 23 -1.51 -5.37 -0.47
C PRO A 23 -1.61 -4.27 -1.52
N ALA A 24 -1.38 -3.03 -1.08
CA ALA A 24 -1.43 -1.87 -1.97
C ALA A 24 -0.04 -1.24 -2.11
N LEU A 25 0.31 -0.81 -3.33
CA LEU A 25 1.62 -0.20 -3.56
C LEU A 25 1.54 1.33 -3.47
N LEU A 26 2.42 1.90 -2.66
CA LEU A 26 2.47 3.35 -2.46
C LEU A 26 2.91 4.07 -3.75
N LEU A 27 2.18 5.11 -4.11
CA LEU A 27 2.48 5.88 -5.32
C LEU A 27 3.08 7.25 -4.97
N ARG A 28 2.35 8.04 -4.19
CA ARG A 28 2.82 9.38 -3.80
C ARG A 28 2.31 9.77 -2.41
N ARG A 29 2.95 10.80 -1.84
CA ARG A 29 2.57 11.31 -0.51
C ARG A 29 2.03 12.73 -0.63
N LYS A 30 0.73 12.89 -0.37
CA LYS A 30 0.09 14.20 -0.46
C LYS A 30 -0.35 14.69 0.92
N GLU A 31 0.06 15.91 1.26
CA GLU A 31 -0.28 16.52 2.55
C GLU A 31 -1.33 17.60 2.39
N THR A 32 -2.53 17.35 2.92
CA THR A 32 -3.62 18.31 2.84
C THR A 32 -4.17 18.63 4.23
N LYS A 33 -4.23 19.92 4.55
CA LYS A 33 -4.73 20.37 5.85
C LYS A 33 -6.16 20.90 5.74
N ASP A 34 -6.84 20.96 6.89
CA ASP A 34 -8.23 21.43 6.95
C ASP A 34 -9.14 20.61 6.04
N SER A 35 -9.02 19.28 6.13
CA SER A 35 -9.83 18.38 5.31
C SER A 35 -11.29 18.38 5.76
N LEU A 36 -11.53 18.03 7.01
CA LEU A 36 -12.89 17.99 7.55
C LEU A 36 -13.42 19.40 7.85
N ASN A 37 -12.50 20.35 8.06
CA ASN A 37 -12.87 21.73 8.36
C ASN A 37 -13.70 21.82 9.65
N THR A 38 -13.27 21.07 10.67
CA THR A 38 -13.96 21.06 11.96
C THR A 38 -12.95 20.84 13.10
N ASN A 39 -12.17 19.75 13.01
CA ASN A 39 -11.16 19.43 14.02
C ASN A 39 -10.16 18.40 13.47
N SER A 40 -9.78 18.56 12.20
CA SER A 40 -8.83 17.66 11.56
C SER A 40 -7.38 18.12 11.78
N SER A 41 -6.99 19.18 11.06
CA SER A 41 -5.64 19.73 11.16
C SER A 41 -4.57 18.71 10.73
N PHE A 42 -3.99 18.93 9.55
CA PHE A 42 -2.96 18.04 9.00
C PHE A 42 -3.56 16.68 8.65
N ASN A 43 -3.95 16.53 7.38
CA ASN A 43 -4.53 15.29 6.90
C ASN A 43 -3.75 14.81 5.68
N VAL A 44 -2.63 14.17 5.94
CA VAL A 44 -1.77 13.65 4.88
C VAL A 44 -2.02 12.15 4.70
N LEU A 45 -2.37 11.77 3.48
CA LEU A 45 -2.65 10.37 3.15
C LEU A 45 -1.61 9.80 2.20
N TYR A 46 -1.65 8.49 2.02
CA TYR A 46 -0.74 7.80 1.13
C TYR A 46 -1.49 7.19 -0.05
N LYS A 47 -1.25 7.75 -1.24
CA LYS A 47 -1.91 7.26 -2.46
C LYS A 47 -1.38 5.88 -2.82
N VAL A 48 -2.11 4.83 -2.42
CA VAL A 48 -1.69 3.46 -2.69
C VAL A 48 -2.56 2.81 -3.77
N LEU A 49 -1.93 1.97 -4.59
CA LEU A 49 -2.64 1.26 -5.65
C LEU A 49 -2.93 -0.17 -5.20
N PHE A 50 -4.17 -0.59 -5.41
CA PHE A 50 -4.61 -1.93 -5.02
C PHE A 50 -4.46 -2.92 -6.17
N PHE A 51 -4.40 -4.22 -5.83
CA PHE A 51 -4.24 -5.28 -6.83
C PHE A 51 -5.11 -6.49 -6.48
N PRO A 52 -5.40 -7.38 -7.46
CA PRO A 52 -4.93 -7.24 -8.85
C PRO A 52 -5.75 -6.25 -9.69
N ASP A 53 -6.99 -5.99 -9.27
CA ASP A 53 -7.90 -5.07 -9.98
C ASP A 53 -7.21 -3.77 -10.43
N PHE A 54 -6.17 -3.35 -9.71
CA PHE A 54 -5.44 -2.12 -10.03
C PHE A 54 -6.21 -0.88 -9.56
N ASN A 55 -6.87 -1.00 -8.41
CA ASN A 55 -7.63 0.10 -7.83
C ASN A 55 -6.71 0.96 -6.96
N PHE A 56 -7.29 1.76 -6.06
CA PHE A 56 -6.50 2.61 -5.18
C PHE A 56 -7.28 3.01 -3.94
N ALA A 57 -6.61 3.71 -3.02
CA ALA A 57 -7.23 4.16 -1.79
C ALA A 57 -6.38 5.19 -1.06
N TRP A 58 -6.97 6.33 -0.71
CA TRP A 58 -6.25 7.38 0.00
C TRP A 58 -6.40 7.20 1.51
N VAL A 59 -5.33 6.71 2.15
CA VAL A 59 -5.35 6.47 3.60
C VAL A 59 -4.05 6.93 4.26
N LYS A 60 -4.13 7.35 5.52
CA LYS A 60 -2.96 7.80 6.27
C LYS A 60 -1.97 6.66 6.51
N ARG A 61 -0.83 6.98 7.12
CA ARG A 61 0.20 5.99 7.41
C ARG A 61 -0.19 5.09 8.59
N ASN A 62 -1.08 5.58 9.47
CA ASN A 62 -1.51 4.80 10.64
C ASN A 62 -2.20 3.50 10.21
N SER A 63 -3.06 3.57 9.20
CA SER A 63 -3.77 2.38 8.71
C SER A 63 -2.87 1.56 7.77
N VAL A 64 -1.68 2.08 7.45
CA VAL A 64 -0.74 1.39 6.58
C VAL A 64 0.36 0.70 7.39
N LYS A 65 0.92 -0.38 6.83
CA LYS A 65 1.98 -1.15 7.49
C LYS A 65 3.03 -1.60 6.47
N PRO A 66 4.33 -1.52 6.83
CA PRO A 66 5.43 -1.91 5.94
C PRO A 66 5.40 -3.42 5.63
N LEU A 67 5.15 -3.74 4.37
CA LEU A 67 5.10 -5.15 3.93
C LEU A 67 6.45 -5.61 3.38
N LEU A 68 6.73 -6.90 3.52
CA LEU A 68 7.98 -7.47 3.04
C LEU A 68 7.71 -8.61 2.04
N ASP A 69 8.78 -9.07 1.38
CA ASP A 69 8.67 -10.15 0.40
C ASP A 69 8.30 -11.47 1.07
N SER A 70 9.02 -11.81 2.13
CA SER A 70 8.77 -13.04 2.88
C SER A 70 7.33 -13.09 3.38
N GLU A 71 6.81 -11.95 3.83
CA GLU A 71 5.44 -11.87 4.33
C GLU A 71 4.44 -12.15 3.19
N ILE A 72 4.66 -11.53 2.04
CA ILE A 72 3.78 -11.72 0.88
C ILE A 72 3.76 -13.20 0.49
N ALA A 73 4.94 -13.75 0.24
CA ALA A 73 5.07 -15.17 -0.12
C ALA A 73 4.38 -16.04 0.92
N LYS A 74 4.51 -15.65 2.19
CA LYS A 74 3.89 -16.37 3.29
C LYS A 74 2.38 -16.27 3.25
N PHE A 75 1.88 -15.04 3.16
CA PHE A 75 0.44 -14.80 3.10
C PHE A 75 -0.21 -15.71 2.05
N LEU A 76 0.44 -15.79 0.89
CA LEU A 76 -0.06 -16.63 -0.19
C LEU A 76 0.04 -18.11 0.17
N GLY A 77 1.09 -18.46 0.93
CA GLY A 77 1.28 -19.84 1.35
C GLY A 77 0.51 -20.18 2.62
N SER A 78 -0.41 -19.29 3.03
CA SER A 78 -1.19 -19.51 4.24
C SER A 78 -2.08 -20.74 4.10
N SER A 79 -1.86 -21.73 4.96
CA SER A 79 -2.63 -22.97 4.94
C SER A 79 -3.64 -23.03 6.08
N LYS A 80 -4.13 -21.87 6.53
CA LYS A 80 -5.11 -21.80 7.62
C LYS A 80 -6.31 -20.94 7.24
N ARG A 81 -6.04 -19.71 6.82
CA ARG A 81 -7.09 -18.79 6.41
C ARG A 81 -6.67 -18.08 5.13
N LYS A 82 -7.22 -18.53 4.03
CA LYS A 82 -6.91 -17.97 2.71
C LYS A 82 -8.16 -17.90 1.83
N SER A 83 -8.19 -16.90 0.94
CA SER A 83 -9.32 -16.72 0.03
C SER A 83 -8.83 -16.48 -1.40
N LYS A 84 -9.60 -16.92 -2.39
CA LYS A 84 -9.23 -16.75 -3.80
C LYS A 84 -8.97 -15.28 -4.10
N GLU A 85 -9.88 -14.41 -3.65
CA GLU A 85 -9.74 -12.97 -3.86
C GLU A 85 -8.54 -12.41 -3.11
N LEU A 86 -8.23 -13.01 -1.95
CA LEU A 86 -7.10 -12.56 -1.14
C LEU A 86 -5.78 -13.05 -1.72
N ILE A 87 -5.71 -14.34 -2.06
CA ILE A 87 -4.49 -14.91 -2.62
C ILE A 87 -4.10 -14.20 -3.90
N GLU A 88 -5.04 -14.11 -4.86
CA GLU A 88 -4.79 -13.45 -6.12
C GLU A 88 -4.31 -12.01 -5.88
N ALA A 89 -4.81 -11.39 -4.82
CA ALA A 89 -4.43 -10.03 -4.47
C ALA A 89 -2.97 -9.93 -4.09
N TYR A 90 -2.53 -10.79 -3.16
CA TYR A 90 -1.14 -10.79 -2.73
C TYR A 90 -0.22 -11.24 -3.86
N GLU A 91 -0.73 -12.15 -4.71
CA GLU A 91 0.02 -12.63 -5.86
C GLU A 91 0.30 -11.49 -6.83
N ALA A 92 -0.65 -10.55 -6.91
CA ALA A 92 -0.51 -9.39 -7.80
C ALA A 92 0.60 -8.45 -7.31
N SER A 93 0.75 -8.34 -5.98
CA SER A 93 1.77 -7.47 -5.39
C SER A 93 3.15 -8.13 -5.42
N LYS A 94 3.19 -9.46 -5.56
CA LYS A 94 4.46 -10.20 -5.60
C LYS A 94 5.39 -9.70 -6.70
N THR A 95 4.84 -9.06 -7.73
CA THR A 95 5.64 -8.53 -8.84
C THR A 95 5.95 -7.04 -8.65
N PRO A 96 7.19 -6.71 -8.21
CA PRO A 96 7.61 -5.32 -8.02
C PRO A 96 7.40 -4.46 -9.28
N PRO A 97 7.70 -5.00 -10.49
CA PRO A 97 7.56 -4.28 -11.76
C PRO A 97 6.16 -3.66 -11.95
N ASP A 98 5.95 -3.06 -13.13
CA ASP A 98 4.68 -2.43 -13.45
C ASP A 98 4.36 -1.30 -12.46
N LEU A 99 5.37 -0.48 -12.19
CA LEU A 99 5.23 0.64 -11.26
C LEU A 99 6.52 1.45 -11.17
N LYS A 100 7.64 0.75 -10.96
CA LYS A 100 8.95 1.39 -10.84
C LYS A 100 9.30 2.18 -12.12
N GLU A 101 9.48 1.46 -13.23
CA GLU A 101 9.82 2.09 -14.50
C GLU A 101 9.47 1.17 -15.67
N GLU A 102 8.24 1.30 -16.17
CA GLU A 102 7.77 0.48 -17.27
C GLU A 102 7.65 1.32 -18.55
N SER A 103 8.73 1.36 -19.32
CA SER A 103 8.76 2.12 -20.57
C SER A 103 9.33 1.27 -21.71
N SER A 104 10.54 0.75 -21.52
CA SER A 104 11.19 -0.09 -22.54
C SER A 104 12.22 -1.01 -21.89
N THR A 105 11.76 -2.18 -21.45
CA THR A 105 12.64 -3.16 -20.81
C THR A 105 12.36 -4.56 -21.34
N ASP A 106 12.02 -4.65 -22.63
CA ASP A 106 11.72 -5.92 -23.29
C ASP A 106 10.42 -6.55 -22.74
N LEU A 107 9.88 -7.52 -23.48
CA LEU A 107 8.65 -8.18 -23.07
C LEU A 107 8.71 -9.69 -23.34
N GLU A 108 9.04 -10.06 -24.59
CA GLU A 108 9.15 -11.47 -24.98
C GLU A 108 7.79 -12.17 -24.90
N SER A 1 8.09 -7.49 11.96
CA SER A 1 8.91 -6.35 12.44
C SER A 1 9.39 -5.49 11.28
N ALA A 2 8.55 -4.54 10.87
CA ALA A 2 8.87 -3.65 9.75
C ALA A 2 8.62 -2.19 10.12
N ASP A 3 9.70 -1.40 10.16
CA ASP A 3 9.61 0.02 10.49
C ASP A 3 10.74 0.81 9.87
N ASP A 4 11.00 0.56 8.58
CA ASP A 4 12.05 1.24 7.85
C ASP A 4 11.50 2.47 7.10
N ARG A 5 10.29 2.89 7.47
CA ARG A 5 9.63 4.04 6.87
C ARG A 5 9.25 3.78 5.40
N LEU A 6 7.97 3.97 5.08
CA LEU A 6 7.47 3.75 3.72
C LEU A 6 8.02 4.81 2.75
N ASN A 7 7.86 4.57 1.45
CA ASN A 7 8.33 5.51 0.43
C ASN A 7 7.63 5.27 -0.91
N PHE A 8 7.99 6.06 -1.92
CA PHE A 8 7.40 5.94 -3.25
C PHE A 8 7.86 4.66 -3.94
N GLY A 9 6.94 4.01 -4.68
CA GLY A 9 7.27 2.78 -5.36
C GLY A 9 7.59 1.64 -4.41
N ASP A 10 6.90 1.61 -3.26
CA ASP A 10 7.11 0.59 -2.26
C ASP A 10 5.81 -0.13 -1.90
N ARG A 11 5.86 -1.46 -1.89
CA ARG A 11 4.69 -2.28 -1.57
C ARG A 11 4.37 -2.21 -0.07
N ILE A 12 3.16 -1.77 0.25
CA ILE A 12 2.72 -1.64 1.64
C ILE A 12 1.32 -2.22 1.85
N LEU A 13 1.03 -2.64 3.08
CA LEU A 13 -0.28 -3.20 3.41
C LEU A 13 -1.22 -2.13 3.95
N VAL A 14 -2.46 -2.13 3.45
CA VAL A 14 -3.45 -1.15 3.87
C VAL A 14 -4.73 -1.81 4.40
N LYS A 15 -5.21 -1.34 5.55
CA LYS A 15 -6.41 -1.88 6.17
C LYS A 15 -7.58 -0.91 5.99
N ALA A 16 -8.66 -1.39 5.35
CA ALA A 16 -9.84 -0.57 5.11
C ALA A 16 -10.99 -0.99 6.03
N PRO A 17 -12.04 -0.16 6.14
CA PRO A 17 -13.20 -0.46 7.00
C PRO A 17 -14.04 -1.61 6.42
N GLY A 18 -14.14 -2.69 7.19
CA GLY A 18 -14.91 -3.84 6.75
C GLY A 18 -14.05 -4.94 6.14
N TYR A 19 -12.97 -4.55 5.46
CA TYR A 19 -12.07 -5.51 4.82
C TYR A 19 -10.72 -5.55 5.54
N PRO A 20 -10.04 -6.72 5.53
CA PRO A 20 -8.73 -6.87 6.18
C PRO A 20 -7.62 -6.13 5.45
N TRP A 21 -6.37 -6.32 5.89
CA TRP A 21 -5.23 -5.67 5.28
C TRP A 21 -5.04 -6.15 3.84
N TRP A 22 -5.13 -5.23 2.88
CA TRP A 22 -4.97 -5.55 1.47
C TRP A 22 -3.61 -5.10 0.95
N PRO A 23 -2.97 -5.93 0.09
CA PRO A 23 -1.66 -5.63 -0.49
C PRO A 23 -1.74 -4.51 -1.54
N ALA A 24 -1.28 -3.32 -1.16
CA ALA A 24 -1.28 -2.16 -2.05
C ALA A 24 0.15 -1.68 -2.30
N LEU A 25 0.30 -0.70 -3.18
CA LEU A 25 1.62 -0.15 -3.50
C LEU A 25 1.61 1.37 -3.40
N LEU A 26 2.50 1.92 -2.57
CA LEU A 26 2.59 3.36 -2.36
C LEU A 26 3.00 4.09 -3.65
N LEU A 27 2.22 5.11 -4.02
CA LEU A 27 2.49 5.89 -5.22
C LEU A 27 3.09 7.26 -4.86
N ARG A 28 2.35 8.02 -4.04
CA ARG A 28 2.80 9.35 -3.63
C ARG A 28 2.19 9.77 -2.30
N ARG A 29 2.91 10.61 -1.56
CA ARG A 29 2.45 11.11 -0.27
C ARG A 29 2.02 12.57 -0.40
N LYS A 30 0.72 12.78 -0.58
CA LYS A 30 0.18 14.14 -0.72
C LYS A 30 -0.26 14.69 0.63
N GLU A 31 0.16 15.92 0.93
CA GLU A 31 -0.19 16.57 2.19
C GLU A 31 -1.20 17.69 1.96
N THR A 32 -2.46 17.43 2.32
CA THR A 32 -3.51 18.42 2.16
C THR A 32 -3.87 19.03 3.52
N LYS A 33 -4.13 20.33 3.51
CA LYS A 33 -4.47 21.04 4.74
C LYS A 33 -5.33 22.28 4.43
N ASP A 34 -5.50 23.15 5.43
CA ASP A 34 -6.30 24.37 5.27
C ASP A 34 -7.76 24.04 4.98
N SER A 35 -8.28 23.02 5.68
CA SER A 35 -9.67 22.61 5.49
C SER A 35 -10.66 23.67 5.99
N LEU A 36 -10.15 24.62 6.79
CA LEU A 36 -10.98 25.69 7.34
C LEU A 36 -11.95 25.14 8.39
N ASN A 37 -11.43 24.32 9.30
CA ASN A 37 -12.23 23.72 10.36
C ASN A 37 -11.89 24.37 11.71
N THR A 38 -10.58 24.44 12.02
CA THR A 38 -10.13 25.03 13.27
C THR A 38 -8.88 25.89 13.07
N ASN A 39 -8.69 26.39 11.86
CA ASN A 39 -7.53 27.23 11.54
C ASN A 39 -6.21 26.52 11.87
N SER A 40 -6.23 25.18 11.89
CA SER A 40 -5.02 24.39 12.20
C SER A 40 -5.31 22.88 12.17
N SER A 41 -5.41 22.33 10.97
CA SER A 41 -5.68 20.89 10.82
C SER A 41 -5.08 20.34 9.52
N PHE A 42 -4.08 19.48 9.65
CA PHE A 42 -3.43 18.86 8.49
C PHE A 42 -4.01 17.47 8.22
N ASN A 43 -4.06 17.10 6.95
CA ASN A 43 -4.59 15.80 6.56
C ASN A 43 -3.72 15.15 5.48
N VAL A 44 -2.63 14.51 5.92
CA VAL A 44 -1.71 13.84 5.01
C VAL A 44 -2.04 12.36 4.90
N LEU A 45 -2.00 11.83 3.69
CA LEU A 45 -2.30 10.42 3.45
C LEU A 45 -1.28 9.77 2.50
N TYR A 46 -1.45 8.46 2.29
CA TYR A 46 -0.58 7.70 1.42
C TYR A 46 -1.36 7.14 0.22
N LYS A 47 -1.18 7.75 -0.95
CA LYS A 47 -1.86 7.32 -2.15
C LYS A 47 -1.28 5.99 -2.65
N VAL A 48 -2.00 4.90 -2.40
CA VAL A 48 -1.53 3.57 -2.79
C VAL A 48 -2.45 2.92 -3.84
N LEU A 49 -1.89 1.98 -4.60
CA LEU A 49 -2.62 1.24 -5.61
C LEU A 49 -2.96 -0.16 -5.12
N PHE A 50 -4.21 -0.57 -5.31
CA PHE A 50 -4.66 -1.89 -4.89
C PHE A 50 -4.56 -2.90 -6.03
N PHE A 51 -4.57 -4.19 -5.69
CA PHE A 51 -4.48 -5.26 -6.69
C PHE A 51 -5.28 -6.49 -6.23
N PRO A 52 -5.67 -7.38 -7.17
CA PRO A 52 -5.37 -7.24 -8.61
C PRO A 52 -6.34 -6.29 -9.34
N ASP A 53 -7.55 -6.16 -8.81
CA ASP A 53 -8.60 -5.30 -9.40
C ASP A 53 -8.04 -3.94 -9.87
N PHE A 54 -7.02 -3.44 -9.18
CA PHE A 54 -6.40 -2.16 -9.52
C PHE A 54 -7.28 -1.00 -9.05
N ASN A 55 -7.22 -0.72 -7.75
CA ASN A 55 -8.01 0.37 -7.15
C ASN A 55 -7.11 1.33 -6.38
N PHE A 56 -7.72 2.32 -5.73
CA PHE A 56 -6.99 3.31 -4.96
C PHE A 56 -7.44 3.37 -3.51
N ALA A 57 -6.61 4.02 -2.68
CA ALA A 57 -6.91 4.18 -1.26
C ALA A 57 -5.93 5.14 -0.59
N TRP A 58 -6.47 6.07 0.19
CA TRP A 58 -5.66 7.05 0.91
C TRP A 58 -5.69 6.77 2.41
N VAL A 59 -4.51 6.47 2.98
CA VAL A 59 -4.41 6.16 4.39
C VAL A 59 -3.47 7.13 5.10
N LYS A 60 -3.76 7.42 6.37
CA LYS A 60 -2.94 8.35 7.15
C LYS A 60 -1.75 7.63 7.82
N ARG A 61 -1.25 6.56 7.19
CA ARG A 61 -0.11 5.79 7.72
C ARG A 61 -0.52 4.88 8.89
N ASN A 62 -1.60 5.23 9.59
CA ASN A 62 -2.06 4.44 10.74
C ASN A 62 -2.60 3.09 10.29
N SER A 63 -3.35 3.08 9.19
CA SER A 63 -3.92 1.84 8.66
C SER A 63 -2.99 1.21 7.61
N VAL A 64 -1.71 1.58 7.63
CA VAL A 64 -0.75 1.04 6.68
C VAL A 64 0.46 0.43 7.39
N LYS A 65 1.00 -0.66 6.82
CA LYS A 65 2.16 -1.33 7.39
C LYS A 65 3.11 -1.82 6.30
N PRO A 66 4.42 -1.50 6.41
CA PRO A 66 5.42 -1.92 5.42
C PRO A 66 5.40 -3.43 5.16
N LEU A 67 5.23 -3.81 3.90
CA LEU A 67 5.15 -5.21 3.52
C LEU A 67 6.48 -5.68 2.89
N LEU A 68 6.90 -6.91 3.24
CA LEU A 68 8.13 -7.48 2.71
C LEU A 68 7.83 -8.61 1.73
N ASP A 69 8.88 -9.10 1.07
CA ASP A 69 8.74 -10.19 0.09
C ASP A 69 8.37 -11.49 0.80
N SER A 70 9.15 -11.84 1.82
CA SER A 70 8.91 -13.06 2.58
C SER A 70 7.51 -13.05 3.19
N GLU A 71 7.10 -11.90 3.71
CA GLU A 71 5.78 -11.75 4.33
C GLU A 71 4.67 -12.02 3.30
N ILE A 72 4.81 -11.44 2.10
CA ILE A 72 3.83 -11.63 1.04
C ILE A 72 3.74 -13.12 0.68
N ALA A 73 4.89 -13.70 0.34
CA ALA A 73 4.96 -15.13 0.00
C ALA A 73 4.35 -15.98 1.12
N LYS A 74 4.57 -15.54 2.36
CA LYS A 74 4.05 -16.23 3.52
C LYS A 74 2.54 -16.09 3.62
N PHE A 75 2.06 -14.86 3.56
CA PHE A 75 0.62 -14.59 3.64
C PHE A 75 -0.15 -15.51 2.70
N LEU A 76 0.32 -15.60 1.46
CA LEU A 76 -0.31 -16.46 0.47
C LEU A 76 -0.16 -17.93 0.86
N GLY A 77 0.98 -18.27 1.47
CA GLY A 77 1.22 -19.63 1.90
C GLY A 77 0.72 -19.90 3.31
N SER A 78 -0.18 -19.04 3.80
CA SER A 78 -0.74 -19.18 5.14
C SER A 78 -1.20 -20.62 5.42
N SER A 79 -1.89 -21.21 4.43
CA SER A 79 -2.38 -22.59 4.54
C SER A 79 -3.45 -22.75 5.64
N LYS A 80 -3.95 -21.63 6.17
CA LYS A 80 -4.99 -21.67 7.20
C LYS A 80 -6.16 -20.77 6.86
N ARG A 81 -5.86 -19.53 6.47
CA ARG A 81 -6.89 -18.57 6.10
C ARG A 81 -6.50 -17.83 4.83
N LYS A 82 -7.09 -18.24 3.73
CA LYS A 82 -6.81 -17.63 2.43
C LYS A 82 -7.98 -17.81 1.46
N SER A 83 -8.47 -16.69 0.94
CA SER A 83 -9.59 -16.70 -0.01
C SER A 83 -9.10 -16.40 -1.43
N LYS A 84 -9.82 -16.89 -2.43
CA LYS A 84 -9.45 -16.68 -3.83
C LYS A 84 -9.16 -15.20 -4.11
N GLU A 85 -10.08 -14.33 -3.70
CA GLU A 85 -9.92 -12.89 -3.89
C GLU A 85 -8.76 -12.36 -3.05
N LEU A 86 -8.57 -12.95 -1.87
CA LEU A 86 -7.49 -12.54 -0.96
C LEU A 86 -6.13 -12.99 -1.50
N ILE A 87 -6.04 -14.24 -1.96
CA ILE A 87 -4.80 -14.77 -2.51
C ILE A 87 -4.37 -13.97 -3.74
N GLU A 88 -5.29 -13.80 -4.69
CA GLU A 88 -5.01 -13.03 -5.89
C GLU A 88 -4.48 -11.65 -5.54
N ALA A 89 -4.92 -11.12 -4.40
CA ALA A 89 -4.48 -9.82 -3.93
C ALA A 89 -2.99 -9.81 -3.66
N TYR A 90 -2.57 -10.67 -2.75
CA TYR A 90 -1.15 -10.75 -2.39
C TYR A 90 -0.32 -11.24 -3.58
N GLU A 91 -0.93 -12.06 -4.44
CA GLU A 91 -0.26 -12.56 -5.62
C GLU A 91 -0.08 -11.46 -6.66
N ALA A 92 -0.99 -10.48 -6.65
CA ALA A 92 -0.93 -9.36 -7.59
C ALA A 92 0.17 -8.38 -7.21
N SER A 93 0.30 -8.10 -5.91
CA SER A 93 1.33 -7.19 -5.41
C SER A 93 2.72 -7.85 -5.42
N LYS A 94 2.74 -9.18 -5.45
CA LYS A 94 3.99 -9.95 -5.46
C LYS A 94 4.89 -9.55 -6.64
N THR A 95 4.31 -8.94 -7.67
CA THR A 95 5.06 -8.52 -8.86
C THR A 95 5.33 -7.01 -8.83
N PRO A 96 6.39 -6.57 -8.10
CA PRO A 96 6.75 -5.16 -8.00
C PRO A 96 6.76 -4.42 -9.35
N PRO A 97 7.34 -5.03 -10.42
CA PRO A 97 7.40 -4.41 -11.76
C PRO A 97 6.09 -3.76 -12.18
N ASP A 98 4.96 -4.33 -11.72
CA ASP A 98 3.64 -3.79 -12.05
C ASP A 98 3.60 -2.27 -11.88
N LEU A 99 4.30 -1.77 -10.86
CA LEU A 99 4.36 -0.34 -10.59
C LEU A 99 5.58 0.30 -11.24
N LYS A 100 6.74 -0.38 -11.19
CA LYS A 100 7.97 0.14 -11.77
C LYS A 100 7.99 -0.01 -13.30
N GLU A 101 7.12 0.75 -13.96
CA GLU A 101 7.03 0.72 -15.42
C GLU A 101 6.22 1.90 -15.95
N GLU A 102 6.40 3.08 -15.32
CA GLU A 102 5.69 4.29 -15.73
C GLU A 102 6.63 5.26 -16.43
N SER A 103 7.56 5.85 -15.67
CA SER A 103 8.53 6.81 -16.22
C SER A 103 7.83 8.04 -16.82
N SER A 104 8.63 8.96 -17.34
CA SER A 104 8.09 10.18 -17.96
C SER A 104 8.92 10.61 -19.18
N THR A 105 9.47 9.61 -19.89
CA THR A 105 10.28 9.86 -21.09
C THR A 105 11.47 10.77 -20.78
N ASP A 106 12.54 10.18 -20.24
CA ASP A 106 13.75 10.93 -19.90
C ASP A 106 14.51 11.40 -21.14
N LEU A 107 14.23 10.79 -22.29
CA LEU A 107 14.88 11.16 -23.56
C LEU A 107 16.38 10.90 -23.52
N GLU A 108 16.77 9.66 -23.81
CA GLU A 108 18.18 9.25 -23.82
C GLU A 108 18.88 9.72 -25.10
N SER A 1 6.90 -4.12 17.36
CA SER A 1 7.51 -2.77 17.52
C SER A 1 8.46 -2.44 16.37
N ALA A 2 8.64 -1.15 16.10
CA ALA A 2 9.53 -0.68 15.04
C ALA A 2 9.00 -1.07 13.66
N ASP A 3 8.28 -0.16 13.02
CA ASP A 3 7.72 -0.40 11.68
C ASP A 3 7.97 0.80 10.77
N ASP A 4 9.16 1.39 10.86
CA ASP A 4 9.52 2.54 10.03
C ASP A 4 10.37 2.10 8.84
N ARG A 5 9.70 1.87 7.71
CA ARG A 5 10.39 1.45 6.48
C ARG A 5 9.50 1.65 5.25
N LEU A 6 8.74 2.75 5.24
CA LEU A 6 7.85 3.06 4.13
C LEU A 6 8.50 4.04 3.17
N ASN A 7 8.24 3.87 1.87
CA ASN A 7 8.80 4.75 0.85
C ASN A 7 7.94 4.73 -0.42
N PHE A 8 8.35 5.51 -1.43
CA PHE A 8 7.62 5.59 -2.68
C PHE A 8 7.93 4.39 -3.58
N GLY A 9 6.88 3.76 -4.09
CA GLY A 9 7.03 2.59 -4.94
C GLY A 9 7.29 1.32 -4.16
N ASP A 10 6.84 1.28 -2.90
CA ASP A 10 7.03 0.11 -2.06
C ASP A 10 5.69 -0.50 -1.65
N ARG A 11 5.53 -1.80 -1.87
CA ARG A 11 4.30 -2.50 -1.53
C ARG A 11 4.07 -2.48 -0.02
N ILE A 12 3.00 -1.80 0.38
CA ILE A 12 2.64 -1.69 1.80
C ILE A 12 1.28 -2.31 2.08
N LEU A 13 1.06 -2.74 3.32
CA LEU A 13 -0.20 -3.36 3.72
C LEU A 13 -1.13 -2.33 4.34
N VAL A 14 -2.38 -2.31 3.90
CA VAL A 14 -3.36 -1.37 4.43
C VAL A 14 -4.71 -2.04 4.66
N LYS A 15 -5.30 -1.76 5.82
CA LYS A 15 -6.60 -2.33 6.19
C LYS A 15 -7.75 -1.42 5.74
N ALA A 16 -8.79 -2.03 5.18
CA ALA A 16 -9.95 -1.28 4.71
C ALA A 16 -11.08 -1.28 5.75
N PRO A 17 -12.07 -0.38 5.61
CA PRO A 17 -13.20 -0.30 6.53
C PRO A 17 -14.08 -1.53 6.47
N GLY A 18 -13.89 -2.44 7.43
CA GLY A 18 -14.68 -3.67 7.46
C GLY A 18 -13.90 -4.88 6.96
N TYR A 19 -12.95 -4.64 6.04
CA TYR A 19 -12.15 -5.72 5.48
C TYR A 19 -10.76 -5.75 6.12
N PRO A 20 -10.16 -6.95 6.23
CA PRO A 20 -8.82 -7.13 6.82
C PRO A 20 -7.73 -6.38 6.07
N TRP A 21 -6.47 -6.63 6.42
CA TRP A 21 -5.33 -5.98 5.78
C TRP A 21 -5.19 -6.42 4.32
N TRP A 22 -5.12 -5.45 3.42
CA TRP A 22 -5.00 -5.73 1.99
C TRP A 22 -3.66 -5.22 1.45
N PRO A 23 -3.03 -5.96 0.52
CA PRO A 23 -1.75 -5.58 -0.08
C PRO A 23 -1.89 -4.47 -1.12
N ALA A 24 -1.27 -3.33 -0.84
CA ALA A 24 -1.30 -2.19 -1.74
C ALA A 24 0.12 -1.71 -2.06
N LEU A 25 0.23 -0.76 -2.98
CA LEU A 25 1.55 -0.23 -3.37
C LEU A 25 1.59 1.29 -3.23
N LEU A 26 2.47 1.78 -2.37
CA LEU A 26 2.61 3.23 -2.15
C LEU A 26 3.17 3.92 -3.39
N LEU A 27 2.52 5.03 -3.78
CA LEU A 27 2.95 5.79 -4.95
C LEU A 27 3.64 7.09 -4.52
N ARG A 28 2.92 7.92 -3.76
CA ARG A 28 3.45 9.19 -3.30
C ARG A 28 2.79 9.64 -1.99
N ARG A 29 3.47 10.50 -1.24
CA ARG A 29 2.95 11.01 0.02
C ARG A 29 2.56 12.48 -0.13
N LYS A 30 1.29 12.71 -0.46
CA LYS A 30 0.77 14.06 -0.65
C LYS A 30 0.23 14.64 0.66
N GLU A 31 0.52 15.91 0.91
CA GLU A 31 0.07 16.59 2.12
C GLU A 31 -0.92 17.71 1.80
N THR A 32 -2.19 17.45 2.04
CA THR A 32 -3.24 18.45 1.77
C THR A 32 -3.83 18.96 3.08
N LYS A 33 -4.37 20.18 3.03
CA LYS A 33 -4.98 20.80 4.22
C LYS A 33 -6.23 21.59 3.84
N ASP A 34 -6.89 22.17 4.84
CA ASP A 34 -8.11 22.96 4.61
C ASP A 34 -7.84 24.06 3.59
N SER A 35 -6.88 24.94 3.91
CA SER A 35 -6.52 26.04 3.02
C SER A 35 -5.26 26.75 3.54
N LEU A 36 -5.38 27.37 4.71
CA LEU A 36 -4.26 28.08 5.32
C LEU A 36 -4.21 27.80 6.82
N ASN A 37 -5.17 28.36 7.56
CA ASN A 37 -5.26 28.18 9.00
C ASN A 37 -6.65 28.50 9.52
N THR A 38 -7.67 28.16 8.72
CA THR A 38 -9.07 28.41 9.10
C THR A 38 -9.49 27.48 10.24
N ASN A 39 -9.34 26.17 10.01
CA ASN A 39 -9.70 25.17 11.01
C ASN A 39 -8.46 24.57 11.67
N SER A 40 -7.31 24.66 10.98
CA SER A 40 -6.05 24.13 11.50
C SER A 40 -6.11 22.60 11.66
N SER A 41 -6.18 21.90 10.53
CA SER A 41 -6.25 20.44 10.53
C SER A 41 -5.60 19.87 9.27
N PHE A 42 -4.38 19.36 9.40
CA PHE A 42 -3.66 18.78 8.27
C PHE A 42 -4.30 17.47 7.84
N ASN A 43 -4.23 17.19 6.54
CA ASN A 43 -4.80 15.95 6.00
C ASN A 43 -3.83 15.30 5.02
N VAL A 44 -2.86 14.56 5.55
CA VAL A 44 -1.87 13.87 4.73
C VAL A 44 -2.23 12.39 4.61
N LEU A 45 -2.12 11.86 3.39
CA LEU A 45 -2.44 10.47 3.13
C LEU A 45 -1.39 9.80 2.24
N TYR A 46 -1.49 8.47 2.15
CA TYR A 46 -0.59 7.68 1.33
C TYR A 46 -1.30 7.16 0.09
N LYS A 47 -0.98 7.74 -1.06
CA LYS A 47 -1.59 7.32 -2.32
C LYS A 47 -1.10 5.92 -2.72
N VAL A 48 -1.83 4.90 -2.26
CA VAL A 48 -1.46 3.51 -2.55
C VAL A 48 -2.40 2.88 -3.56
N LEU A 49 -1.89 1.89 -4.30
CA LEU A 49 -2.68 1.19 -5.30
C LEU A 49 -3.02 -0.23 -4.82
N PHE A 50 -4.28 -0.61 -4.95
CA PHE A 50 -4.73 -1.94 -4.53
C PHE A 50 -4.70 -2.92 -5.69
N PHE A 51 -4.68 -4.21 -5.38
CA PHE A 51 -4.65 -5.25 -6.41
C PHE A 51 -5.54 -6.44 -6.02
N PRO A 52 -6.04 -7.20 -7.03
CA PRO A 52 -5.78 -6.95 -8.44
C PRO A 52 -6.80 -6.02 -9.09
N ASP A 53 -6.70 -5.84 -10.40
CA ASP A 53 -7.61 -4.98 -11.17
C ASP A 53 -7.45 -3.48 -10.83
N PHE A 54 -6.48 -3.16 -9.98
CA PHE A 54 -6.22 -1.76 -9.60
C PHE A 54 -7.38 -1.16 -8.80
N ASN A 55 -7.08 -0.69 -7.59
CA ASN A 55 -8.10 -0.10 -6.72
C ASN A 55 -7.46 0.81 -5.67
N PHE A 56 -6.54 1.65 -6.13
CA PHE A 56 -5.82 2.58 -5.25
C PHE A 56 -6.74 3.29 -4.25
N ALA A 57 -6.15 3.73 -3.14
CA ALA A 57 -6.85 4.42 -2.07
C ALA A 57 -5.92 5.36 -1.31
N TRP A 58 -6.49 6.18 -0.43
CA TRP A 58 -5.69 7.14 0.37
C TRP A 58 -5.82 6.82 1.86
N VAL A 59 -4.69 6.49 2.49
CA VAL A 59 -4.67 6.16 3.91
C VAL A 59 -3.82 7.18 4.68
N LYS A 60 -4.15 7.40 5.96
CA LYS A 60 -3.42 8.36 6.78
C LYS A 60 -2.18 7.74 7.45
N ARG A 61 -1.63 6.67 6.86
CA ARG A 61 -0.45 5.99 7.40
C ARG A 61 -0.78 5.11 8.63
N ASN A 62 -1.87 5.44 9.32
CA ASN A 62 -2.27 4.69 10.51
C ASN A 62 -2.76 3.30 10.16
N SER A 63 -3.55 3.21 9.08
CA SER A 63 -4.08 1.92 8.63
C SER A 63 -3.15 1.24 7.63
N VAL A 64 -1.88 1.66 7.60
CA VAL A 64 -0.89 1.09 6.67
C VAL A 64 0.33 0.58 7.43
N LYS A 65 0.89 -0.55 6.97
CA LYS A 65 2.07 -1.13 7.58
C LYS A 65 3.07 -1.60 6.52
N PRO A 66 4.38 -1.42 6.77
CA PRO A 66 5.43 -1.82 5.82
C PRO A 66 5.38 -3.31 5.48
N LEU A 67 5.26 -3.62 4.19
CA LEU A 67 5.19 -5.01 3.74
C LEU A 67 6.42 -5.35 2.88
N LEU A 68 6.82 -6.63 2.92
CA LEU A 68 7.98 -7.09 2.15
C LEU A 68 7.62 -8.31 1.31
N ASP A 69 8.48 -8.62 0.34
CA ASP A 69 8.28 -9.77 -0.56
C ASP A 69 8.18 -11.06 0.24
N SER A 70 9.07 -11.24 1.21
CA SER A 70 9.06 -12.44 2.04
C SER A 70 7.74 -12.57 2.80
N GLU A 71 7.13 -11.43 3.13
CA GLU A 71 5.85 -11.43 3.85
C GLU A 71 4.69 -11.71 2.88
N ILE A 72 4.79 -11.17 1.67
CA ILE A 72 3.76 -11.36 0.66
C ILE A 72 3.70 -12.84 0.26
N ALA A 73 4.84 -13.37 -0.18
CA ALA A 73 4.92 -14.79 -0.56
C ALA A 73 4.41 -15.66 0.57
N LYS A 74 4.77 -15.29 1.79
CA LYS A 74 4.35 -16.02 2.99
C LYS A 74 2.84 -15.99 3.15
N PHE A 75 2.27 -14.79 3.14
CA PHE A 75 0.82 -14.63 3.28
C PHE A 75 0.09 -15.58 2.35
N LEU A 76 0.54 -15.62 1.10
CA LEU A 76 -0.06 -16.50 0.09
C LEU A 76 0.19 -17.96 0.44
N GLY A 77 1.36 -18.24 1.02
CA GLY A 77 1.69 -19.60 1.41
C GLY A 77 1.23 -19.94 2.82
N SER A 78 0.29 -19.14 3.36
CA SER A 78 -0.23 -19.39 4.70
C SER A 78 -1.08 -20.65 4.73
N SER A 79 -1.59 -20.99 5.91
CA SER A 79 -2.43 -22.18 6.07
C SER A 79 -3.49 -21.98 7.16
N LYS A 80 -4.10 -20.79 7.20
CA LYS A 80 -5.13 -20.50 8.19
C LYS A 80 -6.38 -19.91 7.53
N ARG A 81 -6.19 -18.86 6.74
CA ARG A 81 -7.29 -18.21 6.04
C ARG A 81 -6.88 -17.89 4.61
N LYS A 82 -7.33 -18.72 3.68
CA LYS A 82 -7.01 -18.55 2.27
C LYS A 82 -8.28 -18.40 1.43
N SER A 83 -8.34 -17.34 0.63
CA SER A 83 -9.49 -17.09 -0.24
C SER A 83 -9.02 -16.61 -1.61
N LYS A 84 -9.83 -16.87 -2.63
CA LYS A 84 -9.50 -16.47 -4.00
C LYS A 84 -9.24 -14.97 -4.08
N GLU A 85 -10.14 -14.18 -3.47
CA GLU A 85 -10.00 -12.73 -3.47
C GLU A 85 -8.75 -12.30 -2.70
N LEU A 86 -8.42 -13.03 -1.64
CA LEU A 86 -7.24 -12.69 -0.83
C LEU A 86 -5.95 -13.13 -1.51
N ILE A 87 -5.91 -14.37 -2.00
CA ILE A 87 -4.73 -14.87 -2.68
C ILE A 87 -4.39 -14.03 -3.90
N GLU A 88 -5.37 -13.86 -4.80
CA GLU A 88 -5.18 -13.06 -5.99
C GLU A 88 -4.67 -11.67 -5.63
N ALA A 89 -5.06 -11.20 -4.44
CA ALA A 89 -4.66 -9.89 -3.96
C ALA A 89 -3.16 -9.83 -3.72
N TYR A 90 -2.67 -10.73 -2.88
CA TYR A 90 -1.24 -10.78 -2.59
C TYR A 90 -0.44 -11.18 -3.82
N GLU A 91 -1.03 -12.03 -4.66
CA GLU A 91 -0.38 -12.47 -5.89
C GLU A 91 -0.26 -11.31 -6.87
N ALA A 92 -1.23 -10.38 -6.81
CA ALA A 92 -1.24 -9.22 -7.68
C ALA A 92 -0.31 -8.13 -7.16
N SER A 93 -0.12 -8.11 -5.83
CA SER A 93 0.74 -7.14 -5.19
C SER A 93 2.23 -7.54 -5.30
N LYS A 94 2.47 -8.83 -5.56
CA LYS A 94 3.84 -9.35 -5.69
C LYS A 94 4.63 -8.59 -6.77
N THR A 95 3.91 -8.00 -7.73
CA THR A 95 4.53 -7.23 -8.82
C THR A 95 5.72 -6.42 -8.34
N PRO A 96 6.96 -6.88 -8.63
CA PRO A 96 8.18 -6.18 -8.23
C PRO A 96 8.18 -4.69 -8.64
N PRO A 97 7.76 -4.39 -9.90
CA PRO A 97 7.71 -3.02 -10.42
C PRO A 97 7.14 -2.01 -9.42
N ASP A 98 7.70 -0.80 -9.44
CA ASP A 98 7.26 0.26 -8.55
C ASP A 98 6.29 1.20 -9.25
N LEU A 99 5.20 1.55 -8.56
CA LEU A 99 4.17 2.45 -9.09
C LEU A 99 3.39 1.80 -10.25
N LYS A 100 4.07 1.60 -11.39
CA LYS A 100 3.45 1.00 -12.56
C LYS A 100 2.22 1.80 -13.03
N GLU A 101 2.27 3.12 -12.79
CA GLU A 101 1.17 4.01 -13.18
C GLU A 101 1.67 5.45 -13.28
N GLU A 102 2.32 5.91 -12.21
CA GLU A 102 2.87 7.27 -12.15
C GLU A 102 4.25 7.36 -12.81
N SER A 103 4.63 8.57 -13.22
CA SER A 103 5.93 8.79 -13.85
C SER A 103 6.30 10.28 -13.83
N SER A 104 7.49 10.60 -14.36
CA SER A 104 7.96 11.97 -14.40
C SER A 104 7.51 12.67 -15.68
N THR A 105 6.26 13.13 -15.69
CA THR A 105 5.69 13.82 -16.84
C THR A 105 6.38 15.17 -17.08
N ASP A 106 6.80 15.40 -18.32
CA ASP A 106 7.48 16.65 -18.69
C ASP A 106 6.48 17.81 -18.80
N LEU A 107 7.01 19.01 -19.04
CA LEU A 107 6.18 20.21 -19.17
C LEU A 107 6.00 20.62 -20.63
N GLU A 108 5.33 21.75 -20.85
CA GLU A 108 5.08 22.26 -22.21
C GLU A 108 5.88 23.54 -22.48
N SER A 1 11.44 -1.62 18.17
CA SER A 1 11.81 -1.54 16.73
C SER A 1 11.76 -0.08 16.23
N ALA A 2 12.08 0.12 14.96
CA ALA A 2 12.08 1.46 14.37
C ALA A 2 10.78 1.75 13.64
N ASP A 3 10.64 2.96 13.10
CA ASP A 3 9.43 3.35 12.37
C ASP A 3 9.77 4.17 11.12
N ASP A 4 10.95 3.90 10.53
CA ASP A 4 11.38 4.62 9.34
C ASP A 4 11.24 3.74 8.10
N ARG A 5 10.04 3.20 7.89
CA ARG A 5 9.75 2.35 6.74
C ARG A 5 8.85 3.07 5.73
N LEU A 6 8.40 2.35 4.70
CA LEU A 6 7.52 2.92 3.66
C LEU A 6 8.27 3.92 2.78
N ASN A 7 8.41 3.59 1.49
CA ASN A 7 9.09 4.47 0.54
C ASN A 7 8.34 4.53 -0.79
N PHE A 8 8.85 5.36 -1.71
CA PHE A 8 8.22 5.52 -3.02
C PHE A 8 8.46 4.28 -3.88
N GLY A 9 7.36 3.63 -4.27
CA GLY A 9 7.46 2.42 -5.10
C GLY A 9 7.70 1.18 -4.26
N ASP A 10 6.80 0.90 -3.32
CA ASP A 10 6.91 -0.26 -2.45
C ASP A 10 5.54 -0.83 -2.12
N ARG A 11 5.53 -1.99 -1.48
CA ARG A 11 4.27 -2.65 -1.10
C ARG A 11 3.95 -2.40 0.37
N ILE A 12 2.83 -1.72 0.61
CA ILE A 12 2.39 -1.40 1.97
C ILE A 12 0.96 -1.87 2.22
N LEU A 13 0.64 -2.15 3.48
CA LEU A 13 -0.70 -2.59 3.86
C LEU A 13 -1.54 -1.40 4.35
N VAL A 14 -2.84 -1.42 4.05
CA VAL A 14 -3.74 -0.35 4.46
C VAL A 14 -5.07 -0.91 4.98
N LYS A 15 -5.61 -0.27 6.02
CA LYS A 15 -6.87 -0.69 6.62
C LYS A 15 -8.03 0.15 6.09
N ALA A 16 -9.09 -0.51 5.64
CA ALA A 16 -10.27 0.18 5.11
C ALA A 16 -11.50 -0.08 5.99
N PRO A 17 -12.46 0.86 5.99
CA PRO A 17 -13.69 0.73 6.80
C PRO A 17 -14.59 -0.38 6.26
N GLY A 18 -14.55 -1.54 6.92
CA GLY A 18 -15.35 -2.66 6.50
C GLY A 18 -14.52 -3.79 5.91
N TYR A 19 -13.39 -3.44 5.28
CA TYR A 19 -12.52 -4.43 4.67
C TYR A 19 -11.17 -4.49 5.39
N PRO A 20 -10.70 -5.70 5.72
CA PRO A 20 -9.41 -5.91 6.42
C PRO A 20 -8.22 -5.30 5.66
N TRP A 21 -7.03 -5.44 6.24
CA TRP A 21 -5.81 -4.91 5.62
C TRP A 21 -5.55 -5.56 4.27
N TRP A 22 -5.31 -4.73 3.25
CA TRP A 22 -5.06 -5.23 1.90
C TRP A 22 -3.67 -4.82 1.41
N PRO A 23 -2.99 -5.71 0.64
CA PRO A 23 -1.65 -5.43 0.11
C PRO A 23 -1.67 -4.42 -1.04
N ALA A 24 -1.38 -3.17 -0.72
CA ALA A 24 -1.34 -2.10 -1.72
C ALA A 24 0.10 -1.68 -1.99
N LEU A 25 0.30 -0.83 -2.99
CA LEU A 25 1.64 -0.36 -3.32
C LEU A 25 1.73 1.17 -3.21
N LEU A 26 2.59 1.63 -2.31
CA LEU A 26 2.76 3.07 -2.09
C LEU A 26 3.27 3.78 -3.34
N LEU A 27 2.53 4.80 -3.76
CA LEU A 27 2.89 5.58 -4.95
C LEU A 27 3.53 6.91 -4.56
N ARG A 28 2.95 7.59 -3.56
CA ARG A 28 3.46 8.88 -3.09
C ARG A 28 2.73 9.37 -1.84
N ARG A 29 3.25 10.44 -1.25
CA ARG A 29 2.64 11.04 -0.05
C ARG A 29 2.13 12.43 -0.36
N LYS A 30 0.81 12.58 -0.41
CA LYS A 30 0.20 13.87 -0.71
C LYS A 30 -0.39 14.50 0.55
N GLU A 31 0.30 15.51 1.07
CA GLU A 31 -0.15 16.22 2.28
C GLU A 31 -1.14 17.32 1.92
N THR A 32 -2.24 17.39 2.66
CA THR A 32 -3.27 18.41 2.41
C THR A 32 -3.82 18.97 3.71
N LYS A 33 -4.07 20.28 3.72
CA LYS A 33 -4.61 20.97 4.88
C LYS A 33 -5.87 21.74 4.52
N ASP A 34 -6.54 22.30 5.52
CA ASP A 34 -7.77 23.07 5.31
C ASP A 34 -7.57 24.18 4.28
N SER A 35 -6.35 24.70 4.18
CA SER A 35 -6.02 25.76 3.25
C SER A 35 -4.51 26.01 3.21
N LEU A 36 -4.00 26.82 4.15
CA LEU A 36 -2.57 27.13 4.23
C LEU A 36 -2.29 28.00 5.46
N ASN A 37 -2.52 27.43 6.63
CA ASN A 37 -2.31 28.14 7.89
C ASN A 37 -1.23 27.47 8.74
N THR A 38 -1.08 26.14 8.57
CA THR A 38 -0.10 25.35 9.31
C THR A 38 -0.34 25.38 10.83
N ASN A 39 -1.56 25.76 11.23
CA ASN A 39 -1.92 25.82 12.65
C ASN A 39 -3.37 25.39 12.89
N SER A 40 -3.91 24.56 11.99
CA SER A 40 -5.29 24.08 12.12
C SER A 40 -5.33 22.56 12.25
N SER A 41 -5.35 21.87 11.10
CA SER A 41 -5.40 20.40 11.07
C SER A 41 -4.93 19.87 9.72
N PHE A 42 -3.93 19.00 9.76
CA PHE A 42 -3.38 18.41 8.54
C PHE A 42 -4.00 17.05 8.26
N ASN A 43 -4.13 16.71 6.98
CA ASN A 43 -4.68 15.44 6.56
C ASN A 43 -3.80 14.80 5.48
N VAL A 44 -2.74 14.15 5.91
CA VAL A 44 -1.82 13.48 4.99
C VAL A 44 -2.22 12.02 4.79
N LEU A 45 -2.09 11.56 3.55
CA LEU A 45 -2.43 10.18 3.21
C LEU A 45 -1.35 9.56 2.33
N TYR A 46 -1.55 8.28 2.00
CA TYR A 46 -0.61 7.55 1.15
C TYR A 46 -1.31 7.01 -0.09
N LYS A 47 -1.12 7.68 -1.23
CA LYS A 47 -1.73 7.23 -2.48
C LYS A 47 -1.12 5.90 -2.90
N VAL A 48 -1.78 4.81 -2.54
CA VAL A 48 -1.30 3.47 -2.85
C VAL A 48 -2.17 2.75 -3.87
N LEU A 49 -1.60 1.78 -4.57
CA LEU A 49 -2.32 1.01 -5.58
C LEU A 49 -2.77 -0.33 -5.00
N PHE A 50 -4.03 -0.66 -5.22
CA PHE A 50 -4.60 -1.91 -4.73
C PHE A 50 -4.54 -3.00 -5.81
N PHE A 51 -4.57 -4.27 -5.37
CA PHE A 51 -4.54 -5.40 -6.30
C PHE A 51 -5.39 -6.56 -5.77
N PRO A 52 -6.00 -7.35 -6.68
CA PRO A 52 -5.89 -7.17 -8.13
C PRO A 52 -6.92 -6.18 -8.68
N ASP A 53 -7.15 -6.24 -10.00
CA ASP A 53 -8.12 -5.35 -10.68
C ASP A 53 -7.60 -3.92 -10.83
N PHE A 54 -6.36 -3.67 -10.39
CA PHE A 54 -5.74 -2.35 -10.50
C PHE A 54 -6.62 -1.24 -9.92
N ASN A 55 -6.49 -1.00 -8.62
CA ASN A 55 -7.25 0.03 -7.93
C ASN A 55 -6.34 0.85 -7.02
N PHE A 56 -6.93 1.70 -6.18
CA PHE A 56 -6.16 2.53 -5.25
C PHE A 56 -7.03 3.03 -4.09
N ALA A 57 -6.40 3.70 -3.14
CA ALA A 57 -7.10 4.23 -1.97
C ALA A 57 -6.18 5.11 -1.12
N TRP A 58 -6.69 6.27 -0.72
CA TRP A 58 -5.92 7.21 0.10
C TRP A 58 -6.07 6.87 1.58
N VAL A 59 -5.01 6.28 2.15
CA VAL A 59 -5.01 5.88 3.56
C VAL A 59 -3.91 6.60 4.34
N LYS A 60 -4.19 6.92 5.61
CA LYS A 60 -3.22 7.60 6.46
C LYS A 60 -2.18 6.63 7.00
N ARG A 61 -1.00 7.16 7.35
CA ARG A 61 0.09 6.35 7.89
C ARG A 61 -0.35 5.53 9.10
N ASN A 62 -1.35 6.03 9.84
CA ASN A 62 -1.87 5.33 11.02
C ASN A 62 -2.59 4.05 10.62
N SER A 63 -3.27 4.09 9.47
CA SER A 63 -4.00 2.92 8.97
C SER A 63 -3.16 2.16 7.93
N VAL A 64 -1.84 2.37 7.96
CA VAL A 64 -0.94 1.69 7.04
C VAL A 64 0.08 0.84 7.78
N LYS A 65 0.42 -0.32 7.23
CA LYS A 65 1.39 -1.23 7.84
C LYS A 65 2.49 -1.60 6.84
N PRO A 66 3.77 -1.56 7.27
CA PRO A 66 4.91 -1.89 6.40
C PRO A 66 4.94 -3.38 6.03
N LEU A 67 4.63 -3.68 4.78
CA LEU A 67 4.61 -5.05 4.29
C LEU A 67 5.97 -5.45 3.72
N LEU A 68 6.26 -6.75 3.70
CA LEU A 68 7.52 -7.26 3.18
C LEU A 68 7.31 -8.40 2.19
N ASP A 69 8.35 -8.71 1.42
CA ASP A 69 8.31 -9.78 0.43
C ASP A 69 8.24 -11.14 1.10
N SER A 70 9.00 -11.30 2.18
CA SER A 70 9.04 -12.55 2.94
C SER A 70 7.65 -12.91 3.46
N GLU A 71 6.81 -11.90 3.71
CA GLU A 71 5.47 -12.14 4.20
C GLU A 71 4.51 -12.46 3.05
N ILE A 72 4.54 -11.62 2.02
CA ILE A 72 3.67 -11.83 0.85
C ILE A 72 4.03 -13.16 0.16
N ALA A 73 5.32 -13.46 0.12
CA ALA A 73 5.82 -14.70 -0.49
C ALA A 73 5.18 -15.91 0.17
N LYS A 74 5.41 -16.03 1.48
CA LYS A 74 4.87 -17.12 2.27
C LYS A 74 3.36 -17.05 2.34
N PHE A 75 2.83 -15.82 2.47
CA PHE A 75 1.38 -15.61 2.54
C PHE A 75 0.67 -16.41 1.46
N LEU A 76 1.09 -16.20 0.21
CA LEU A 76 0.48 -16.89 -0.91
C LEU A 76 0.64 -18.40 -0.78
N GLY A 77 1.77 -18.84 -0.22
CA GLY A 77 2.02 -20.25 -0.03
C GLY A 77 1.66 -20.71 1.38
N SER A 78 0.72 -19.99 2.02
CA SER A 78 0.28 -20.31 3.37
C SER A 78 -0.55 -21.59 3.38
N SER A 79 -0.87 -22.04 4.58
CA SER A 79 -1.68 -23.25 4.76
C SER A 79 -2.62 -23.13 5.97
N LYS A 80 -2.96 -21.90 6.34
CA LYS A 80 -3.87 -21.66 7.47
C LYS A 80 -5.01 -20.70 7.09
N ARG A 81 -4.65 -19.62 6.40
CA ARG A 81 -5.65 -18.64 5.97
C ARG A 81 -5.37 -18.22 4.54
N LYS A 82 -6.14 -18.79 3.62
CA LYS A 82 -5.99 -18.48 2.20
C LYS A 82 -7.34 -18.47 1.49
N SER A 83 -7.62 -17.38 0.79
CA SER A 83 -8.88 -17.23 0.06
C SER A 83 -8.60 -16.78 -1.38
N LYS A 84 -9.51 -17.09 -2.30
CA LYS A 84 -9.34 -16.72 -3.70
C LYS A 84 -9.20 -15.20 -3.84
N GLU A 85 -9.93 -14.45 -3.01
CA GLU A 85 -9.87 -12.99 -3.03
C GLU A 85 -8.60 -12.49 -2.33
N LEU A 86 -8.16 -13.22 -1.29
CA LEU A 86 -6.96 -12.83 -0.55
C LEU A 86 -5.69 -13.26 -1.27
N ILE A 87 -5.65 -14.50 -1.75
CA ILE A 87 -4.48 -15.01 -2.45
C ILE A 87 -4.20 -14.17 -3.69
N GLU A 88 -5.21 -14.04 -4.55
CA GLU A 88 -5.08 -13.25 -5.77
C GLU A 88 -4.61 -11.84 -5.44
N ALA A 89 -4.94 -11.39 -4.23
CA ALA A 89 -4.54 -10.06 -3.76
C ALA A 89 -3.03 -9.96 -3.61
N TYR A 90 -2.47 -10.84 -2.79
CA TYR A 90 -1.03 -10.84 -2.55
C TYR A 90 -0.27 -11.23 -3.81
N GLU A 91 -0.91 -12.05 -4.66
CA GLU A 91 -0.29 -12.46 -5.91
C GLU A 91 -0.32 -11.33 -6.92
N ALA A 92 -1.32 -10.45 -6.80
CA ALA A 92 -1.45 -9.31 -7.69
C ALA A 92 -0.55 -8.15 -7.25
N SER A 93 -0.34 -8.04 -5.94
CA SER A 93 0.51 -6.98 -5.39
C SER A 93 1.99 -7.33 -5.52
N LYS A 94 2.31 -8.64 -5.45
CA LYS A 94 3.69 -9.09 -5.56
C LYS A 94 4.24 -8.86 -6.97
N THR A 95 3.35 -8.87 -7.97
CA THR A 95 3.73 -8.68 -9.37
C THR A 95 4.64 -7.46 -9.54
N PRO A 96 5.95 -7.67 -9.75
CA PRO A 96 6.92 -6.58 -9.95
C PRO A 96 6.51 -5.65 -11.09
N PRO A 97 6.08 -6.20 -12.25
CA PRO A 97 5.66 -5.40 -13.41
C PRO A 97 4.77 -4.21 -13.04
N ASP A 98 3.95 -4.37 -12.01
CA ASP A 98 3.05 -3.29 -11.57
C ASP A 98 3.83 -2.03 -11.25
N LEU A 99 4.90 -2.17 -10.46
CA LEU A 99 5.73 -1.03 -10.09
C LEU A 99 7.15 -1.19 -10.65
N LYS A 100 7.96 -2.04 -10.02
CA LYS A 100 9.34 -2.29 -10.45
C LYS A 100 10.17 -1.01 -10.40
N GLU A 101 10.04 -0.16 -11.41
CA GLU A 101 10.77 1.10 -11.47
C GLU A 101 9.87 2.22 -11.97
N GLU A 102 9.77 3.29 -11.19
CA GLU A 102 8.94 4.44 -11.55
C GLU A 102 9.72 5.74 -11.47
N SER A 103 10.55 6.01 -12.49
CA SER A 103 11.35 7.22 -12.52
C SER A 103 11.39 7.81 -13.94
N SER A 104 10.31 8.50 -14.31
CA SER A 104 10.20 9.11 -15.63
C SER A 104 9.15 10.22 -15.64
N THR A 105 9.58 11.44 -15.36
CA THR A 105 8.68 12.58 -15.34
C THR A 105 8.25 12.98 -16.75
N ASP A 106 9.11 12.71 -17.73
CA ASP A 106 8.84 13.04 -19.13
C ASP A 106 7.57 12.33 -19.63
N LEU A 107 6.92 12.92 -20.63
CA LEU A 107 5.70 12.35 -21.20
C LEU A 107 5.56 12.70 -22.68
N GLU A 108 5.46 11.67 -23.53
CA GLU A 108 5.33 11.88 -24.97
C GLU A 108 4.38 10.84 -25.58
N SER A 1 19.88 -1.72 4.58
CA SER A 1 19.25 -0.54 5.26
C SER A 1 17.89 -0.91 5.85
N ALA A 2 17.22 0.07 6.45
CA ALA A 2 15.91 -0.15 7.06
C ALA A 2 14.78 0.25 6.11
N ASP A 3 13.55 -0.06 6.52
CA ASP A 3 12.36 0.27 5.72
C ASP A 3 11.09 0.22 6.57
N ASP A 4 11.20 0.70 7.81
CA ASP A 4 10.05 0.72 8.73
C ASP A 4 9.34 2.07 8.72
N ARG A 5 9.51 2.84 7.66
CA ARG A 5 8.88 4.15 7.54
C ARG A 5 8.26 4.36 6.16
N LEU A 6 8.01 3.26 5.45
CA LEU A 6 7.41 3.31 4.11
C LEU A 6 8.28 4.11 3.15
N ASN A 7 7.92 4.09 1.87
CA ASN A 7 8.67 4.82 0.83
C ASN A 7 7.91 4.84 -0.49
N PHE A 8 8.48 5.55 -1.48
CA PHE A 8 7.86 5.65 -2.80
C PHE A 8 8.14 4.40 -3.63
N GLY A 9 7.07 3.73 -4.06
CA GLY A 9 7.22 2.53 -4.86
C GLY A 9 7.57 1.30 -4.03
N ASP A 10 6.86 1.12 -2.92
CA ASP A 10 7.10 0.00 -2.02
C ASP A 10 5.78 -0.64 -1.61
N ARG A 11 5.76 -1.98 -1.56
CA ARG A 11 4.57 -2.73 -1.18
C ARG A 11 4.20 -2.44 0.27
N ILE A 12 3.01 -1.89 0.48
CA ILE A 12 2.53 -1.57 1.82
C ILE A 12 1.12 -2.12 2.06
N LEU A 13 0.80 -2.42 3.32
CA LEU A 13 -0.51 -2.94 3.68
C LEU A 13 -1.42 -1.82 4.17
N VAL A 14 -2.70 -1.89 3.80
CA VAL A 14 -3.67 -0.88 4.21
C VAL A 14 -4.95 -1.52 4.75
N LYS A 15 -5.52 -0.92 5.79
CA LYS A 15 -6.74 -1.41 6.40
C LYS A 15 -7.95 -0.58 5.98
N ALA A 16 -9.04 -1.24 5.62
CA ALA A 16 -10.26 -0.56 5.19
C ALA A 16 -11.37 -0.73 6.22
N PRO A 17 -12.35 0.20 6.25
CA PRO A 17 -13.47 0.14 7.20
C PRO A 17 -14.33 -1.11 7.00
N GLY A 18 -14.35 -1.98 8.01
CA GLY A 18 -15.12 -3.20 7.93
C GLY A 18 -14.51 -4.21 6.96
N TYR A 19 -13.18 -4.15 6.80
CA TYR A 19 -12.48 -5.06 5.89
C TYR A 19 -11.03 -5.28 6.36
N PRO A 20 -10.49 -6.50 6.18
CA PRO A 20 -9.12 -6.82 6.58
C PRO A 20 -8.08 -6.05 5.78
N TRP A 21 -6.81 -6.18 6.17
CA TRP A 21 -5.71 -5.50 5.50
C TRP A 21 -5.55 -6.01 4.07
N TRP A 22 -5.17 -5.12 3.15
CA TRP A 22 -4.98 -5.48 1.75
C TRP A 22 -3.61 -5.06 1.25
N PRO A 23 -2.99 -5.86 0.36
CA PRO A 23 -1.67 -5.57 -0.20
C PRO A 23 -1.71 -4.45 -1.25
N ALA A 24 -1.27 -3.26 -0.85
CA ALA A 24 -1.23 -2.11 -1.75
C ALA A 24 0.20 -1.68 -2.04
N LEU A 25 0.36 -0.71 -2.93
CA LEU A 25 1.68 -0.21 -3.28
C LEU A 25 1.73 1.31 -3.20
N LEU A 26 2.58 1.83 -2.32
CA LEU A 26 2.72 3.27 -2.14
C LEU A 26 3.28 3.95 -3.40
N LEU A 27 2.61 5.01 -3.83
CA LEU A 27 3.03 5.75 -5.02
C LEU A 27 3.69 7.07 -4.63
N ARG A 28 2.96 7.90 -3.88
CA ARG A 28 3.49 9.20 -3.44
C ARG A 28 2.78 9.69 -2.17
N ARG A 29 3.47 10.52 -1.40
CA ARG A 29 2.93 11.08 -0.17
C ARG A 29 2.41 12.50 -0.40
N LYS A 30 1.10 12.65 -0.42
CA LYS A 30 0.48 13.96 -0.65
C LYS A 30 -0.04 14.57 0.66
N GLU A 31 0.34 15.82 0.90
CA GLU A 31 -0.08 16.52 2.11
C GLU A 31 -1.13 17.58 1.78
N THR A 32 -2.38 17.30 2.10
CA THR A 32 -3.47 18.23 1.82
C THR A 32 -4.02 18.83 3.12
N LYS A 33 -4.19 20.14 3.13
CA LYS A 33 -4.70 20.85 4.31
C LYS A 33 -6.20 21.06 4.20
N ASP A 34 -6.84 21.37 5.34
CA ASP A 34 -8.28 21.60 5.39
C ASP A 34 -8.62 23.09 5.24
N SER A 35 -7.68 23.87 4.69
CA SER A 35 -7.88 25.30 4.48
C SER A 35 -8.30 25.99 5.79
N LEU A 36 -7.69 25.57 6.90
CA LEU A 36 -8.00 26.15 8.21
C LEU A 36 -9.46 25.88 8.60
N ASN A 37 -9.77 24.61 8.82
CA ASN A 37 -11.12 24.19 9.20
C ASN A 37 -11.50 24.75 10.58
N THR A 38 -10.54 24.73 11.50
CA THR A 38 -10.77 25.23 12.86
C THR A 38 -9.49 25.83 13.46
N ASN A 39 -8.41 25.05 13.45
CA ASN A 39 -7.12 25.50 13.99
C ASN A 39 -5.95 25.00 13.13
N SER A 40 -6.17 24.97 11.81
CA SER A 40 -5.16 24.51 10.87
C SER A 40 -4.77 23.06 11.14
N SER A 41 -5.53 22.15 10.53
CA SER A 41 -5.28 20.72 10.70
C SER A 41 -5.04 20.05 9.34
N PHE A 42 -3.76 19.77 9.06
CA PHE A 42 -3.38 19.14 7.80
C PHE A 42 -3.89 17.70 7.72
N ASN A 43 -4.04 17.20 6.51
CA ASN A 43 -4.52 15.84 6.29
C ASN A 43 -3.65 15.12 5.27
N VAL A 44 -2.51 14.60 5.73
CA VAL A 44 -1.59 13.88 4.86
C VAL A 44 -1.96 12.40 4.77
N LEU A 45 -1.91 11.86 3.55
CA LEU A 45 -2.24 10.46 3.30
C LEU A 45 -1.20 9.79 2.41
N TYR A 46 -1.40 8.50 2.15
CA TYR A 46 -0.49 7.73 1.31
C TYR A 46 -1.20 7.23 0.07
N LYS A 47 -0.87 7.81 -1.08
CA LYS A 47 -1.47 7.42 -2.36
C LYS A 47 -0.95 6.05 -2.78
N VAL A 48 -1.64 5.00 -2.34
CA VAL A 48 -1.23 3.63 -2.66
C VAL A 48 -2.18 2.99 -3.68
N LEU A 49 -1.68 1.99 -4.41
CA LEU A 49 -2.47 1.28 -5.41
C LEU A 49 -2.87 -0.09 -4.88
N PHE A 50 -4.15 -0.45 -5.03
CA PHE A 50 -4.63 -1.74 -4.56
C PHE A 50 -4.62 -2.77 -5.67
N PHE A 51 -4.65 -4.05 -5.31
CA PHE A 51 -4.64 -5.13 -6.30
C PHE A 51 -5.52 -6.30 -5.87
N PRO A 52 -6.04 -7.08 -6.83
CA PRO A 52 -5.83 -6.84 -8.27
C PRO A 52 -6.82 -5.84 -8.86
N ASP A 53 -6.79 -5.67 -10.18
CA ASP A 53 -7.69 -4.75 -10.89
C ASP A 53 -7.36 -3.28 -10.64
N PHE A 54 -6.32 -3.00 -9.84
CA PHE A 54 -5.90 -1.64 -9.55
C PHE A 54 -7.01 -0.83 -8.87
N ASN A 55 -6.93 -0.70 -7.55
CA ASN A 55 -7.94 0.05 -6.78
C ASN A 55 -7.28 0.96 -5.75
N PHE A 56 -6.36 1.78 -6.21
CA PHE A 56 -5.64 2.72 -5.34
C PHE A 56 -6.57 3.44 -4.36
N ALA A 57 -6.02 3.83 -3.22
CA ALA A 57 -6.77 4.52 -2.18
C ALA A 57 -5.90 5.55 -1.46
N TRP A 58 -6.56 6.52 -0.82
CA TRP A 58 -5.86 7.57 -0.07
C TRP A 58 -6.18 7.47 1.42
N VAL A 59 -5.22 6.96 2.19
CA VAL A 59 -5.40 6.79 3.64
C VAL A 59 -4.19 7.29 4.42
N LYS A 60 -4.37 7.56 5.71
CA LYS A 60 -3.30 8.04 6.56
C LYS A 60 -2.28 6.94 6.84
N ARG A 61 -1.10 7.33 7.33
CA ARG A 61 -0.03 6.38 7.66
C ARG A 61 -0.44 5.41 8.77
N ASN A 62 -1.40 5.81 9.60
CA ASN A 62 -1.87 4.97 10.70
C ASN A 62 -2.65 3.76 10.17
N SER A 63 -3.36 3.95 9.06
CA SER A 63 -4.13 2.86 8.46
C SER A 63 -3.27 2.05 7.48
N VAL A 64 -1.96 2.28 7.50
CA VAL A 64 -1.03 1.59 6.62
C VAL A 64 0.08 0.90 7.41
N LYS A 65 0.49 -0.29 6.94
CA LYS A 65 1.55 -1.05 7.60
C LYS A 65 2.58 -1.53 6.57
N PRO A 66 3.89 -1.37 6.86
CA PRO A 66 4.97 -1.79 5.95
C PRO A 66 4.86 -3.28 5.58
N LEU A 67 4.90 -3.55 4.27
CA LEU A 67 4.81 -4.93 3.78
C LEU A 67 6.13 -5.35 3.14
N LEU A 68 6.42 -6.66 3.19
CA LEU A 68 7.65 -7.19 2.63
C LEU A 68 7.38 -8.42 1.76
N ASP A 69 8.39 -8.85 1.01
CA ASP A 69 8.27 -10.00 0.13
C ASP A 69 8.11 -11.30 0.91
N SER A 70 8.84 -11.41 2.02
CA SER A 70 8.75 -12.60 2.86
C SER A 70 7.34 -12.78 3.42
N GLU A 71 6.64 -11.66 3.64
CA GLU A 71 5.28 -11.70 4.18
C GLU A 71 4.29 -12.07 3.08
N ILE A 72 4.43 -11.44 1.91
CA ILE A 72 3.55 -11.73 0.78
C ILE A 72 3.81 -13.14 0.25
N ALA A 73 5.09 -13.52 0.22
CA ALA A 73 5.50 -14.84 -0.24
C ALA A 73 4.79 -15.93 0.55
N LYS A 74 5.03 -15.92 1.86
CA LYS A 74 4.42 -16.88 2.77
C LYS A 74 2.90 -16.74 2.77
N PHE A 75 2.43 -15.49 2.76
CA PHE A 75 0.99 -15.22 2.76
C PHE A 75 0.29 -16.04 1.68
N LEU A 76 0.75 -15.90 0.44
CA LEU A 76 0.17 -16.62 -0.69
C LEU A 76 0.22 -18.13 -0.46
N GLY A 77 1.25 -18.58 0.27
CA GLY A 77 1.38 -19.99 0.56
C GLY A 77 0.69 -20.39 1.85
N SER A 78 -0.22 -19.54 2.34
CA SER A 78 -0.96 -19.82 3.56
C SER A 78 -1.78 -21.11 3.42
N SER A 79 -1.41 -22.12 4.19
CA SER A 79 -2.11 -23.40 4.17
C SER A 79 -3.20 -23.48 5.23
N LYS A 80 -3.24 -22.50 6.14
CA LYS A 80 -4.23 -22.48 7.21
C LYS A 80 -5.46 -21.67 6.82
N ARG A 81 -5.26 -20.43 6.39
CA ARG A 81 -6.35 -19.56 5.97
C ARG A 81 -5.98 -18.83 4.69
N LYS A 82 -6.52 -19.34 3.59
CA LYS A 82 -6.26 -18.77 2.27
C LYS A 82 -7.55 -18.67 1.46
N SER A 83 -7.74 -17.52 0.79
CA SER A 83 -8.92 -17.29 -0.02
C SER A 83 -8.53 -16.80 -1.41
N LYS A 84 -9.33 -17.13 -2.42
CA LYS A 84 -9.04 -16.71 -3.80
C LYS A 84 -8.92 -15.19 -3.87
N GLU A 85 -9.87 -14.49 -3.24
CA GLU A 85 -9.86 -13.03 -3.22
C GLU A 85 -8.64 -12.51 -2.47
N LEU A 86 -8.22 -13.23 -1.43
CA LEU A 86 -7.06 -12.82 -0.64
C LEU A 86 -5.76 -13.13 -1.37
N ILE A 87 -5.60 -14.36 -1.83
CA ILE A 87 -4.39 -14.75 -2.55
C ILE A 87 -4.19 -13.89 -3.78
N GLU A 88 -5.22 -13.76 -4.61
CA GLU A 88 -5.15 -12.95 -5.81
C GLU A 88 -4.68 -11.53 -5.48
N ALA A 89 -5.01 -11.06 -4.27
CA ALA A 89 -4.62 -9.73 -3.84
C ALA A 89 -3.12 -9.64 -3.66
N TYR A 90 -2.58 -10.51 -2.81
CA TYR A 90 -1.14 -10.53 -2.55
C TYR A 90 -0.36 -10.96 -3.79
N GLU A 91 -0.99 -11.78 -4.63
CA GLU A 91 -0.35 -12.25 -5.85
C GLU A 91 -0.32 -11.14 -6.90
N ALA A 92 -1.28 -10.22 -6.82
CA ALA A 92 -1.35 -9.11 -7.76
C ALA A 92 -0.36 -8.01 -7.39
N SER A 93 -0.17 -7.80 -6.08
CA SER A 93 0.74 -6.77 -5.58
C SER A 93 2.19 -7.27 -5.60
N LYS A 94 2.39 -8.58 -5.39
CA LYS A 94 3.72 -9.17 -5.38
C LYS A 94 4.48 -8.88 -6.68
N THR A 95 3.77 -9.02 -7.82
CA THR A 95 4.36 -8.80 -9.14
C THR A 95 5.32 -7.59 -9.15
N PRO A 96 6.65 -7.85 -9.08
CA PRO A 96 7.66 -6.80 -9.08
C PRO A 96 7.40 -5.75 -10.19
N PRO A 97 7.14 -6.20 -11.44
CA PRO A 97 6.88 -5.30 -12.58
C PRO A 97 5.95 -4.14 -12.23
N ASP A 98 4.98 -4.40 -11.34
CA ASP A 98 4.03 -3.37 -10.92
C ASP A 98 4.74 -2.08 -10.51
N LEU A 99 5.93 -2.21 -9.92
CA LEU A 99 6.71 -1.05 -9.49
C LEU A 99 8.21 -1.32 -9.65
N LYS A 100 8.77 -2.15 -8.78
CA LYS A 100 10.20 -2.49 -8.81
C LYS A 100 11.07 -1.25 -8.62
N GLU A 101 12.38 -1.47 -8.44
CA GLU A 101 13.32 -0.37 -8.24
C GLU A 101 13.35 0.56 -9.46
N GLU A 102 13.08 -0.01 -10.64
CA GLU A 102 13.07 0.76 -11.88
C GLU A 102 14.45 1.35 -12.18
N SER A 103 15.36 0.49 -12.60
CA SER A 103 16.72 0.91 -12.91
C SER A 103 17.00 0.79 -14.42
N SER A 104 17.67 1.79 -14.98
CA SER A 104 17.99 1.80 -16.40
C SER A 104 19.41 2.30 -16.64
N THR A 105 19.70 3.52 -16.16
CA THR A 105 21.03 4.11 -16.33
C THR A 105 21.67 4.39 -14.97
N ASP A 106 22.55 3.49 -14.53
CA ASP A 106 23.22 3.63 -13.24
C ASP A 106 24.73 3.45 -13.39
N LEU A 107 25.46 3.70 -12.30
CA LEU A 107 26.92 3.56 -12.29
C LEU A 107 27.48 3.73 -10.88
N GLU A 108 26.99 4.75 -10.16
CA GLU A 108 27.45 5.02 -8.80
C GLU A 108 26.26 5.32 -7.88
N SER A 1 6.64 3.11 18.22
CA SER A 1 6.79 3.58 16.82
C SER A 1 8.14 3.17 16.23
N ALA A 2 8.25 1.90 15.85
CA ALA A 2 9.49 1.39 15.27
C ALA A 2 9.26 0.80 13.87
N ASP A 3 8.17 1.22 13.22
CA ASP A 3 7.85 0.75 11.88
C ASP A 3 7.22 1.87 11.05
N ASP A 4 7.96 2.95 10.87
CA ASP A 4 7.49 4.10 10.09
C ASP A 4 8.49 4.48 9.01
N ARG A 5 8.51 3.69 7.93
CA ARG A 5 9.42 3.93 6.81
C ARG A 5 8.77 3.56 5.48
N LEU A 6 7.97 4.48 4.95
CA LEU A 6 7.29 4.25 3.67
C LEU A 6 7.67 5.33 2.66
N ASN A 7 8.01 4.90 1.44
CA ASN A 7 8.39 5.82 0.38
C ASN A 7 7.66 5.50 -0.93
N PHE A 8 7.92 6.31 -1.96
CA PHE A 8 7.29 6.12 -3.27
C PHE A 8 7.80 4.86 -3.95
N GLY A 9 6.88 3.96 -4.32
CA GLY A 9 7.26 2.72 -4.97
C GLY A 9 7.67 1.64 -3.97
N ASP A 10 6.95 1.57 -2.85
CA ASP A 10 7.24 0.58 -1.81
C ASP A 10 5.97 -0.19 -1.42
N ARG A 11 6.06 -1.52 -1.40
CA ARG A 11 4.92 -2.37 -1.04
C ARG A 11 4.52 -2.13 0.42
N ILE A 12 3.27 -1.75 0.62
CA ILE A 12 2.75 -1.50 1.97
C ILE A 12 1.40 -2.17 2.21
N LEU A 13 1.08 -2.40 3.47
CA LEU A 13 -0.18 -3.03 3.84
C LEU A 13 -1.12 -2.02 4.48
N VAL A 14 -2.29 -1.81 3.85
CA VAL A 14 -3.27 -0.86 4.37
C VAL A 14 -4.59 -1.55 4.72
N LYS A 15 -5.23 -1.10 5.79
CA LYS A 15 -6.51 -1.67 6.23
C LYS A 15 -7.68 -0.84 5.70
N ALA A 16 -8.47 -1.43 4.81
CA ALA A 16 -9.62 -0.75 4.23
C ALA A 16 -10.80 -0.70 5.22
N PRO A 17 -11.75 0.23 5.01
CA PRO A 17 -12.92 0.36 5.90
C PRO A 17 -13.88 -0.82 5.76
N GLY A 18 -13.93 -1.65 6.80
CA GLY A 18 -14.79 -2.82 6.77
C GLY A 18 -14.05 -4.10 6.41
N TYR A 19 -13.07 -3.99 5.52
CA TYR A 19 -12.29 -5.15 5.09
C TYR A 19 -10.90 -5.15 5.73
N PRO A 20 -10.34 -6.34 6.00
CA PRO A 20 -9.00 -6.49 6.62
C PRO A 20 -7.88 -5.85 5.79
N TRP A 21 -6.64 -6.03 6.25
CA TRP A 21 -5.48 -5.47 5.56
C TRP A 21 -5.36 -6.02 4.14
N TRP A 22 -4.96 -5.15 3.20
CA TRP A 22 -4.81 -5.53 1.80
C TRP A 22 -3.45 -5.12 1.26
N PRO A 23 -2.84 -5.97 0.39
CA PRO A 23 -1.53 -5.69 -0.20
C PRO A 23 -1.59 -4.56 -1.24
N ALA A 24 -1.21 -3.36 -0.81
CA ALA A 24 -1.21 -2.19 -1.69
C ALA A 24 0.22 -1.71 -1.94
N LEU A 25 0.38 -0.75 -2.84
CA LEU A 25 1.71 -0.23 -3.16
C LEU A 25 1.72 1.30 -3.11
N LEU A 26 2.54 1.86 -2.23
CA LEU A 26 2.64 3.31 -2.08
C LEU A 26 3.06 3.98 -3.38
N LEU A 27 2.27 4.97 -3.82
CA LEU A 27 2.55 5.69 -5.05
C LEU A 27 3.14 7.07 -4.74
N ARG A 28 2.41 7.88 -3.95
CA ARG A 28 2.87 9.22 -3.60
C ARG A 28 2.24 9.70 -2.29
N ARG A 29 2.92 10.65 -1.62
CA ARG A 29 2.44 11.20 -0.37
C ARG A 29 1.93 12.63 -0.58
N LYS A 30 0.61 12.79 -0.52
CA LYS A 30 0.00 14.11 -0.69
C LYS A 30 -0.47 14.68 0.64
N GLU A 31 0.20 15.74 1.09
CA GLU A 31 -0.14 16.39 2.36
C GLU A 31 -1.06 17.58 2.11
N THR A 32 -2.33 17.44 2.50
CA THR A 32 -3.31 18.50 2.33
C THR A 32 -3.49 19.30 3.63
N LYS A 33 -4.03 20.51 3.51
CA LYS A 33 -4.26 21.38 4.67
C LYS A 33 -5.52 22.20 4.49
N ASP A 34 -5.78 23.10 5.45
CA ASP A 34 -6.96 23.97 5.42
C ASP A 34 -8.25 23.15 5.48
N SER A 35 -8.41 22.41 6.57
CA SER A 35 -9.59 21.58 6.77
C SER A 35 -10.75 22.40 7.33
N LEU A 36 -10.58 22.90 8.55
CA LEU A 36 -11.61 23.71 9.22
C LEU A 36 -11.04 24.45 10.44
N ASN A 37 -9.74 24.79 10.38
CA ASN A 37 -9.07 25.48 11.47
C ASN A 37 -8.40 26.77 11.00
N THR A 38 -7.79 26.72 9.82
CA THR A 38 -7.10 27.87 9.24
C THR A 38 -5.99 28.38 10.15
N ASN A 39 -5.31 27.45 10.83
CA ASN A 39 -4.20 27.80 11.73
C ASN A 39 -3.12 26.73 11.67
N SER A 40 -3.51 25.49 11.94
CA SER A 40 -2.57 24.36 11.91
C SER A 40 -3.31 23.03 11.89
N SER A 41 -3.81 22.65 10.71
CA SER A 41 -4.53 21.40 10.55
C SER A 41 -4.27 20.79 9.17
N PHE A 42 -3.41 19.77 9.13
CA PHE A 42 -3.06 19.10 7.88
C PHE A 42 -3.59 17.66 7.88
N ASN A 43 -3.85 17.13 6.68
CA ASN A 43 -4.34 15.76 6.53
C ASN A 43 -3.58 15.02 5.44
N VAL A 44 -2.41 14.51 5.79
CA VAL A 44 -1.58 13.76 4.85
C VAL A 44 -2.04 12.32 4.73
N LEU A 45 -2.10 11.83 3.49
CA LEU A 45 -2.52 10.45 3.23
C LEU A 45 -1.59 9.78 2.22
N TYR A 46 -1.33 8.50 2.43
CA TYR A 46 -0.46 7.72 1.54
C TYR A 46 -1.27 7.12 0.40
N LYS A 47 -1.11 7.68 -0.80
CA LYS A 47 -1.82 7.19 -1.98
C LYS A 47 -1.19 5.87 -2.45
N VAL A 48 -1.85 4.76 -2.14
CA VAL A 48 -1.35 3.45 -2.51
C VAL A 48 -2.23 2.78 -3.56
N LEU A 49 -1.64 1.86 -4.33
CA LEU A 49 -2.36 1.13 -5.37
C LEU A 49 -2.77 -0.25 -4.86
N PHE A 50 -4.02 -0.60 -5.09
CA PHE A 50 -4.54 -1.89 -4.64
C PHE A 50 -4.47 -2.94 -5.75
N PHE A 51 -4.55 -4.21 -5.37
CA PHE A 51 -4.48 -5.33 -6.32
C PHE A 51 -5.42 -6.46 -5.89
N PRO A 52 -5.78 -7.36 -6.84
CA PRO A 52 -5.32 -7.32 -8.23
C PRO A 52 -5.92 -6.15 -9.00
N ASP A 53 -7.16 -5.81 -8.68
CA ASP A 53 -7.86 -4.71 -9.33
C ASP A 53 -7.07 -3.42 -9.17
N PHE A 54 -6.54 -2.91 -10.29
CA PHE A 54 -5.75 -1.67 -10.29
C PHE A 54 -6.55 -0.50 -9.73
N ASN A 55 -6.58 -0.41 -8.41
CA ASN A 55 -7.31 0.65 -7.72
C ASN A 55 -6.39 1.31 -6.69
N PHE A 56 -6.96 2.14 -5.81
CA PHE A 56 -6.16 2.82 -4.79
C PHE A 56 -7.03 3.25 -3.62
N ALA A 57 -6.38 3.77 -2.58
CA ALA A 57 -7.07 4.23 -1.38
C ALA A 57 -6.28 5.32 -0.66
N TRP A 58 -6.92 6.46 -0.42
CA TRP A 58 -6.29 7.58 0.26
C TRP A 58 -6.47 7.44 1.78
N VAL A 59 -5.40 7.04 2.47
CA VAL A 59 -5.44 6.86 3.91
C VAL A 59 -4.11 7.24 4.55
N LYS A 60 -4.15 7.70 5.81
CA LYS A 60 -2.95 8.10 6.53
C LYS A 60 -2.05 6.90 6.82
N ARG A 61 -0.82 7.17 7.25
CA ARG A 61 0.14 6.11 7.57
C ARG A 61 -0.38 5.21 8.71
N ASN A 62 -1.28 5.73 9.53
CA ASN A 62 -1.86 4.96 10.65
C ASN A 62 -2.45 3.64 10.16
N SER A 63 -3.32 3.70 9.15
CA SER A 63 -3.95 2.50 8.60
C SER A 63 -3.01 1.73 7.66
N VAL A 64 -1.84 2.31 7.39
CA VAL A 64 -0.85 1.68 6.51
C VAL A 64 0.27 1.03 7.33
N LYS A 65 0.92 0.02 6.76
CA LYS A 65 2.00 -0.69 7.45
C LYS A 65 3.05 -1.18 6.45
N PRO A 66 4.28 -1.47 6.92
CA PRO A 66 5.37 -1.95 6.06
C PRO A 66 5.12 -3.38 5.56
N LEU A 67 5.17 -3.55 4.24
CA LEU A 67 4.97 -4.84 3.61
C LEU A 67 6.27 -5.37 3.01
N LEU A 68 6.51 -6.68 3.15
CA LEU A 68 7.73 -7.30 2.62
C LEU A 68 7.40 -8.52 1.77
N ASP A 69 8.36 -8.95 0.95
CA ASP A 69 8.19 -10.11 0.07
C ASP A 69 8.07 -11.40 0.86
N SER A 70 8.92 -11.56 1.89
CA SER A 70 8.90 -12.77 2.71
C SER A 70 7.53 -12.95 3.38
N GLU A 71 6.83 -11.84 3.63
CA GLU A 71 5.51 -11.90 4.24
C GLU A 71 4.46 -12.21 3.17
N ILE A 72 4.53 -11.51 2.05
CA ILE A 72 3.59 -11.72 0.94
C ILE A 72 3.65 -13.18 0.49
N ALA A 73 4.86 -13.65 0.16
CA ALA A 73 5.06 -15.03 -0.26
C ALA A 73 4.45 -15.98 0.77
N LYS A 74 4.70 -15.68 2.04
CA LYS A 74 4.18 -16.49 3.14
C LYS A 74 2.66 -16.45 3.17
N PHE A 75 2.10 -15.24 3.13
CA PHE A 75 0.65 -15.06 3.14
C PHE A 75 -0.01 -15.94 2.10
N LEU A 76 0.56 -15.96 0.89
CA LEU A 76 0.03 -16.76 -0.20
C LEU A 76 0.26 -18.24 0.04
N GLY A 77 1.29 -18.56 0.84
CA GLY A 77 1.58 -19.94 1.16
C GLY A 77 0.85 -20.43 2.39
N SER A 78 -0.10 -19.63 2.90
CA SER A 78 -0.88 -20.00 4.08
C SER A 78 -2.08 -20.88 3.68
N SER A 79 -1.78 -22.08 3.19
CA SER A 79 -2.82 -23.03 2.78
C SER A 79 -3.83 -23.28 3.89
N LYS A 80 -3.43 -23.03 5.14
CA LYS A 80 -4.30 -23.23 6.30
C LYS A 80 -5.53 -22.32 6.24
N ARG A 81 -5.31 -21.02 6.05
CA ARG A 81 -6.39 -20.05 5.96
C ARG A 81 -6.12 -19.07 4.82
N LYS A 82 -6.79 -19.29 3.71
CA LYS A 82 -6.63 -18.44 2.52
C LYS A 82 -7.97 -18.23 1.82
N SER A 83 -8.14 -17.05 1.20
CA SER A 83 -9.36 -16.73 0.47
C SER A 83 -9.04 -16.45 -0.99
N LYS A 84 -9.90 -16.91 -1.89
CA LYS A 84 -9.69 -16.70 -3.32
C LYS A 84 -9.42 -15.23 -3.62
N GLU A 85 -10.24 -14.35 -3.06
CA GLU A 85 -10.07 -12.91 -3.27
C GLU A 85 -8.80 -12.39 -2.60
N LEU A 86 -8.40 -13.02 -1.49
CA LEU A 86 -7.19 -12.63 -0.76
C LEU A 86 -5.94 -13.15 -1.45
N ILE A 87 -5.99 -14.38 -1.96
CA ILE A 87 -4.83 -14.97 -2.63
C ILE A 87 -4.44 -14.15 -3.85
N GLU A 88 -5.38 -13.99 -4.79
CA GLU A 88 -5.12 -13.21 -6.00
C GLU A 88 -4.60 -11.83 -5.63
N ALA A 89 -5.05 -11.32 -4.49
CA ALA A 89 -4.63 -10.00 -4.01
C ALA A 89 -3.13 -9.97 -3.74
N TYR A 90 -2.67 -10.89 -2.90
CA TYR A 90 -1.25 -10.95 -2.57
C TYR A 90 -0.43 -11.41 -3.77
N GLU A 91 -1.04 -12.24 -4.62
CA GLU A 91 -0.35 -12.72 -5.82
C GLU A 91 -0.26 -11.63 -6.88
N ALA A 92 -1.21 -10.68 -6.86
CA ALA A 92 -1.22 -9.58 -7.81
C ALA A 92 -0.23 -8.49 -7.39
N SER A 93 -0.10 -8.28 -6.08
CA SER A 93 0.81 -7.27 -5.54
C SER A 93 2.27 -7.76 -5.57
N LYS A 94 2.48 -9.08 -5.63
CA LYS A 94 3.82 -9.66 -5.67
C LYS A 94 4.64 -9.10 -6.83
N THR A 95 4.02 -9.03 -8.02
CA THR A 95 4.68 -8.53 -9.23
C THR A 95 5.48 -7.24 -8.96
N PRO A 96 6.83 -7.36 -8.82
CA PRO A 96 7.71 -6.20 -8.59
C PRO A 96 7.57 -5.13 -9.69
N PRO A 97 7.51 -5.54 -10.98
CA PRO A 97 7.37 -4.61 -12.12
C PRO A 97 6.21 -3.63 -11.96
N ASP A 98 6.00 -2.81 -13.00
CA ASP A 98 4.92 -1.81 -13.01
C ASP A 98 5.14 -0.75 -11.92
N LEU A 99 6.35 -0.70 -11.36
CA LEU A 99 6.69 0.27 -10.32
C LEU A 99 8.14 0.07 -9.88
N LYS A 100 8.41 -1.02 -9.13
CA LYS A 100 9.76 -1.32 -8.64
C LYS A 100 10.34 -0.16 -7.83
N GLU A 101 11.66 -0.20 -7.58
CA GLU A 101 12.33 0.85 -6.83
C GLU A 101 12.84 1.97 -7.74
N GLU A 102 12.88 1.70 -9.05
CA GLU A 102 13.35 2.68 -10.05
C GLU A 102 14.62 3.39 -9.59
N SER A 103 15.51 2.65 -8.93
CA SER A 103 16.77 3.22 -8.44
C SER A 103 17.91 2.20 -8.58
N SER A 104 18.92 2.54 -9.38
CA SER A 104 20.06 1.65 -9.60
C SER A 104 21.34 2.44 -9.88
N THR A 105 21.38 3.10 -11.05
CA THR A 105 22.53 3.90 -11.48
C THR A 105 23.87 3.28 -11.03
N ASP A 106 24.24 2.18 -11.69
CA ASP A 106 25.49 1.47 -11.37
C ASP A 106 26.51 1.62 -12.49
N LEU A 107 27.79 1.69 -12.12
CA LEU A 107 28.87 1.83 -13.09
C LEU A 107 30.12 1.05 -12.65
N GLU A 108 30.20 -0.22 -13.04
CA GLU A 108 31.33 -1.08 -12.69
C GLU A 108 32.01 -1.65 -13.94
N SER A 1 11.24 14.88 13.07
CA SER A 1 10.02 14.07 12.79
C SER A 1 10.26 12.59 13.06
N ALA A 2 9.20 11.88 13.43
CA ALA A 2 9.29 10.45 13.71
C ALA A 2 8.43 9.65 12.74
N ASP A 3 8.73 8.35 12.62
CA ASP A 3 7.99 7.46 11.72
C ASP A 3 8.07 7.95 10.27
N ASP A 4 9.26 8.39 9.86
CA ASP A 4 9.47 8.88 8.51
C ASP A 4 9.83 7.73 7.57
N ARG A 5 8.85 6.88 7.29
CA ARG A 5 9.05 5.73 6.40
C ARG A 5 8.09 5.80 5.21
N LEU A 6 8.08 4.76 4.37
CA LEU A 6 7.21 4.68 3.20
C LEU A 6 7.65 5.70 2.13
N ASN A 7 8.25 5.19 1.06
CA ASN A 7 8.72 6.05 -0.04
C ASN A 7 7.91 5.84 -1.31
N PHE A 8 8.23 6.61 -2.35
CA PHE A 8 7.52 6.52 -3.64
C PHE A 8 7.85 5.22 -4.35
N GLY A 9 6.81 4.43 -4.63
CA GLY A 9 6.99 3.17 -5.32
C GLY A 9 7.43 2.06 -4.38
N ASP A 10 6.79 1.97 -3.21
CA ASP A 10 7.12 0.97 -2.22
C ASP A 10 5.88 0.17 -1.82
N ARG A 11 6.00 -1.16 -1.85
CA ARG A 11 4.89 -2.04 -1.50
C ARG A 11 4.56 -1.91 -0.01
N ILE A 12 3.35 -1.43 0.28
CA ILE A 12 2.90 -1.24 1.65
C ILE A 12 1.51 -1.84 1.87
N LEU A 13 1.25 -2.29 3.10
CA LEU A 13 -0.05 -2.87 3.43
C LEU A 13 -0.98 -1.81 4.01
N VAL A 14 -2.26 -1.85 3.64
CA VAL A 14 -3.23 -0.89 4.11
C VAL A 14 -4.54 -1.56 4.54
N LYS A 15 -5.16 -1.04 5.60
CA LYS A 15 -6.41 -1.59 6.11
C LYS A 15 -7.58 -0.65 5.80
N ALA A 16 -8.69 -1.24 5.34
CA ALA A 16 -9.88 -0.47 5.01
C ALA A 16 -10.94 -0.61 6.10
N PRO A 17 -11.79 0.42 6.29
CA PRO A 17 -12.85 0.40 7.31
C PRO A 17 -13.93 -0.64 6.98
N GLY A 18 -13.79 -1.82 7.57
CA GLY A 18 -14.75 -2.89 7.34
C GLY A 18 -14.10 -4.17 6.84
N TYR A 19 -12.95 -4.04 6.17
CA TYR A 19 -12.23 -5.20 5.63
C TYR A 19 -10.79 -5.24 6.14
N PRO A 20 -10.18 -6.44 6.18
CA PRO A 20 -8.80 -6.62 6.65
C PRO A 20 -7.77 -5.82 5.84
N TRP A 21 -6.48 -6.08 6.11
CA TRP A 21 -5.40 -5.38 5.40
C TRP A 21 -5.22 -5.93 3.99
N TRP A 22 -5.11 -5.01 3.03
CA TRP A 22 -4.93 -5.39 1.63
C TRP A 22 -3.58 -4.92 1.09
N PRO A 23 -2.91 -5.73 0.25
CA PRO A 23 -1.60 -5.39 -0.32
C PRO A 23 -1.70 -4.30 -1.39
N ALA A 24 -1.18 -3.11 -1.07
CA ALA A 24 -1.19 -1.99 -2.00
C ALA A 24 0.24 -1.50 -2.28
N LEU A 25 0.38 -0.56 -3.20
CA LEU A 25 1.69 -0.01 -3.55
C LEU A 25 1.68 1.52 -3.49
N LEU A 26 2.52 2.09 -2.62
CA LEU A 26 2.60 3.54 -2.46
C LEU A 26 3.04 4.22 -3.75
N LEU A 27 2.27 5.21 -4.19
CA LEU A 27 2.58 5.96 -5.40
C LEU A 27 3.13 7.35 -5.06
N ARG A 28 2.35 8.13 -4.30
CA ARG A 28 2.77 9.48 -3.93
C ARG A 28 2.35 9.82 -2.50
N ARG A 29 2.91 10.91 -1.97
CA ARG A 29 2.61 11.37 -0.61
C ARG A 29 1.92 12.72 -0.66
N LYS A 30 0.61 12.74 -0.38
CA LYS A 30 -0.16 13.97 -0.38
C LYS A 30 -0.57 14.38 1.03
N GLU A 31 -0.19 15.60 1.42
CA GLU A 31 -0.49 16.13 2.74
C GLU A 31 -1.38 17.36 2.65
N THR A 32 -2.67 17.20 2.98
CA THR A 32 -3.61 18.31 2.94
C THR A 32 -4.00 18.75 4.36
N LYS A 33 -3.92 20.06 4.60
CA LYS A 33 -4.25 20.62 5.91
C LYS A 33 -5.76 20.85 6.06
N ASP A 34 -6.17 21.26 7.26
CA ASP A 34 -7.59 21.51 7.54
C ASP A 34 -7.75 22.18 8.91
N SER A 35 -7.46 23.48 8.96
CA SER A 35 -7.58 24.25 10.20
C SER A 35 -8.96 24.90 10.32
N LEU A 36 -9.99 24.21 9.84
CA LEU A 36 -11.36 24.72 9.90
C LEU A 36 -12.30 23.67 10.48
N ASN A 37 -11.79 22.85 11.40
CA ASN A 37 -12.59 21.81 12.04
C ASN A 37 -12.74 22.07 13.54
N THR A 38 -11.63 22.05 14.27
CA THR A 38 -11.64 22.29 15.71
C THR A 38 -10.50 23.21 16.13
N ASN A 39 -9.26 22.75 15.93
CA ASN A 39 -8.08 23.52 16.29
C ASN A 39 -6.84 23.00 15.55
N SER A 40 -6.75 23.34 14.25
CA SER A 40 -5.63 22.92 13.40
C SER A 40 -5.54 21.39 13.32
N SER A 41 -6.16 20.82 12.29
CA SER A 41 -6.14 19.38 12.09
C SER A 41 -5.68 19.01 10.69
N PHE A 42 -4.45 18.53 10.58
CA PHE A 42 -3.88 18.13 9.29
C PHE A 42 -4.50 16.82 8.80
N ASN A 43 -4.48 16.61 7.49
CA ASN A 43 -5.02 15.39 6.89
C ASN A 43 -4.07 14.84 5.83
N VAL A 44 -3.06 14.10 6.28
CA VAL A 44 -2.07 13.51 5.37
C VAL A 44 -2.41 12.05 5.09
N LEU A 45 -2.28 11.66 3.82
CA LEU A 45 -2.56 10.29 3.39
C LEU A 45 -1.50 9.77 2.44
N TYR A 46 -1.64 8.51 2.03
CA TYR A 46 -0.72 7.87 1.11
C TYR A 46 -1.45 7.27 -0.08
N LYS A 47 -1.23 7.85 -1.27
CA LYS A 47 -1.87 7.35 -2.49
C LYS A 47 -1.28 6.01 -2.89
N VAL A 48 -1.96 4.92 -2.54
CA VAL A 48 -1.48 3.58 -2.85
C VAL A 48 -2.34 2.89 -3.91
N LEU A 49 -1.72 1.99 -4.67
CA LEU A 49 -2.41 1.23 -5.70
C LEU A 49 -2.78 -0.15 -5.18
N PHE A 50 -4.03 -0.54 -5.39
CA PHE A 50 -4.52 -1.84 -4.92
C PHE A 50 -4.40 -2.93 -5.99
N PHE A 51 -4.43 -4.19 -5.56
CA PHE A 51 -4.33 -5.32 -6.47
C PHE A 51 -5.31 -6.43 -6.09
N PRO A 52 -5.64 -7.34 -7.04
CA PRO A 52 -5.11 -7.33 -8.40
C PRO A 52 -5.74 -6.26 -9.27
N ASP A 53 -7.08 -6.11 -9.15
CA ASP A 53 -7.81 -5.11 -9.92
C ASP A 53 -7.20 -3.73 -9.71
N PHE A 54 -6.45 -3.28 -10.72
CA PHE A 54 -5.76 -1.99 -10.70
C PHE A 54 -6.64 -0.89 -10.10
N ASN A 55 -6.58 -0.78 -8.78
CA ASN A 55 -7.35 0.21 -8.03
C ASN A 55 -6.42 1.03 -7.15
N PHE A 56 -7.00 1.87 -6.28
CA PHE A 56 -6.21 2.71 -5.38
C PHE A 56 -7.04 3.20 -4.21
N ALA A 57 -6.37 3.91 -3.30
CA ALA A 57 -7.03 4.44 -2.10
C ALA A 57 -6.13 5.45 -1.38
N TRP A 58 -6.75 6.40 -0.68
CA TRP A 58 -6.02 7.43 0.05
C TRP A 58 -6.30 7.33 1.55
N VAL A 59 -5.31 6.83 2.30
CA VAL A 59 -5.45 6.69 3.75
C VAL A 59 -4.20 7.16 4.49
N LYS A 60 -4.33 7.42 5.79
CA LYS A 60 -3.20 7.88 6.59
C LYS A 60 -2.21 6.75 6.87
N ARG A 61 -1.00 7.11 7.27
CA ARG A 61 0.04 6.13 7.58
C ARG A 61 -0.39 5.18 8.70
N ASN A 62 -1.29 5.65 9.57
CA ASN A 62 -1.80 4.84 10.69
C ASN A 62 -2.44 3.55 10.19
N SER A 63 -3.17 3.64 9.08
CA SER A 63 -3.82 2.47 8.51
C SER A 63 -2.92 1.77 7.49
N VAL A 64 -1.64 2.12 7.47
CA VAL A 64 -0.68 1.53 6.54
C VAL A 64 0.50 0.91 7.29
N LYS A 65 1.09 -0.14 6.71
CA LYS A 65 2.22 -0.83 7.34
C LYS A 65 3.21 -1.32 6.28
N PRO A 66 4.48 -1.58 6.68
CA PRO A 66 5.53 -2.04 5.76
C PRO A 66 5.24 -3.43 5.22
N LEU A 67 5.23 -3.54 3.89
CA LEU A 67 4.96 -4.82 3.22
C LEU A 67 6.24 -5.36 2.58
N LEU A 68 6.53 -6.64 2.83
CA LEU A 68 7.73 -7.27 2.27
C LEU A 68 7.38 -8.55 1.51
N ASP A 69 8.35 -9.06 0.75
CA ASP A 69 8.16 -10.28 -0.05
C ASP A 69 8.03 -11.51 0.85
N SER A 70 8.83 -11.57 1.91
CA SER A 70 8.78 -12.69 2.84
C SER A 70 7.39 -12.85 3.46
N GLU A 71 6.68 -11.73 3.61
CA GLU A 71 5.34 -11.76 4.17
C GLU A 71 4.32 -12.13 3.08
N ILE A 72 4.44 -11.47 1.94
CA ILE A 72 3.55 -11.72 0.80
C ILE A 72 3.63 -13.19 0.39
N ALA A 73 4.86 -13.66 0.13
CA ALA A 73 5.09 -15.06 -0.24
C ALA A 73 4.49 -15.98 0.79
N LYS A 74 4.63 -15.61 2.06
CA LYS A 74 4.10 -16.40 3.17
C LYS A 74 2.58 -16.40 3.16
N PHE A 75 1.99 -15.22 3.13
CA PHE A 75 0.53 -15.09 3.10
C PHE A 75 -0.05 -16.00 2.01
N LEU A 76 0.58 -15.95 0.83
CA LEU A 76 0.14 -16.76 -0.30
C LEU A 76 0.47 -18.24 -0.05
N GLY A 77 1.58 -18.49 0.66
CA GLY A 77 1.97 -19.85 0.97
C GLY A 77 1.27 -20.40 2.20
N SER A 78 0.25 -19.69 2.70
CA SER A 78 -0.50 -20.13 3.87
C SER A 78 -1.33 -21.38 3.57
N SER A 79 -1.91 -21.95 4.61
CA SER A 79 -2.74 -23.14 4.48
C SER A 79 -3.71 -23.31 5.64
N LYS A 80 -4.22 -22.19 6.17
CA LYS A 80 -5.17 -22.24 7.29
C LYS A 80 -6.41 -21.39 7.00
N ARG A 81 -6.21 -20.13 6.65
CA ARG A 81 -7.30 -19.22 6.32
C ARG A 81 -6.92 -18.40 5.10
N LYS A 82 -7.44 -18.81 3.94
CA LYS A 82 -7.17 -18.11 2.69
C LYS A 82 -8.42 -18.02 1.83
N SER A 83 -8.47 -16.99 1.00
CA SER A 83 -9.61 -16.78 0.10
C SER A 83 -9.12 -16.49 -1.32
N LYS A 84 -9.95 -16.84 -2.31
CA LYS A 84 -9.59 -16.61 -3.71
C LYS A 84 -9.24 -15.14 -3.96
N GLU A 85 -10.11 -14.24 -3.50
CA GLU A 85 -9.88 -12.80 -3.65
C GLU A 85 -8.63 -12.37 -2.87
N LEU A 86 -8.41 -13.00 -1.72
CA LEU A 86 -7.25 -12.69 -0.89
C LEU A 86 -5.96 -13.17 -1.54
N ILE A 87 -5.94 -14.44 -1.96
CA ILE A 87 -4.76 -15.02 -2.60
C ILE A 87 -4.40 -14.24 -3.86
N GLU A 88 -5.39 -14.06 -4.75
CA GLU A 88 -5.16 -13.33 -5.99
C GLU A 88 -4.60 -11.94 -5.70
N ALA A 89 -5.02 -11.36 -4.57
CA ALA A 89 -4.55 -10.04 -4.16
C ALA A 89 -3.06 -10.05 -3.94
N TYR A 90 -2.61 -10.95 -3.07
CA TYR A 90 -1.18 -11.06 -2.78
C TYR A 90 -0.42 -11.58 -3.98
N GLU A 91 -1.10 -12.36 -4.83
CA GLU A 91 -0.48 -12.89 -6.04
C GLU A 91 -0.19 -11.74 -6.99
N ALA A 92 -1.04 -10.72 -6.97
CA ALA A 92 -0.85 -9.54 -7.83
C ALA A 92 0.20 -8.60 -7.25
N SER A 93 0.22 -8.50 -5.91
CA SER A 93 1.19 -7.64 -5.21
C SER A 93 2.56 -8.32 -5.09
N LYS A 94 2.60 -9.65 -5.22
CA LYS A 94 3.85 -10.41 -5.12
C LYS A 94 4.92 -9.90 -6.10
N THR A 95 4.50 -9.26 -7.20
CA THR A 95 5.41 -8.71 -8.22
C THR A 95 6.74 -8.23 -7.61
N PRO A 96 7.78 -9.07 -7.71
CA PRO A 96 9.12 -8.75 -7.18
C PRO A 96 9.67 -7.44 -7.73
N PRO A 97 9.53 -7.18 -9.05
CA PRO A 97 10.03 -5.95 -9.68
C PRO A 97 9.68 -4.69 -8.90
N ASP A 98 10.58 -3.71 -8.92
CA ASP A 98 10.37 -2.45 -8.23
C ASP A 98 9.81 -1.39 -9.19
N LEU A 99 8.51 -1.11 -9.06
CA LEU A 99 7.83 -0.13 -9.91
C LEU A 99 7.72 -0.63 -11.36
N LYS A 100 6.62 -0.29 -12.02
CA LYS A 100 6.39 -0.71 -13.39
C LYS A 100 5.72 0.40 -14.21
N GLU A 101 6.22 0.61 -15.43
CA GLU A 101 5.71 1.65 -16.32
C GLU A 101 5.92 3.05 -15.73
N GLU A 102 6.97 3.20 -14.91
CA GLU A 102 7.28 4.47 -14.27
C GLU A 102 8.78 4.56 -13.96
N SER A 103 9.39 5.70 -14.32
CA SER A 103 10.81 5.91 -14.07
C SER A 103 11.10 6.08 -12.58
N SER A 104 10.75 7.25 -12.04
CA SER A 104 10.95 7.55 -10.62
C SER A 104 10.41 8.93 -10.27
N THR A 105 9.58 9.00 -9.23
CA THR A 105 8.98 10.26 -8.80
C THR A 105 9.86 10.95 -7.75
N ASP A 106 10.84 11.71 -8.23
CA ASP A 106 11.76 12.44 -7.35
C ASP A 106 12.22 13.74 -7.98
N LEU A 107 11.81 14.86 -7.40
CA LEU A 107 12.18 16.18 -7.92
C LEU A 107 12.49 17.15 -6.77
N GLU A 108 13.04 18.31 -7.12
CA GLU A 108 13.39 19.33 -6.13
C GLU A 108 12.19 20.24 -5.83
#